data_9CBZ
#
_entry.id   9CBZ
#
_cell.length_a   1.00
_cell.length_b   1.00
_cell.length_c   1.00
_cell.angle_alpha   90.00
_cell.angle_beta   90.00
_cell.angle_gamma   90.00
#
_symmetry.space_group_name_H-M   'P 1'
#
loop_
_entity.id
_entity.type
_entity.pdbx_description
1 polymer Mucolipin-1
2 branched 2-acetamido-2-deoxy-beta-D-glucopyranose-(1-4)-2-acetamido-2-deoxy-beta-D-glucopyranose
#
_entity_poly.entity_id   1
_entity_poly.type   'polypeptide(L)'
_entity_poly.pdbx_seq_one_letter_code
;MATPAGRRASETERLLTPNPGYGTQVGTSPAPTTPTEEEDLRRRLKYFFMSPCDKFRAKGRKPCKLMLQVVKILVVTVQL
ILFGLSNQLVVTFREENTIAFRHLFLLGYSDGSDDTFAAYTQEQLYQAIFYAVDQYLILPEISLGRYAYVRGGGGPWANG
SALALCQRYYHRGHVDPANDTFDIDPRVVTDCIQVDPPDRPPDIPSEDLDFLDGSASYKNLTLKFHKLINVTIHFQLKTI
NLQSLINNEIPDCYTFSILITFDNKAHSGRIPIRLETKTHIQECKHPSVSRHGDNSFRLLFDVVVILTCSLSFLLCARSL
LRGFLLQNEFVVFMWRRRGREISLWERLEFVNGWYILLVTSDVLTISGTVMKIGIEAKNLASYDVCSILLGTSTLLVWVG
VIRWLTFFHKYNILIATLRVALPSVMRFCCCVAVIYLGYCFCGWIVLGPYHVKFRSLSMVSECLFSLINGDDMFVTFAAM
QAQQGHSSLVWLFSQLYLYSFISLFIYMVLSLFIALITGAYDTIKHPGGTGTEKSELQAYIEQCQDSPTSGKFRRGSGSA
CSLFCCCGRDSPEDHSLLVN
;
_entity_poly.pdbx_strand_id   B,C,D,A
#
loop_
_chem_comp.id
_chem_comp.type
_chem_comp.name
_chem_comp.formula
NAG D-saccharide, beta linking 2-acetamido-2-deoxy-beta-D-glucopyranose 'C8 H15 N O6'
#
# COMPACT_ATOMS: atom_id res chain seq x y z
N ASP A 40 -41.22 50.24 -1.88
CA ASP A 40 -40.37 51.36 -1.50
C ASP A 40 -39.15 50.94 -0.68
N LEU A 41 -39.17 49.70 -0.20
CA LEU A 41 -38.04 49.14 0.54
C LEU A 41 -37.17 48.27 -0.37
N ARG A 42 -37.45 48.29 -1.68
CA ARG A 42 -36.74 47.40 -2.59
C ARG A 42 -35.25 47.69 -2.60
N ARG A 43 -34.88 48.96 -2.40
CA ARG A 43 -33.46 49.32 -2.35
C ARG A 43 -32.86 48.88 -1.03
N ARG A 44 -33.65 48.86 0.05
CA ARG A 44 -33.17 48.30 1.30
C ARG A 44 -32.82 46.82 1.16
N LEU A 45 -33.71 46.07 0.50
CA LEU A 45 -33.46 44.66 0.27
C LEU A 45 -32.25 44.45 -0.61
N LYS A 46 -32.07 45.33 -1.61
CA LYS A 46 -30.86 45.30 -2.41
C LYS A 46 -29.63 45.54 -1.54
N TYR A 47 -29.72 46.50 -0.61
CA TYR A 47 -28.58 46.79 0.24
C TYR A 47 -28.24 45.62 1.14
N PHE A 48 -29.25 44.89 1.62
CA PHE A 48 -29.00 43.76 2.49
C PHE A 48 -28.40 42.56 1.78
N PHE A 49 -28.32 42.60 0.45
CA PHE A 49 -27.95 41.41 -0.32
C PHE A 49 -26.85 41.71 -1.32
N MET A 50 -26.00 42.69 -1.03
CA MET A 50 -24.87 42.99 -1.90
C MET A 50 -23.56 42.80 -1.16
N SER A 51 -22.49 42.70 -1.95
CA SER A 51 -21.16 42.38 -1.44
C SER A 51 -20.60 43.54 -0.62
N PRO A 52 -19.59 43.26 0.22
CA PRO A 52 -18.94 44.35 0.95
C PRO A 52 -18.38 45.43 0.04
N CYS A 53 -17.89 45.07 -1.15
CA CYS A 53 -17.45 46.09 -2.09
C CYS A 53 -18.62 46.95 -2.55
N ASP A 54 -19.75 46.32 -2.86
CA ASP A 54 -20.94 47.07 -3.24
C ASP A 54 -21.43 47.93 -2.07
N LYS A 55 -21.40 47.40 -0.86
CA LYS A 55 -21.84 48.17 0.31
C LYS A 55 -20.91 49.35 0.53
N PHE A 56 -19.61 49.18 0.29
CA PHE A 56 -18.68 50.29 0.41
C PHE A 56 -18.92 51.36 -0.64
N ARG A 57 -19.23 50.93 -1.86
CA ARG A 57 -19.49 51.88 -2.94
C ARG A 57 -20.82 52.59 -2.75
N ALA A 58 -21.76 51.94 -2.07
CA ALA A 58 -23.09 52.53 -1.90
C ALA A 58 -23.17 53.40 -0.65
N LYS A 59 -22.95 52.81 0.53
CA LYS A 59 -23.10 53.51 1.79
C LYS A 59 -21.77 53.80 2.49
N GLY A 60 -20.64 53.46 1.86
CA GLY A 60 -19.35 53.70 2.49
C GLY A 60 -19.12 52.89 3.75
N ARG A 61 -19.51 51.62 3.75
CA ARG A 61 -19.35 50.75 4.90
C ARG A 61 -18.10 49.90 4.71
N LYS A 62 -17.14 50.04 5.62
CA LYS A 62 -15.92 49.25 5.55
C LYS A 62 -16.24 47.79 5.85
N PRO A 63 -15.57 46.85 5.19
CA PRO A 63 -15.83 45.43 5.47
C PRO A 63 -15.21 44.99 6.77
N CYS A 64 -15.83 45.36 7.89
CA CYS A 64 -15.27 45.03 9.20
C CYS A 64 -15.21 43.53 9.42
N LYS A 65 -16.26 42.81 9.03
CA LYS A 65 -16.31 41.39 9.31
C LYS A 65 -15.30 40.61 8.47
N LEU A 66 -15.03 41.07 7.26
CA LEU A 66 -14.04 40.40 6.41
C LEU A 66 -12.68 40.42 7.07
N MET A 67 -12.17 41.61 7.36
CA MET A 67 -10.86 41.75 7.98
C MET A 67 -10.84 41.13 9.37
N LEU A 68 -11.96 41.20 10.09
CA LEU A 68 -12.04 40.53 11.38
C LEU A 68 -11.90 39.02 11.22
N GLN A 69 -12.49 38.46 10.17
CA GLN A 69 -12.36 37.02 9.92
C GLN A 69 -10.93 36.66 9.55
N VAL A 70 -10.25 37.50 8.78
CA VAL A 70 -8.85 37.21 8.44
C VAL A 70 -7.98 37.25 9.69
N VAL A 71 -8.18 38.26 10.53
CA VAL A 71 -7.45 38.35 11.79
C VAL A 71 -7.76 37.14 12.67
N LYS A 72 -9.03 36.73 12.69
CA LYS A 72 -9.42 35.57 13.47
C LYS A 72 -8.75 34.31 12.97
N ILE A 73 -8.66 34.14 11.65
CA ILE A 73 -7.95 32.99 11.09
C ILE A 73 -6.52 32.98 11.59
N LEU A 74 -5.83 34.12 11.49
CA LEU A 74 -4.45 34.19 11.94
C LEU A 74 -4.34 33.83 13.42
N VAL A 75 -5.11 34.48 14.27
CA VAL A 75 -4.92 34.32 15.71
C VAL A 75 -5.35 32.93 16.17
N VAL A 76 -6.42 32.39 15.59
CA VAL A 76 -6.89 31.07 15.99
C VAL A 76 -5.92 29.99 15.56
N THR A 77 -5.37 30.10 14.33
CA THR A 77 -4.39 29.12 13.90
C THR A 77 -3.13 29.18 14.76
N VAL A 78 -2.68 30.40 15.09
CA VAL A 78 -1.50 30.53 15.94
C VAL A 78 -1.78 29.94 17.33
N GLN A 79 -2.96 30.21 17.87
CA GLN A 79 -3.32 29.65 19.18
C GLN A 79 -3.38 28.13 19.14
N LEU A 80 -3.89 27.57 18.05
CA LEU A 80 -3.93 26.13 17.91
C LEU A 80 -2.53 25.54 17.90
N ILE A 81 -1.60 26.17 17.18
CA ILE A 81 -0.23 25.67 17.15
C ILE A 81 0.43 25.79 18.53
N LEU A 82 0.21 26.92 19.20
CA LEU A 82 0.80 27.12 20.52
C LEU A 82 0.28 26.11 21.52
N PHE A 83 -1.02 25.81 21.47
CA PHE A 83 -1.55 24.77 22.34
C PHE A 83 -1.02 23.40 21.94
N GLY A 84 -0.85 23.17 20.64
CA GLY A 84 -0.36 21.88 20.18
C GLY A 84 1.03 21.57 20.68
N LEU A 85 1.83 22.59 20.92
CA LEU A 85 3.15 22.35 21.53
C LEU A 85 3.01 21.59 22.86
N SER A 86 2.20 22.10 23.78
CA SER A 86 2.03 21.46 25.08
C SER A 86 1.24 20.15 24.96
N ASN A 87 0.27 20.11 24.06
CA ASN A 87 -0.47 18.88 23.82
C ASN A 87 0.45 17.76 23.36
N GLN A 88 1.36 18.09 22.44
CA GLN A 88 2.34 17.12 21.97
C GLN A 88 3.25 16.67 23.10
N LEU A 89 3.68 17.60 23.95
CA LEU A 89 4.50 17.18 25.09
C LEU A 89 3.76 16.18 25.97
N VAL A 90 2.49 16.44 26.25
CA VAL A 90 1.72 15.54 27.12
C VAL A 90 1.58 14.16 26.48
N VAL A 91 1.17 14.12 25.22
CA VAL A 91 0.97 12.82 24.56
C VAL A 91 2.29 12.08 24.48
N THR A 92 3.35 12.77 24.08
CA THR A 92 4.65 12.13 23.98
C THR A 92 5.08 11.55 25.32
N PHE A 93 4.88 12.29 26.41
CA PHE A 93 5.26 11.77 27.71
C PHE A 93 4.50 10.49 28.02
N ARG A 94 3.19 10.49 27.79
CA ARG A 94 2.41 9.28 28.08
C ARG A 94 2.87 8.10 27.23
N GLU A 95 3.00 8.31 25.92
CA GLU A 95 3.36 7.22 25.03
C GLU A 95 4.76 6.68 25.35
N GLU A 96 5.73 7.57 25.57
CA GLU A 96 7.08 7.13 25.85
C GLU A 96 7.18 6.40 27.18
N ASN A 97 6.45 6.87 28.20
CA ASN A 97 6.43 6.14 29.46
C ASN A 97 5.82 4.77 29.30
N THR A 98 4.76 4.66 28.50
CA THR A 98 4.16 3.34 28.26
C THR A 98 5.15 2.40 27.57
N ILE A 99 5.88 2.91 26.58
CA ILE A 99 6.86 2.08 25.89
C ILE A 99 7.97 1.65 26.85
N ALA A 100 8.44 2.58 27.68
CA ALA A 100 9.46 2.25 28.66
C ALA A 100 8.96 1.20 29.65
N PHE A 101 7.70 1.32 30.08
CA PHE A 101 7.13 0.32 30.97
C PHE A 101 7.07 -1.04 30.29
N ARG A 102 6.68 -1.08 29.02
CA ARG A 102 6.62 -2.35 28.32
C ARG A 102 8.00 -2.99 28.20
N HIS A 103 9.03 -2.17 28.01
CA HIS A 103 10.38 -2.71 27.93
C HIS A 103 10.91 -3.11 29.30
N LEU A 104 10.45 -2.45 30.36
CA LEU A 104 10.97 -2.75 31.70
C LEU A 104 10.28 -3.95 32.33
N PHE A 105 9.01 -4.17 32.06
CA PHE A 105 8.24 -5.16 32.80
C PHE A 105 7.84 -6.39 31.99
N LEU A 106 7.99 -6.37 30.67
CA LEU A 106 7.63 -7.51 29.84
C LEU A 106 8.89 -8.25 29.41
N LEU A 107 8.94 -9.54 29.71
CA LEU A 107 10.15 -10.31 29.48
C LEU A 107 10.34 -10.61 28.00
N GLY A 108 11.52 -10.29 27.48
CA GLY A 108 11.79 -10.53 26.07
C GLY A 108 10.99 -9.67 25.14
N TYR A 109 10.43 -8.57 25.62
CA TYR A 109 9.62 -7.71 24.78
C TYR A 109 10.48 -7.00 23.74
N SER A 110 9.97 -6.91 22.52
CA SER A 110 10.58 -6.12 21.47
C SER A 110 9.50 -5.31 20.77
N ASP A 111 9.88 -4.14 20.28
CA ASP A 111 8.93 -3.23 19.67
C ASP A 111 8.33 -3.84 18.40
N GLY A 112 7.07 -3.52 18.14
CA GLY A 112 6.38 -4.01 16.97
C GLY A 112 5.74 -5.37 17.13
N SER A 113 5.85 -6.00 18.30
CA SER A 113 5.28 -7.31 18.57
C SER A 113 4.24 -7.25 19.68
N ASP A 114 3.52 -6.14 19.79
CA ASP A 114 2.51 -6.01 20.83
C ASP A 114 1.39 -7.01 20.64
N ASP A 115 0.95 -7.21 19.39
CA ASP A 115 -0.18 -8.10 19.13
C ASP A 115 0.20 -9.57 19.23
N THR A 116 1.46 -9.92 18.96
CA THR A 116 1.90 -11.30 19.01
C THR A 116 2.57 -11.67 20.32
N PHE A 117 2.74 -10.74 21.24
CA PHE A 117 3.38 -11.04 22.51
C PHE A 117 2.52 -11.98 23.32
N ALA A 118 3.03 -13.17 23.61
CA ALA A 118 2.24 -14.19 24.29
C ALA A 118 3.18 -15.20 24.93
N ALA A 119 2.62 -15.96 25.86
CA ALA A 119 3.31 -17.09 26.48
C ALA A 119 2.65 -18.38 26.02
N TYR A 120 3.45 -19.42 25.86
CA TYR A 120 2.96 -20.68 25.33
C TYR A 120 3.23 -21.88 26.21
N THR A 121 4.05 -21.76 27.25
CA THR A 121 4.29 -22.83 28.20
C THR A 121 4.12 -22.30 29.61
N GLN A 122 3.97 -23.22 30.56
CA GLN A 122 3.82 -22.83 31.95
C GLN A 122 5.07 -22.14 32.46
N GLU A 123 6.25 -22.62 32.07
CA GLU A 123 7.49 -21.99 32.48
C GLU A 123 7.59 -20.57 31.94
N GLN A 124 7.16 -20.35 30.70
CA GLN A 124 7.21 -19.01 30.12
C GLN A 124 6.30 -18.05 30.87
N LEU A 125 5.09 -18.50 31.23
CA LEU A 125 4.16 -17.64 31.95
C LEU A 125 4.70 -17.30 33.34
N TYR A 126 5.22 -18.31 34.04
CA TYR A 126 5.80 -18.05 35.37
C TYR A 126 6.98 -17.08 35.26
N GLN A 127 7.85 -17.28 34.27
CA GLN A 127 8.99 -16.41 34.10
C GLN A 127 8.56 -14.98 33.81
N ALA A 128 7.54 -14.81 32.96
CA ALA A 128 7.05 -13.47 32.64
C ALA A 128 6.50 -12.77 33.87
N ILE A 129 5.66 -13.46 34.64
CA ILE A 129 5.07 -12.85 35.84
C ILE A 129 6.16 -12.46 36.83
N PHE A 130 7.08 -13.39 37.10
CA PHE A 130 8.13 -13.12 38.06
C PHE A 130 9.05 -12.01 37.58
N TYR A 131 9.33 -11.95 36.28
CA TYR A 131 10.17 -10.89 35.75
C TYR A 131 9.52 -9.54 35.95
N ALA A 132 8.20 -9.45 35.70
CA ALA A 132 7.50 -8.20 35.92
C ALA A 132 7.62 -7.76 37.37
N VAL A 133 7.38 -8.68 38.31
CA VAL A 133 7.41 -8.30 39.72
C VAL A 133 8.82 -7.94 40.17
N ASP A 134 9.83 -8.70 39.73
CA ASP A 134 11.20 -8.42 40.12
C ASP A 134 11.68 -7.09 39.57
N GLN A 135 11.36 -6.80 38.30
CA GLN A 135 11.73 -5.51 37.73
C GLN A 135 11.02 -4.38 38.46
N TYR A 136 9.77 -4.60 38.87
CA TYR A 136 9.10 -3.60 39.69
C TYR A 136 9.86 -3.37 41.00
N LEU A 137 10.32 -4.45 41.64
CA LEU A 137 10.99 -4.30 42.92
C LEU A 137 12.34 -3.60 42.79
N ILE A 138 13.04 -3.78 41.67
CA ILE A 138 14.33 -3.12 41.48
C ILE A 138 14.24 -1.91 40.55
N LEU A 139 13.04 -1.40 40.29
CA LEU A 139 12.85 -0.25 39.41
C LEU A 139 13.75 0.95 39.70
N PRO A 140 13.86 1.46 40.93
CA PRO A 140 14.70 2.65 41.13
C PRO A 140 16.15 2.40 40.78
N GLU A 141 16.61 1.16 40.86
CA GLU A 141 18.00 0.82 40.60
C GLU A 141 18.32 0.72 39.12
N ILE A 142 17.33 0.42 38.28
CA ILE A 142 17.55 0.12 36.87
C ILE A 142 16.96 1.17 35.95
N SER A 143 15.85 1.77 36.33
CA SER A 143 15.09 2.60 35.39
C SER A 143 15.81 3.91 35.11
N LEU A 144 15.69 4.36 33.86
CA LEU A 144 16.26 5.65 33.47
C LEU A 144 15.43 6.81 34.02
N GLY A 145 14.11 6.66 34.02
CA GLY A 145 13.26 7.70 34.57
C GLY A 145 13.19 7.67 36.07
N ARG A 146 12.86 8.81 36.66
CA ARG A 146 12.73 8.94 38.11
C ARG A 146 11.29 8.63 38.47
N TYR A 147 11.01 7.35 38.68
CA TYR A 147 9.68 6.87 39.02
C TYR A 147 9.56 6.71 40.53
N ALA A 148 8.35 6.90 41.02
CA ALA A 148 8.06 6.81 42.44
C ALA A 148 7.00 5.74 42.69
N TYR A 149 7.19 5.02 43.79
CA TYR A 149 6.23 4.01 44.16
C TYR A 149 5.04 4.66 44.81
N VAL A 150 3.85 4.35 44.31
CA VAL A 150 2.62 4.89 44.87
C VAL A 150 2.17 3.90 45.92
N ARG A 151 2.66 4.10 47.15
CA ARG A 151 2.36 3.18 48.25
C ARG A 151 0.88 3.25 48.57
N GLY A 152 0.22 2.10 48.54
CA GLY A 152 -1.20 2.04 48.83
C GLY A 152 -2.04 1.88 47.58
N GLY A 153 -1.63 2.52 46.49
CA GLY A 153 -2.35 2.41 45.25
C GLY A 153 -1.92 1.23 44.41
N GLY A 154 -2.68 0.14 44.50
CA GLY A 154 -2.41 -1.05 43.71
C GLY A 154 -3.68 -1.61 43.11
N GLY A 155 -4.72 -0.79 43.05
CA GLY A 155 -6.00 -1.20 42.52
C GLY A 155 -6.98 -1.63 43.59
N PRO A 156 -8.22 -1.90 43.19
CA PRO A 156 -9.22 -2.37 44.17
C PRO A 156 -8.85 -3.69 44.81
N TRP A 157 -8.12 -4.54 44.09
CA TRP A 157 -7.73 -5.83 44.63
C TRP A 157 -6.63 -5.68 45.68
N ALA A 158 -6.02 -4.50 45.77
CA ALA A 158 -4.94 -4.29 46.73
C ALA A 158 -5.49 -3.89 48.08
N ASN A 159 -4.98 -4.53 49.14
CA ASN A 159 -5.35 -4.19 50.51
C ASN A 159 -4.29 -3.27 51.11
N GLY A 160 -4.18 -2.09 50.52
CA GLY A 160 -3.21 -1.10 50.96
C GLY A 160 -1.80 -1.33 50.46
N SER A 161 -1.58 -2.34 49.64
CA SER A 161 -0.25 -2.61 49.09
C SER A 161 -0.10 -1.92 47.74
N ALA A 162 1.15 -1.77 47.33
CA ALA A 162 1.48 -1.04 46.11
C ALA A 162 1.30 -1.87 44.84
N LEU A 163 1.59 -3.17 44.88
CA LEU A 163 1.43 -4.02 43.72
C LEU A 163 0.50 -5.18 44.05
N ALA A 164 -0.38 -5.50 43.11
CA ALA A 164 -1.34 -6.59 43.26
C ALA A 164 -1.12 -7.60 42.14
N LEU A 165 -0.75 -8.82 42.51
CA LEU A 165 -0.63 -9.94 41.57
C LEU A 165 -1.84 -10.82 41.76
N CYS A 166 -2.81 -10.69 40.87
CA CYS A 166 -4.10 -11.37 40.99
C CYS A 166 -4.16 -12.48 39.98
N GLN A 167 -4.67 -13.63 40.38
CA GLN A 167 -5.06 -14.67 39.44
C GLN A 167 -6.56 -14.93 39.60
N ARG A 168 -7.28 -14.86 38.50
CA ARG A 168 -8.71 -15.12 38.48
C ARG A 168 -8.97 -16.42 37.73
N TYR A 169 -9.70 -17.31 38.38
CA TYR A 169 -10.00 -18.63 37.87
C TYR A 169 -11.45 -18.97 38.19
N TYR A 170 -11.91 -20.11 37.68
CA TYR A 170 -13.28 -20.53 37.97
C TYR A 170 -13.39 -21.01 39.40
N HIS A 171 -14.61 -20.92 39.95
CA HIS A 171 -14.84 -21.40 41.31
C HIS A 171 -14.46 -22.87 41.44
N ARG A 172 -14.90 -23.69 40.49
CA ARG A 172 -14.35 -25.02 40.30
C ARG A 172 -14.36 -25.35 38.82
N GLY A 173 -13.26 -25.95 38.37
CA GLY A 173 -13.12 -26.35 36.98
C GLY A 173 -12.44 -27.70 36.91
N HIS A 174 -13.17 -28.75 36.58
CA HIS A 174 -12.64 -30.11 36.48
C HIS A 174 -12.56 -30.47 35.00
N VAL A 175 -11.72 -29.78 34.27
CA VAL A 175 -11.63 -30.03 32.83
C VAL A 175 -10.90 -31.34 32.58
N ASP A 176 -11.61 -32.40 32.21
CA ASP A 176 -10.98 -33.67 31.88
C ASP A 176 -11.32 -34.00 30.43
N PRO A 177 -10.63 -33.38 29.46
CA PRO A 177 -10.95 -33.66 28.05
C PRO A 177 -10.71 -35.10 27.64
N ALA A 178 -9.87 -35.83 28.37
CA ALA A 178 -9.62 -37.23 28.02
C ALA A 178 -10.88 -38.06 28.15
N ASN A 179 -11.65 -37.84 29.21
CA ASN A 179 -12.92 -38.54 29.41
C ASN A 179 -14.09 -37.79 28.78
N ASP A 180 -13.83 -36.69 28.09
CA ASP A 180 -14.87 -35.87 27.46
C ASP A 180 -15.87 -35.38 28.51
N THR A 181 -15.34 -35.03 29.68
CA THR A 181 -16.13 -34.64 30.82
C THR A 181 -15.54 -33.37 31.39
N PHE A 182 -16.39 -32.40 31.72
CA PHE A 182 -15.98 -31.24 32.48
C PHE A 182 -17.06 -30.89 33.51
N ASP A 183 -16.61 -30.29 34.62
CA ASP A 183 -17.52 -29.85 35.69
C ASP A 183 -17.03 -28.45 35.98
N ILE A 184 -17.79 -27.43 35.59
CA ILE A 184 -17.36 -26.04 35.68
C ILE A 184 -18.41 -25.25 36.44
N ASP A 185 -17.96 -24.48 37.44
CA ASP A 185 -18.78 -23.48 38.10
C ASP A 185 -18.33 -22.12 37.60
N PRO A 186 -19.13 -21.41 36.81
CA PRO A 186 -18.66 -20.17 36.17
C PRO A 186 -18.40 -19.01 37.11
N ARG A 187 -18.38 -19.19 38.44
CA ARG A 187 -18.09 -18.09 39.34
C ARG A 187 -16.59 -17.85 39.41
N VAL A 188 -16.21 -16.58 39.43
CA VAL A 188 -14.82 -16.17 39.29
C VAL A 188 -14.25 -15.91 40.68
N VAL A 189 -13.25 -16.70 41.06
CA VAL A 189 -12.51 -16.51 42.30
C VAL A 189 -11.19 -15.83 41.97
N THR A 190 -10.81 -14.88 42.82
CA THR A 190 -9.60 -14.07 42.64
C THR A 190 -8.68 -14.28 43.82
N ASP A 191 -7.46 -14.76 43.54
CA ASP A 191 -6.44 -14.90 44.58
C ASP A 191 -5.48 -13.75 44.36
N CYS A 192 -5.28 -12.92 45.37
CA CYS A 192 -4.44 -11.73 45.27
C CYS A 192 -3.22 -11.90 46.15
N ILE A 193 -2.04 -11.72 45.57
CA ILE A 193 -0.80 -11.61 46.32
C ILE A 193 -0.42 -10.14 46.36
N GLN A 194 -0.22 -9.62 47.57
CA GLN A 194 0.05 -8.19 47.75
C GLN A 194 1.54 -8.00 47.91
N VAL A 195 2.17 -7.32 46.96
CA VAL A 195 3.60 -7.08 46.94
C VAL A 195 3.86 -5.62 47.29
N ASP A 196 4.84 -5.38 48.14
CA ASP A 196 5.21 -4.05 48.60
C ASP A 196 6.68 -3.79 48.31
N PRO A 197 7.00 -2.65 47.71
CA PRO A 197 8.41 -2.29 47.54
C PRO A 197 9.06 -2.05 48.89
N PRO A 198 10.34 -2.37 49.04
CA PRO A 198 11.01 -2.11 50.31
C PRO A 198 11.12 -0.61 50.57
N ASP A 199 11.12 -0.27 51.85
CA ASP A 199 11.32 1.12 52.27
C ASP A 199 12.79 1.53 52.29
N ARG A 200 13.69 0.59 52.01
CA ARG A 200 15.14 0.79 52.03
C ARG A 200 15.59 1.60 53.24
N ALA A 216 10.07 -13.50 47.19
CA ALA A 216 9.51 -13.52 48.54
C ALA A 216 8.24 -14.36 48.58
N SER A 217 7.11 -13.70 48.86
CA SER A 217 5.83 -14.39 48.88
C SER A 217 5.35 -14.70 47.46
N TYR A 218 5.49 -13.73 46.55
CA TYR A 218 4.96 -13.90 45.20
C TYR A 218 5.66 -15.01 44.43
N LYS A 219 6.85 -15.43 44.87
CA LYS A 219 7.51 -16.56 44.25
C LYS A 219 6.80 -17.88 44.51
N ASN A 220 5.86 -17.90 45.44
CA ASN A 220 5.09 -19.11 45.73
C ASN A 220 3.78 -19.17 44.95
N LEU A 221 3.65 -18.37 43.90
CA LEU A 221 2.44 -18.39 43.09
C LEU A 221 2.23 -19.78 42.49
N THR A 222 1.00 -20.28 42.60
CA THR A 222 0.62 -21.57 42.05
C THR A 222 -0.58 -21.33 41.13
N LEU A 223 -0.33 -21.31 39.83
CA LEU A 223 -1.36 -21.02 38.85
C LEU A 223 -2.16 -22.27 38.53
N LYS A 224 -3.48 -22.11 38.45
CA LYS A 224 -4.38 -23.21 38.11
C LYS A 224 -4.70 -23.11 36.62
N PHE A 225 -3.79 -23.66 35.82
CA PHE A 225 -3.86 -23.46 34.38
C PHE A 225 -5.11 -24.05 33.77
N HIS A 226 -5.62 -25.15 34.33
CA HIS A 226 -6.79 -25.80 33.76
C HIS A 226 -8.04 -24.95 33.89
N LYS A 227 -8.08 -24.01 34.83
CA LYS A 227 -9.25 -23.15 35.00
C LYS A 227 -8.88 -21.69 35.17
N LEU A 228 -7.64 -21.32 34.88
CA LEU A 228 -7.22 -19.92 34.99
C LEU A 228 -7.93 -19.08 33.94
N ILE A 229 -8.58 -18.01 34.40
CA ILE A 229 -9.15 -17.03 33.47
C ILE A 229 -8.11 -16.00 33.08
N ASN A 230 -7.48 -15.34 34.05
CA ASN A 230 -6.38 -14.45 33.69
C ASN A 230 -5.48 -14.23 34.90
N VAL A 231 -4.32 -13.66 34.63
CA VAL A 231 -3.42 -13.14 35.65
C VAL A 231 -3.24 -11.65 35.38
N THR A 232 -3.25 -10.85 36.43
CA THR A 232 -3.07 -9.42 36.28
C THR A 232 -2.09 -8.91 37.31
N ILE A 233 -1.34 -7.89 36.93
CA ILE A 233 -0.46 -7.18 37.85
C ILE A 233 -0.85 -5.70 37.78
N HIS A 234 -1.30 -5.17 38.90
CA HIS A 234 -1.67 -3.76 39.00
C HIS A 234 -0.67 -3.05 39.89
N PHE A 235 -0.14 -1.92 39.41
CA PHE A 235 0.60 -1.03 40.29
C PHE A 235 0.50 0.38 39.73
N GLN A 236 1.08 1.32 40.46
CA GLN A 236 1.05 2.72 40.06
C GLN A 236 2.43 3.32 40.22
N LEU A 237 2.73 4.29 39.37
CA LEU A 237 4.04 4.95 39.37
C LEU A 237 3.85 6.45 39.21
N LYS A 238 4.57 7.22 40.02
CA LYS A 238 4.54 8.67 39.91
C LYS A 238 5.78 9.15 39.18
N THR A 239 5.61 10.21 38.38
CA THR A 239 6.74 10.84 37.71
C THR A 239 6.39 12.28 37.43
N ILE A 240 7.39 13.04 36.98
CA ILE A 240 7.22 14.46 36.69
C ILE A 240 7.66 14.72 35.26
N ASN A 241 6.81 15.40 34.49
CA ASN A 241 7.05 15.67 33.07
C ASN A 241 7.91 16.93 32.96
N LEU A 242 9.21 16.74 33.14
CA LEU A 242 10.14 17.87 33.18
C LEU A 242 10.22 18.60 31.86
N GLN A 243 9.96 17.89 30.75
CA GLN A 243 10.09 18.51 29.44
C GLN A 243 9.14 19.69 29.26
N SER A 244 8.12 19.81 30.10
CA SER A 244 7.24 20.97 30.07
C SER A 244 8.04 22.27 30.17
N LEU A 245 9.17 22.23 30.85
CA LEU A 245 10.00 23.42 31.01
C LEU A 245 10.45 24.02 29.69
N ILE A 246 10.50 23.22 28.62
CA ILE A 246 10.93 23.77 27.34
C ILE A 246 9.92 24.77 26.80
N ASN A 247 8.67 24.73 27.27
CA ASN A 247 7.67 25.72 26.88
C ASN A 247 7.31 26.66 28.02
N ASN A 248 8.20 26.80 29.01
CA ASN A 248 8.01 27.72 30.12
C ASN A 248 6.74 27.40 30.90
N GLU A 249 6.42 26.12 31.00
CA GLU A 249 5.35 25.65 31.86
C GLU A 249 5.93 24.97 33.08
N ILE A 250 5.09 24.79 34.09
CA ILE A 250 5.47 24.08 35.31
C ILE A 250 5.17 22.60 35.10
N PRO A 251 6.16 21.72 35.24
CA PRO A 251 5.89 20.29 35.09
C PRO A 251 4.87 19.81 36.11
N ASP A 252 4.05 18.86 35.68
CA ASP A 252 3.01 18.28 36.52
C ASP A 252 3.44 16.91 37.03
N CYS A 253 2.60 16.36 37.91
CA CYS A 253 2.76 15.00 38.38
C CYS A 253 1.87 14.08 37.57
N TYR A 254 2.47 13.04 37.00
CA TYR A 254 1.76 12.01 36.25
C TYR A 254 1.78 10.74 37.08
N THR A 255 0.60 10.22 37.40
CA THR A 255 0.45 8.92 38.04
C THR A 255 -0.03 7.95 36.98
N PHE A 256 0.81 6.98 36.65
CA PHE A 256 0.49 5.94 35.69
C PHE A 256 -0.03 4.74 36.46
N SER A 257 -1.26 4.34 36.17
CA SER A 257 -1.80 3.07 36.65
C SER A 257 -1.47 2.03 35.59
N ILE A 258 -0.57 1.12 35.94
CA ILE A 258 -0.08 0.09 35.04
C ILE A 258 -0.80 -1.21 35.35
N LEU A 259 -1.39 -1.80 34.33
CA LEU A 259 -2.07 -3.08 34.42
C LEU A 259 -1.48 -4.01 33.37
N ILE A 260 -0.86 -5.08 33.82
CA ILE A 260 -0.31 -6.11 32.95
C ILE A 260 -1.25 -7.29 32.98
N THR A 261 -1.76 -7.69 31.82
CA THR A 261 -2.72 -8.76 31.69
C THR A 261 -2.09 -9.94 30.96
N PHE A 262 -2.12 -11.10 31.60
CA PHE A 262 -1.87 -12.39 30.98
C PHE A 262 -3.23 -13.03 30.78
N ASP A 263 -3.71 -13.03 29.54
CA ASP A 263 -5.12 -13.29 29.26
C ASP A 263 -5.28 -14.74 28.81
N ASN A 264 -6.03 -15.52 29.59
CA ASN A 264 -6.30 -16.92 29.29
C ASN A 264 -7.77 -17.15 29.01
N LYS A 265 -8.53 -16.10 28.71
CA LYS A 265 -9.98 -16.25 28.53
C LYS A 265 -10.32 -17.15 27.36
N ALA A 266 -9.43 -17.26 26.38
CA ALA A 266 -9.67 -18.17 25.26
C ALA A 266 -9.43 -19.63 25.65
N HIS A 267 -8.62 -19.86 26.69
CA HIS A 267 -8.28 -21.23 27.13
C HIS A 267 -7.77 -22.02 25.96
N SER A 268 -6.84 -21.45 25.21
CA SER A 268 -6.37 -22.10 23.99
C SER A 268 -4.89 -22.41 23.93
N GLY A 269 -4.24 -22.47 25.09
CA GLY A 269 -2.82 -22.79 25.13
C GLY A 269 -1.94 -21.61 24.82
N ARG A 270 -2.54 -20.49 24.42
CA ARG A 270 -1.77 -19.30 24.10
C ARG A 270 -2.31 -18.15 24.93
N ILE A 271 -1.45 -17.59 25.79
CA ILE A 271 -1.87 -16.54 26.70
C ILE A 271 -1.24 -15.23 26.23
N PRO A 272 -2.01 -14.33 25.60
CA PRO A 272 -1.47 -13.03 25.24
C PRO A 272 -1.09 -12.23 26.47
N ILE A 273 0.00 -11.49 26.37
CA ILE A 273 0.51 -10.67 27.46
C ILE A 273 0.51 -9.22 26.97
N ARG A 274 -0.15 -8.35 27.73
CA ARG A 274 -0.25 -6.95 27.33
C ARG A 274 -0.05 -6.06 28.54
N LEU A 275 0.39 -4.83 28.28
CA LEU A 275 0.56 -3.82 29.32
C LEU A 275 -0.25 -2.59 28.92
N GLU A 276 -1.02 -2.06 29.85
CA GLU A 276 -1.80 -0.85 29.63
C GLU A 276 -1.52 0.14 30.75
N THR A 277 -1.58 1.42 30.42
CA THR A 277 -1.41 2.48 31.39
C THR A 277 -2.57 3.46 31.30
N LYS A 278 -3.09 3.85 32.45
CA LYS A 278 -4.03 4.97 32.56
C LYS A 278 -3.28 6.11 33.22
N THR A 279 -3.27 7.28 32.58
CA THR A 279 -2.50 8.41 33.06
C THR A 279 -3.41 9.39 33.78
N HIS A 280 -2.99 9.81 34.97
CA HIS A 280 -3.67 10.85 35.73
C HIS A 280 -2.69 12.00 35.92
N ILE A 281 -3.03 13.17 35.40
CA ILE A 281 -2.17 14.35 35.46
C ILE A 281 -2.74 15.30 36.49
N GLN A 282 -1.88 15.77 37.40
CA GLN A 282 -2.33 16.72 38.41
C GLN A 282 -1.18 17.66 38.75
N GLU A 283 -1.53 18.77 39.39
CA GLU A 283 -0.53 19.77 39.76
C GLU A 283 0.44 19.20 40.77
N CYS A 284 1.70 19.60 40.66
CA CYS A 284 2.69 19.22 41.65
C CYS A 284 2.43 19.95 42.97
N LYS A 285 2.65 19.26 44.07
CA LYS A 285 2.31 19.82 45.38
C LYS A 285 3.22 20.98 45.73
N HIS A 286 4.53 20.80 45.58
CA HIS A 286 5.52 21.82 45.91
C HIS A 286 6.46 22.00 44.73
N PRO A 287 6.04 22.76 43.71
CA PRO A 287 6.90 22.97 42.55
C PRO A 287 7.80 24.19 42.70
N SER A 288 9.06 24.02 42.33
CA SER A 288 10.05 25.08 42.42
C SER A 288 10.83 25.14 41.12
N VAL A 289 10.66 26.25 40.38
CA VAL A 289 11.39 26.46 39.13
C VAL A 289 11.99 27.85 39.19
N SER A 290 13.23 28.03 38.75
CA SER A 290 13.87 29.34 38.74
C SER A 290 13.27 30.30 37.72
N ARG A 291 12.36 29.82 36.87
CA ARG A 291 11.55 30.71 36.03
C ARG A 291 12.38 31.56 35.09
N HIS A 292 12.99 30.93 34.11
CA HIS A 292 13.83 31.59 33.10
C HIS A 292 12.98 32.20 31.98
N GLY A 293 11.70 32.41 32.24
CA GLY A 293 10.81 32.98 31.25
C GLY A 293 9.37 32.75 31.64
N ASP A 294 8.47 33.21 30.78
CA ASP A 294 7.03 33.05 31.00
C ASP A 294 6.36 32.80 29.66
N ASN A 295 5.02 32.84 29.65
CA ASN A 295 4.22 32.63 28.47
C ASN A 295 3.26 33.79 28.24
N SER A 296 3.77 35.02 28.33
CA SER A 296 2.96 36.18 27.97
C SER A 296 2.58 36.15 26.49
N PHE A 297 3.41 35.52 25.67
CA PHE A 297 3.10 35.37 24.25
C PHE A 297 1.88 34.46 24.06
N ARG A 298 1.69 33.50 24.96
CA ARG A 298 0.48 32.67 24.93
C ARG A 298 -0.75 33.46 25.37
N LEU A 299 -0.64 34.18 26.49
CA LEU A 299 -1.80 34.88 27.04
C LEU A 299 -2.25 36.01 26.13
N LEU A 300 -1.31 36.68 25.47
CA LEU A 300 -1.69 37.71 24.51
C LEU A 300 -2.53 37.13 23.39
N PHE A 301 -2.08 36.04 22.79
CA PHE A 301 -2.84 35.42 21.71
C PHE A 301 -4.12 34.76 22.20
N ASP A 302 -4.25 34.48 23.49
CA ASP A 302 -5.51 33.96 24.01
C ASP A 302 -6.54 35.06 24.26
N VAL A 303 -6.12 36.17 24.85
CA VAL A 303 -7.05 37.28 25.03
C VAL A 303 -7.42 37.89 23.68
N VAL A 304 -6.49 37.94 22.73
CA VAL A 304 -6.82 38.43 21.40
C VAL A 304 -7.84 37.53 20.73
N VAL A 305 -7.68 36.21 20.87
CA VAL A 305 -8.67 35.28 20.30
C VAL A 305 -10.03 35.51 20.94
N ILE A 306 -10.07 35.66 22.26
CA ILE A 306 -11.35 35.87 22.94
C ILE A 306 -12.01 37.16 22.45
N LEU A 307 -11.23 38.24 22.35
CA LEU A 307 -11.79 39.51 21.92
C LEU A 307 -12.28 39.45 20.48
N THR A 308 -11.49 38.85 19.58
CA THR A 308 -11.89 38.77 18.19
C THR A 308 -13.15 37.91 18.04
N CYS A 309 -13.22 36.80 18.77
CA CYS A 309 -14.39 35.94 18.67
C CYS A 309 -15.63 36.62 19.23
N SER A 310 -15.48 37.37 20.33
CA SER A 310 -16.62 38.11 20.88
C SER A 310 -17.09 39.19 19.92
N LEU A 311 -16.16 39.90 19.29
CA LEU A 311 -16.55 40.92 18.32
C LEU A 311 -17.25 40.31 17.12
N SER A 312 -16.75 39.16 16.65
CA SER A 312 -17.41 38.46 15.56
C SER A 312 -18.80 38.02 15.97
N PHE A 313 -18.95 37.53 17.21
CA PHE A 313 -20.25 37.13 17.69
C PHE A 313 -21.22 38.31 17.71
N LEU A 314 -20.76 39.47 18.18
CA LEU A 314 -21.64 40.64 18.22
C LEU A 314 -22.06 41.06 16.81
N LEU A 315 -21.09 41.18 15.90
CA LEU A 315 -21.41 41.62 14.55
C LEU A 315 -22.34 40.64 13.84
N CYS A 316 -22.08 39.33 13.98
CA CYS A 316 -22.92 38.35 13.33
C CYS A 316 -24.31 38.30 13.96
N ALA A 317 -24.41 38.46 15.28
CA ALA A 317 -25.73 38.49 15.91
C ALA A 317 -26.51 39.71 15.45
N ARG A 318 -25.85 40.86 15.30
CA ARG A 318 -26.50 42.04 14.76
C ARG A 318 -27.00 41.78 13.34
N SER A 319 -26.20 41.09 12.52
CA SER A 319 -26.62 40.78 11.16
C SER A 319 -27.79 39.82 11.14
N LEU A 320 -27.79 38.83 12.03
CA LEU A 320 -28.94 37.94 12.14
C LEU A 320 -30.19 38.70 12.56
N LEU A 321 -30.06 39.61 13.51
CA LEU A 321 -31.22 40.38 13.97
C LEU A 321 -31.77 41.26 12.85
N ARG A 322 -30.90 41.97 12.13
CA ARG A 322 -31.42 42.80 11.04
C ARG A 322 -32.00 41.97 9.93
N GLY A 323 -31.43 40.78 9.68
CA GLY A 323 -32.01 39.88 8.70
C GLY A 323 -33.40 39.44 9.10
N PHE A 324 -33.60 39.14 10.38
CA PHE A 324 -34.93 38.78 10.86
C PHE A 324 -35.90 39.95 10.72
N LEU A 325 -35.45 41.16 11.07
CA LEU A 325 -36.32 42.33 10.96
C LEU A 325 -36.71 42.60 9.51
N LEU A 326 -35.75 42.51 8.59
CA LEU A 326 -36.07 42.72 7.18
C LEU A 326 -36.94 41.61 6.63
N GLN A 327 -36.75 40.38 7.10
CA GLN A 327 -37.64 39.29 6.71
C GLN A 327 -39.07 39.57 7.14
N ASN A 328 -39.26 40.02 8.39
CA ASN A 328 -40.61 40.34 8.85
C ASN A 328 -41.20 41.51 8.07
N GLU A 329 -40.38 42.51 7.75
CA GLU A 329 -40.85 43.68 6.99
C GLU A 329 -41.26 43.29 5.59
N PHE A 330 -40.49 42.40 4.96
CA PHE A 330 -40.86 41.89 3.65
C PHE A 330 -42.13 41.06 3.72
N VAL A 331 -42.26 40.23 4.76
CA VAL A 331 -43.46 39.40 4.90
C VAL A 331 -44.70 40.27 5.00
N VAL A 332 -44.65 41.31 5.84
CA VAL A 332 -45.83 42.15 6.01
C VAL A 332 -46.09 42.97 4.74
N PHE A 333 -45.04 43.44 4.06
CA PHE A 333 -45.25 44.19 2.83
C PHE A 333 -45.92 43.33 1.76
N MET A 334 -45.46 42.09 1.60
CA MET A 334 -46.09 41.21 0.61
C MET A 334 -47.43 40.67 1.08
N TRP A 335 -47.72 40.72 2.38
CA TRP A 335 -49.04 40.36 2.86
C TRP A 335 -50.05 41.47 2.62
N ARG A 336 -49.62 42.73 2.72
CA ARG A 336 -50.51 43.82 2.34
C ARG A 336 -50.66 43.91 0.81
N ARG A 337 -49.59 43.65 0.07
CA ARG A 337 -49.66 43.70 -1.39
C ARG A 337 -50.34 42.47 -1.96
N ARG A 338 -49.74 41.30 -1.77
CA ARG A 338 -50.32 40.05 -2.22
C ARG A 338 -51.19 39.46 -1.11
N GLY A 339 -51.54 38.18 -1.24
CA GLY A 339 -52.37 37.51 -0.26
C GLY A 339 -51.69 37.24 1.06
N ARG A 340 -52.21 36.26 1.81
CA ARG A 340 -51.67 35.89 3.11
C ARG A 340 -51.13 34.47 3.08
N GLU A 341 -50.27 34.15 4.06
CA GLU A 341 -49.53 32.89 4.10
C GLU A 341 -48.73 32.67 2.82
N ILE A 342 -48.30 33.78 2.21
CA ILE A 342 -47.50 33.70 0.99
C ILE A 342 -46.11 33.18 1.31
N SER A 343 -45.55 33.66 2.41
CA SER A 343 -44.18 33.30 2.77
C SER A 343 -43.97 31.84 3.12
N LEU A 344 -43.01 31.20 2.47
CA LEU A 344 -42.71 29.80 2.75
C LEU A 344 -41.21 29.54 2.82
N TRP A 345 -40.44 30.19 1.96
CA TRP A 345 -39.01 29.95 1.91
C TRP A 345 -38.19 31.21 1.91
N GLU A 346 -38.81 32.34 1.57
CA GLU A 346 -38.08 33.61 1.64
C GLU A 346 -37.51 33.85 3.04
N ARG A 347 -38.16 33.29 4.07
CA ARG A 347 -37.63 33.39 5.41
C ARG A 347 -36.24 32.77 5.48
N LEU A 348 -36.08 31.58 4.90
CA LEU A 348 -34.78 30.93 4.93
C LEU A 348 -33.82 31.54 3.91
N GLU A 349 -34.35 32.22 2.90
CA GLU A 349 -33.47 33.02 2.05
C GLU A 349 -32.93 34.22 2.80
N PHE A 350 -33.67 34.71 3.81
CA PHE A 350 -33.23 35.87 4.56
C PHE A 350 -32.13 35.51 5.55
N VAL A 351 -32.23 34.35 6.20
CA VAL A 351 -31.23 33.96 7.18
C VAL A 351 -29.92 33.65 6.48
N ASN A 352 -28.83 34.19 7.01
CA ASN A 352 -27.50 33.94 6.46
C ASN A 352 -26.89 32.75 7.20
N GLY A 353 -26.82 31.61 6.52
CA GLY A 353 -26.23 30.44 7.14
C GLY A 353 -24.76 30.59 7.43
N TRP A 354 -24.05 31.40 6.64
CA TRP A 354 -22.64 31.65 6.89
C TRP A 354 -22.43 32.32 8.24
N TYR A 355 -23.30 33.28 8.57
CA TYR A 355 -23.16 33.96 9.86
C TYR A 355 -23.55 33.06 11.02
N ILE A 356 -24.49 32.14 10.79
CA ILE A 356 -24.77 31.12 11.79
C ILE A 356 -23.54 30.25 12.02
N LEU A 357 -22.85 29.87 10.94
CA LEU A 357 -21.62 29.11 11.06
C LEU A 357 -20.57 29.90 11.83
N LEU A 358 -20.43 31.20 11.53
CA LEU A 358 -19.44 32.01 12.22
C LEU A 358 -19.75 32.11 13.71
N VAL A 359 -21.04 32.27 14.05
CA VAL A 359 -21.43 32.33 15.46
C VAL A 359 -21.10 31.03 16.17
N THR A 360 -21.44 29.90 15.54
CA THR A 360 -21.15 28.61 16.16
C THR A 360 -19.64 28.40 16.30
N SER A 361 -18.88 28.76 15.28
CA SER A 361 -17.44 28.55 15.29
C SER A 361 -16.76 29.42 16.35
N ASP A 362 -17.20 30.66 16.52
CA ASP A 362 -16.58 31.49 17.55
C ASP A 362 -17.04 31.09 18.95
N VAL A 363 -18.25 30.56 19.10
CA VAL A 363 -18.63 29.97 20.38
C VAL A 363 -17.69 28.80 20.70
N LEU A 364 -17.43 27.95 19.71
CA LEU A 364 -16.50 26.85 19.90
C LEU A 364 -15.10 27.35 20.24
N THR A 365 -14.67 28.41 19.56
CA THR A 365 -13.33 28.95 19.81
C THR A 365 -13.23 29.53 21.21
N ILE A 366 -14.27 30.22 21.67
CA ILE A 366 -14.27 30.77 23.03
C ILE A 366 -14.23 29.63 24.04
N SER A 367 -15.03 28.57 23.82
CA SER A 367 -15.01 27.44 24.74
C SER A 367 -13.65 26.77 24.75
N GLY A 368 -13.04 26.59 23.58
CA GLY A 368 -11.73 25.98 23.53
C GLY A 368 -10.66 26.84 24.20
N THR A 369 -10.74 28.16 24.02
CA THR A 369 -9.78 29.05 24.65
C THR A 369 -9.95 29.04 26.17
N VAL A 370 -11.18 28.99 26.65
CA VAL A 370 -11.41 28.93 28.10
C VAL A 370 -10.87 27.62 28.66
N MET A 371 -11.11 26.51 27.96
CA MET A 371 -10.54 25.24 28.40
C MET A 371 -9.02 25.28 28.38
N LYS A 372 -8.44 25.91 27.36
CA LYS A 372 -6.98 26.03 27.29
C LYS A 372 -6.45 26.83 28.47
N ILE A 373 -7.06 27.98 28.75
CA ILE A 373 -6.64 28.83 29.86
C ILE A 373 -6.76 28.07 31.18
N GLY A 374 -7.85 27.33 31.37
CA GLY A 374 -7.97 26.50 32.55
C GLY A 374 -6.89 25.44 32.63
N ILE A 375 -6.47 24.92 31.48
CA ILE A 375 -5.40 23.91 31.47
C ILE A 375 -4.07 24.53 31.91
N GLU A 376 -3.73 25.70 31.38
CA GLU A 376 -2.53 26.38 31.85
C GLU A 376 -2.66 26.79 33.31
N ALA A 377 -3.85 27.20 33.74
CA ALA A 377 -4.09 27.41 35.16
C ALA A 377 -4.10 26.11 35.94
N LYS A 378 -4.14 24.97 35.25
CA LYS A 378 -4.12 23.63 35.84
C LYS A 378 -5.36 23.32 36.65
N ASN A 379 -6.43 24.09 36.47
CA ASN A 379 -7.70 23.73 37.09
C ASN A 379 -8.23 22.42 36.54
N LEU A 380 -8.16 22.25 35.22
CA LEU A 380 -8.53 21.00 34.56
C LEU A 380 -7.43 20.63 33.60
N ALA A 381 -7.21 19.32 33.45
CA ALA A 381 -6.20 18.80 32.54
C ALA A 381 -6.90 17.79 31.63
N SER A 382 -7.54 18.30 30.59
CA SER A 382 -8.24 17.50 29.58
C SER A 382 -7.73 17.97 28.23
N TYR A 383 -6.58 17.44 27.82
CA TYR A 383 -5.94 17.94 26.61
C TYR A 383 -6.66 17.48 25.35
N ASP A 384 -7.29 16.30 25.39
CA ASP A 384 -7.95 15.79 24.19
C ASP A 384 -9.16 16.65 23.81
N VAL A 385 -10.01 16.98 24.79
CA VAL A 385 -11.21 17.76 24.51
C VAL A 385 -10.83 19.16 24.04
N CYS A 386 -9.86 19.79 24.72
CA CYS A 386 -9.42 21.11 24.30
C CYS A 386 -8.81 21.09 22.91
N SER A 387 -8.02 20.06 22.61
CA SER A 387 -7.43 19.95 21.28
C SER A 387 -8.50 19.79 20.21
N ILE A 388 -9.51 18.97 20.49
CA ILE A 388 -10.59 18.77 19.52
C ILE A 388 -11.33 20.07 19.30
N LEU A 389 -11.65 20.79 20.39
CA LEU A 389 -12.36 22.06 20.26
C LEU A 389 -11.55 23.07 19.44
N LEU A 390 -10.26 23.21 19.75
CA LEU A 390 -9.45 24.20 19.07
C LEU A 390 -9.24 23.84 17.60
N GLY A 391 -9.02 22.56 17.29
CA GLY A 391 -8.87 22.15 15.91
C GLY A 391 -10.14 22.31 15.11
N THR A 392 -11.28 21.94 15.70
CA THR A 392 -12.56 22.12 15.01
C THR A 392 -12.83 23.60 14.77
N SER A 393 -12.52 24.44 15.75
CA SER A 393 -12.71 25.87 15.57
C SER A 393 -11.78 26.44 14.51
N THR A 394 -10.54 25.95 14.46
CA THR A 394 -9.61 26.41 13.42
C THR A 394 -10.11 26.02 12.04
N LEU A 395 -10.59 24.79 11.89
CA LEU A 395 -11.15 24.38 10.61
C LEU A 395 -12.36 25.23 10.25
N LEU A 396 -13.21 25.53 11.22
CA LEU A 396 -14.43 26.28 10.92
C LEU A 396 -14.12 27.74 10.61
N VAL A 397 -13.12 28.34 11.26
CA VAL A 397 -12.78 29.72 10.94
C VAL A 397 -12.10 29.79 9.58
N TRP A 398 -11.34 28.76 9.21
CA TRP A 398 -10.78 28.76 7.86
C TRP A 398 -11.88 28.59 6.82
N VAL A 399 -12.90 27.77 7.11
CA VAL A 399 -14.00 27.59 6.17
C VAL A 399 -14.86 28.83 6.09
N GLY A 400 -15.03 29.56 7.20
CA GLY A 400 -15.94 30.68 7.25
C GLY A 400 -15.56 31.85 6.35
N VAL A 401 -14.29 31.95 5.97
CA VAL A 401 -13.86 33.00 5.07
C VAL A 401 -14.41 32.81 3.65
N ILE A 402 -15.04 31.67 3.39
CA ILE A 402 -15.72 31.46 2.11
C ILE A 402 -17.03 32.21 2.02
N ARG A 403 -17.53 32.78 3.12
CA ARG A 403 -18.73 33.61 3.04
C ARG A 403 -18.56 34.69 1.99
N TRP A 404 -17.43 35.38 2.02
CA TRP A 404 -17.22 36.51 1.10
C TRP A 404 -16.85 36.12 -0.32
N LEU A 405 -16.78 34.82 -0.59
CA LEU A 405 -16.45 34.34 -1.94
C LEU A 405 -17.72 33.96 -2.68
N THR A 406 -18.86 34.09 -2.01
CA THR A 406 -20.12 33.69 -2.62
C THR A 406 -20.65 34.74 -3.57
N PHE A 407 -20.31 36.00 -3.32
CA PHE A 407 -20.82 37.09 -4.14
C PHE A 407 -20.29 37.05 -5.56
N PHE A 408 -19.33 36.17 -5.81
CA PHE A 408 -18.72 36.11 -7.13
C PHE A 408 -18.92 34.68 -7.67
N HIS A 409 -19.63 34.57 -8.79
CA HIS A 409 -19.98 33.23 -9.28
C HIS A 409 -18.75 32.47 -9.77
N LYS A 410 -17.71 33.19 -10.22
CA LYS A 410 -16.51 32.51 -10.68
C LYS A 410 -15.75 31.86 -9.52
N TYR A 411 -15.87 32.41 -8.32
CA TYR A 411 -15.20 31.89 -7.14
C TYR A 411 -16.12 31.06 -6.26
N ASN A 412 -17.35 30.80 -6.71
CA ASN A 412 -18.36 30.13 -5.90
C ASN A 412 -18.80 28.82 -6.54
N ILE A 413 -17.91 28.20 -7.33
CA ILE A 413 -18.29 26.97 -8.01
C ILE A 413 -18.57 25.86 -7.00
N LEU A 414 -17.68 25.70 -6.02
CA LEU A 414 -17.84 24.61 -5.06
C LEU A 414 -19.09 24.79 -4.21
N ILE A 415 -19.27 25.98 -3.64
CA ILE A 415 -20.39 26.19 -2.72
C ILE A 415 -21.72 26.11 -3.46
N ALA A 416 -21.80 26.73 -4.64
CA ALA A 416 -23.05 26.67 -5.40
C ALA A 416 -23.35 25.25 -5.87
N THR A 417 -22.33 24.51 -6.29
CA THR A 417 -22.59 23.13 -6.71
C THR A 417 -23.10 22.36 -5.52
N LEU A 418 -22.45 22.53 -4.37
CA LEU A 418 -22.91 21.84 -3.17
C LEU A 418 -24.36 22.16 -2.86
N ARG A 419 -24.71 23.45 -2.82
CA ARG A 419 -26.07 23.84 -2.48
C ARG A 419 -27.09 23.36 -3.50
N VAL A 420 -26.65 23.06 -4.72
CA VAL A 420 -27.58 22.49 -5.70
C VAL A 420 -27.61 20.96 -5.64
N ALA A 421 -26.49 20.32 -5.32
CA ALA A 421 -26.39 18.87 -5.41
C ALA A 421 -26.78 18.13 -4.14
N LEU A 422 -26.66 18.77 -2.98
CA LEU A 422 -26.95 18.06 -1.72
C LEU A 422 -28.33 17.42 -1.66
N PRO A 423 -29.43 18.03 -2.12
CA PRO A 423 -30.70 17.30 -2.13
C PRO A 423 -30.64 16.00 -2.93
N SER A 424 -30.17 16.06 -4.17
CA SER A 424 -30.08 14.85 -4.98
C SER A 424 -29.07 13.87 -4.41
N VAL A 425 -27.98 14.39 -3.84
CA VAL A 425 -26.97 13.53 -3.24
C VAL A 425 -27.55 12.76 -2.06
N MET A 426 -28.35 13.43 -1.22
CA MET A 426 -28.97 12.75 -0.10
C MET A 426 -30.01 11.74 -0.56
N ARG A 427 -30.79 12.08 -1.60
CA ARG A 427 -31.76 11.13 -2.12
C ARG A 427 -31.07 9.88 -2.67
N PHE A 428 -29.95 10.07 -3.36
CA PHE A 428 -29.18 8.93 -3.86
C PHE A 428 -28.58 8.12 -2.71
N CYS A 429 -28.07 8.81 -1.69
CA CYS A 429 -27.48 8.13 -0.55
C CYS A 429 -28.51 7.37 0.28
N CYS A 430 -29.79 7.75 0.21
CA CYS A 430 -30.80 6.97 0.90
C CYS A 430 -30.84 5.53 0.38
N CYS A 431 -30.78 5.37 -0.95
CA CYS A 431 -30.72 4.03 -1.53
C CYS A 431 -29.34 3.41 -1.39
N VAL A 432 -28.28 4.21 -1.43
CA VAL A 432 -26.92 3.66 -1.33
C VAL A 432 -26.66 3.11 0.07
N ALA A 433 -27.20 3.77 1.09
CA ALA A 433 -26.84 3.46 2.47
C ALA A 433 -27.34 2.09 2.91
N VAL A 434 -28.50 1.66 2.44
CA VAL A 434 -28.99 0.34 2.84
C VAL A 434 -28.09 -0.76 2.26
N ILE A 435 -27.68 -0.61 1.00
CA ILE A 435 -26.73 -1.57 0.43
C ILE A 435 -25.43 -1.54 1.20
N TYR A 436 -24.92 -0.34 1.50
CA TYR A 436 -23.66 -0.23 2.22
C TYR A 436 -23.75 -0.88 3.59
N LEU A 437 -24.85 -0.65 4.31
CA LEU A 437 -24.99 -1.21 5.65
C LEU A 437 -25.17 -2.72 5.61
N GLY A 438 -25.93 -3.23 4.64
CA GLY A 438 -26.05 -4.67 4.51
C GLY A 438 -24.71 -5.32 4.23
N TYR A 439 -23.93 -4.73 3.32
CA TYR A 439 -22.58 -5.23 3.07
C TYR A 439 -21.71 -5.14 4.31
N CYS A 440 -21.83 -4.05 5.07
CA CYS A 440 -21.03 -3.88 6.27
C CYS A 440 -21.32 -4.98 7.29
N PHE A 441 -22.60 -5.21 7.58
CA PHE A 441 -22.95 -6.23 8.57
C PHE A 441 -22.58 -7.62 8.10
N CYS A 442 -22.86 -7.93 6.83
CA CYS A 442 -22.53 -9.24 6.29
C CYS A 442 -21.03 -9.50 6.35
N GLY A 443 -20.22 -8.53 5.91
CA GLY A 443 -18.78 -8.72 5.95
C GLY A 443 -18.23 -8.76 7.36
N TRP A 444 -18.80 -7.95 8.26
CA TRP A 444 -18.33 -7.92 9.63
C TRP A 444 -18.56 -9.25 10.33
N ILE A 445 -19.70 -9.88 10.10
CA ILE A 445 -19.97 -11.12 10.82
C ILE A 445 -19.39 -12.33 10.11
N VAL A 446 -19.46 -12.38 8.78
CA VAL A 446 -18.98 -13.57 8.07
C VAL A 446 -17.46 -13.55 7.93
N LEU A 447 -16.90 -12.45 7.45
CA LEU A 447 -15.46 -12.34 7.22
C LEU A 447 -14.71 -11.80 8.42
N GLY A 448 -15.40 -11.34 9.46
CA GLY A 448 -14.75 -10.78 10.62
C GLY A 448 -13.79 -11.72 11.33
N PRO A 449 -14.23 -12.94 11.61
CA PRO A 449 -13.31 -13.91 12.23
C PRO A 449 -12.09 -14.22 11.42
N TYR A 450 -12.17 -14.14 10.10
CA TYR A 450 -11.09 -14.58 9.23
C TYR A 450 -10.24 -13.44 8.69
N HIS A 451 -10.85 -12.31 8.35
CA HIS A 451 -10.15 -11.21 7.70
C HIS A 451 -9.74 -10.18 8.73
N VAL A 452 -8.47 -9.77 8.67
CA VAL A 452 -7.93 -8.83 9.64
C VAL A 452 -8.52 -7.43 9.48
N LYS A 453 -9.05 -7.11 8.30
CA LYS A 453 -9.64 -5.81 8.04
C LYS A 453 -11.13 -5.77 8.30
N PHE A 454 -11.73 -6.86 8.78
CA PHE A 454 -13.15 -6.92 9.06
C PHE A 454 -13.43 -7.21 10.53
N ARG A 455 -12.49 -6.90 11.42
CA ARG A 455 -12.64 -7.31 12.82
C ARG A 455 -13.83 -6.65 13.49
N SER A 456 -14.00 -5.35 13.30
CA SER A 456 -15.04 -4.59 13.98
C SER A 456 -15.86 -3.81 12.96
N LEU A 457 -17.04 -3.37 13.40
CA LEU A 457 -17.96 -2.69 12.49
C LEU A 457 -17.36 -1.40 11.94
N SER A 458 -16.69 -0.63 12.80
CA SER A 458 -16.00 0.57 12.32
C SER A 458 -14.89 0.21 11.34
N MET A 459 -14.13 -0.84 11.64
CA MET A 459 -13.08 -1.27 10.72
C MET A 459 -13.65 -1.76 9.41
N VAL A 460 -14.78 -2.47 9.46
CA VAL A 460 -15.45 -2.91 8.23
C VAL A 460 -15.88 -1.70 7.41
N SER A 461 -16.45 -0.69 8.06
CA SER A 461 -16.85 0.51 7.35
C SER A 461 -15.66 1.20 6.71
N GLU A 462 -14.54 1.30 7.43
CA GLU A 462 -13.36 1.92 6.86
C GLU A 462 -12.83 1.12 5.68
N CYS A 463 -12.81 -0.21 5.79
CA CYS A 463 -12.34 -1.05 4.71
C CYS A 463 -13.20 -0.90 3.47
N LEU A 464 -14.52 -0.93 3.64
CA LEU A 464 -15.43 -0.79 2.50
C LEU A 464 -15.35 0.59 1.89
N PHE A 465 -15.24 1.63 2.72
CA PHE A 465 -15.12 2.99 2.21
C PHE A 465 -13.82 3.18 1.43
N SER A 466 -12.73 2.58 1.91
CA SER A 466 -11.48 2.62 1.17
C SER A 466 -11.58 1.82 -0.12
N LEU A 467 -12.30 0.71 -0.09
CA LEU A 467 -12.49 -0.10 -1.30
C LEU A 467 -13.27 0.67 -2.36
N ILE A 468 -14.24 1.48 -1.94
CA ILE A 468 -15.01 2.30 -2.87
C ILE A 468 -14.08 3.22 -3.65
N ASN A 469 -12.96 3.62 -3.04
CA ASN A 469 -11.97 4.47 -3.68
C ASN A 469 -10.78 3.68 -4.22
N GLY A 470 -10.94 2.38 -4.39
CA GLY A 470 -9.90 1.56 -4.98
C GLY A 470 -8.62 1.51 -4.18
N ASP A 471 -8.72 1.39 -2.86
CA ASP A 471 -7.56 1.42 -1.98
C ASP A 471 -7.50 0.12 -1.19
N ASP A 472 -6.31 -0.49 -1.17
CA ASP A 472 -6.08 -1.76 -0.47
C ASP A 472 -7.00 -2.87 -0.96
N MET A 473 -7.27 -2.90 -2.26
CA MET A 473 -8.04 -3.99 -2.83
C MET A 473 -7.27 -5.30 -2.76
N PHE A 474 -6.03 -5.30 -3.26
CA PHE A 474 -5.29 -6.56 -3.30
C PHE A 474 -4.94 -7.04 -1.91
N VAL A 475 -4.72 -6.14 -0.96
CA VAL A 475 -4.49 -6.56 0.42
C VAL A 475 -5.74 -7.24 0.98
N THR A 476 -6.92 -6.69 0.67
CA THR A 476 -8.15 -7.31 1.11
C THR A 476 -8.34 -8.70 0.51
N PHE A 477 -8.06 -8.84 -0.79
CA PHE A 477 -8.15 -10.16 -1.42
C PHE A 477 -7.10 -11.12 -0.86
N ALA A 478 -5.88 -10.64 -0.63
CA ALA A 478 -4.79 -11.51 -0.22
C ALA A 478 -4.90 -11.93 1.22
N ALA A 479 -5.58 -11.14 2.06
CA ALA A 479 -5.79 -11.56 3.43
C ALA A 479 -6.59 -12.86 3.48
N MET A 480 -7.61 -12.97 2.63
CA MET A 480 -8.32 -14.23 2.50
C MET A 480 -7.51 -15.28 1.75
N GLN A 481 -6.76 -14.85 0.73
CA GLN A 481 -6.02 -15.80 -0.09
C GLN A 481 -4.96 -16.53 0.72
N ALA A 482 -4.29 -15.83 1.63
CA ALA A 482 -3.14 -16.40 2.34
C ALA A 482 -3.54 -17.57 3.23
N GLN A 483 -4.80 -17.60 3.66
CA GLN A 483 -5.26 -18.66 4.56
C GLN A 483 -6.42 -19.47 4.00
N GLN A 484 -6.86 -19.16 2.77
CA GLN A 484 -8.00 -19.83 2.16
C GLN A 484 -9.22 -19.82 3.08
N GLY A 485 -9.21 -18.94 4.08
CA GLY A 485 -10.31 -18.80 5.02
C GLY A 485 -10.49 -20.00 5.92
N HIS A 486 -9.55 -20.95 5.84
CA HIS A 486 -9.62 -22.24 6.53
C HIS A 486 -10.92 -22.96 6.21
N SER A 487 -11.60 -22.52 5.16
CA SER A 487 -12.80 -23.14 4.63
C SER A 487 -12.95 -22.63 3.21
N SER A 488 -12.94 -23.55 2.23
CA SER A 488 -13.05 -23.12 0.84
C SER A 488 -14.35 -22.41 0.58
N LEU A 489 -15.39 -22.75 1.34
CA LEU A 489 -16.68 -22.10 1.20
C LEU A 489 -16.57 -20.64 1.58
N VAL A 490 -15.94 -20.37 2.72
CA VAL A 490 -15.80 -19.00 3.18
C VAL A 490 -14.94 -18.20 2.20
N TRP A 491 -13.91 -18.83 1.63
CA TRP A 491 -13.10 -18.14 0.64
C TRP A 491 -13.91 -17.80 -0.61
N LEU A 492 -14.74 -18.74 -1.07
CA LEU A 492 -15.58 -18.46 -2.24
C LEU A 492 -16.58 -17.36 -1.93
N PHE A 493 -17.16 -17.38 -0.74
CA PHE A 493 -18.06 -16.30 -0.34
C PHE A 493 -17.34 -14.96 -0.30
N SER A 494 -16.11 -14.95 0.21
CA SER A 494 -15.35 -13.71 0.24
C SER A 494 -15.07 -13.19 -1.17
N GLN A 495 -14.75 -14.10 -2.10
CA GLN A 495 -14.57 -13.70 -3.49
C GLN A 495 -15.83 -13.04 -4.04
N LEU A 496 -16.97 -13.71 -3.88
CA LEU A 496 -18.22 -13.16 -4.39
C LEU A 496 -18.54 -11.83 -3.72
N TYR A 497 -18.38 -11.76 -2.40
CA TYR A 497 -18.68 -10.56 -1.63
C TYR A 497 -17.84 -9.38 -2.11
N LEU A 498 -16.52 -9.56 -2.16
CA LEU A 498 -15.63 -8.47 -2.52
C LEU A 498 -15.81 -8.05 -3.97
N TYR A 499 -15.91 -9.01 -4.89
CA TYR A 499 -16.08 -8.66 -6.29
C TYR A 499 -17.37 -7.90 -6.51
N SER A 500 -18.47 -8.40 -5.95
CA SER A 500 -19.75 -7.72 -6.13
C SER A 500 -19.74 -6.33 -5.51
N PHE A 501 -19.18 -6.20 -4.30
CA PHE A 501 -19.16 -4.88 -3.67
C PHE A 501 -18.33 -3.90 -4.49
N ILE A 502 -17.13 -4.31 -4.89
CA ILE A 502 -16.25 -3.39 -5.61
C ILE A 502 -16.89 -2.98 -6.93
N SER A 503 -17.40 -3.95 -7.69
CA SER A 503 -18.05 -3.61 -8.96
C SER A 503 -19.20 -2.64 -8.73
N LEU A 504 -20.13 -2.99 -7.84
CA LEU A 504 -21.33 -2.18 -7.66
C LEU A 504 -21.03 -0.79 -7.13
N PHE A 505 -20.00 -0.64 -6.30
CA PHE A 505 -19.80 0.66 -5.69
C PHE A 505 -18.80 1.53 -6.46
N ILE A 506 -17.69 0.97 -6.94
CA ILE A 506 -16.78 1.77 -7.75
C ILE A 506 -17.40 2.06 -9.11
N TYR A 507 -17.79 1.01 -9.83
CA TYR A 507 -18.16 1.22 -11.23
C TYR A 507 -19.56 1.81 -11.36
N MET A 508 -20.48 1.42 -10.49
CA MET A 508 -21.86 1.88 -10.64
C MET A 508 -22.24 3.02 -9.71
N VAL A 509 -22.11 2.81 -8.40
CA VAL A 509 -22.60 3.82 -7.46
C VAL A 509 -21.77 5.10 -7.57
N LEU A 510 -20.44 4.97 -7.59
CA LEU A 510 -19.58 6.15 -7.62
C LEU A 510 -19.77 6.93 -8.90
N SER A 511 -19.96 6.23 -10.03
CA SER A 511 -20.19 6.91 -11.29
C SER A 511 -21.44 7.78 -11.22
N LEU A 512 -22.50 7.26 -10.63
CA LEU A 512 -23.73 8.02 -10.52
C LEU A 512 -23.56 9.19 -9.58
N PHE A 513 -22.83 9.00 -8.49
CA PHE A 513 -22.57 10.10 -7.56
C PHE A 513 -21.84 11.25 -8.25
N ILE A 514 -20.76 10.92 -8.97
CA ILE A 514 -20.02 11.94 -9.70
C ILE A 514 -20.89 12.57 -10.77
N ALA A 515 -21.75 11.77 -11.41
CA ALA A 515 -22.65 12.31 -12.43
C ALA A 515 -23.63 13.31 -11.84
N LEU A 516 -24.15 13.02 -10.64
CA LEU A 516 -25.06 13.95 -9.99
C LEU A 516 -24.36 15.26 -9.67
N ILE A 517 -23.14 15.18 -9.14
CA ILE A 517 -22.41 16.40 -8.81
C ILE A 517 -22.10 17.19 -10.08
N THR A 518 -21.68 16.50 -11.14
CA THR A 518 -21.38 17.18 -12.40
C THR A 518 -22.64 17.79 -13.02
N GLY A 519 -23.78 17.13 -12.86
CA GLY A 519 -25.02 17.70 -13.36
C GLY A 519 -25.42 18.96 -12.62
N ALA A 520 -25.21 18.98 -11.29
CA ALA A 520 -25.42 20.22 -10.56
C ALA A 520 -24.50 21.33 -11.06
N TYR A 521 -23.22 21.00 -11.27
CA TYR A 521 -22.29 21.98 -11.79
C TYR A 521 -22.75 22.50 -13.15
N ASP A 522 -23.22 21.60 -14.02
CA ASP A 522 -23.73 22.00 -15.32
C ASP A 522 -24.93 22.93 -15.18
N THR A 523 -25.78 22.66 -14.19
CA THR A 523 -26.90 23.55 -13.92
C THR A 523 -26.42 24.94 -13.58
N ILE A 524 -25.33 25.05 -12.83
CA ILE A 524 -24.88 26.37 -12.39
C ILE A 524 -23.70 26.89 -13.21
N LYS A 525 -23.38 26.24 -14.34
CA LYS A 525 -22.21 26.65 -15.11
C LYS A 525 -22.32 28.10 -15.56
N HIS A 526 -23.46 28.47 -16.08
CA HIS A 526 -23.56 29.86 -16.48
C HIS A 526 -24.23 30.69 -15.39
N PRO A 527 -23.76 31.96 -15.13
CA PRO A 527 -24.51 32.67 -14.08
C PRO A 527 -25.92 33.02 -14.53
N ASP B 40 -0.57 47.66 -44.21
CA ASP B 40 0.47 47.23 -45.14
C ASP B 40 1.50 46.31 -44.50
N LEU B 41 1.48 46.23 -43.17
CA LEU B 41 2.37 45.33 -42.43
C LEU B 41 1.63 44.04 -42.06
N ARG B 42 0.41 43.85 -42.56
CA ARG B 42 -0.40 42.71 -42.16
C ARG B 42 0.28 41.40 -42.52
N ARG B 43 1.03 41.39 -43.64
CA ARG B 43 1.76 40.17 -44.03
C ARG B 43 2.98 39.99 -43.13
N ARG B 44 3.58 41.07 -42.65
CA ARG B 44 4.65 40.94 -41.66
C ARG B 44 4.15 40.28 -40.39
N LEU B 45 2.98 40.70 -39.91
CA LEU B 45 2.39 40.10 -38.71
C LEU B 45 2.05 38.64 -38.95
N LYS B 46 1.57 38.33 -40.16
CA LYS B 46 1.36 36.94 -40.53
C LYS B 46 2.67 36.16 -40.48
N TYR B 47 3.75 36.75 -40.98
CA TYR B 47 5.03 36.06 -40.98
C TYR B 47 5.53 35.80 -39.57
N PHE B 48 5.29 36.74 -38.65
CA PHE B 48 5.74 36.58 -37.28
C PHE B 48 4.96 35.52 -36.51
N PHE B 49 3.86 35.01 -37.08
CA PHE B 49 2.96 34.17 -36.31
C PHE B 49 2.64 32.88 -37.05
N MET B 50 3.56 32.41 -37.88
CA MET B 50 3.36 31.14 -38.58
C MET B 50 4.44 30.15 -38.20
N SER B 51 4.16 28.87 -38.48
CA SER B 51 5.00 27.77 -38.06
C SER B 51 6.32 27.76 -38.83
N PRO B 52 7.34 27.07 -38.31
CA PRO B 52 8.59 26.95 -39.06
C PRO B 52 8.41 26.35 -40.44
N CYS B 53 7.46 25.43 -40.61
CA CYS B 53 7.19 24.91 -41.95
C CYS B 53 6.63 26.01 -42.85
N ASP B 54 5.70 26.82 -42.32
CA ASP B 54 5.17 27.94 -43.10
C ASP B 54 6.26 28.96 -43.39
N LYS B 55 7.12 29.23 -42.40
CA LYS B 55 8.21 30.18 -42.63
C LYS B 55 9.17 29.66 -43.69
N PHE B 56 9.42 28.35 -43.70
CA PHE B 56 10.28 27.76 -44.72
C PHE B 56 9.65 27.86 -46.11
N ARG B 57 8.34 27.63 -46.18
CA ARG B 57 7.66 27.71 -47.46
C ARG B 57 7.53 29.14 -47.96
N ALA B 58 7.52 30.10 -47.04
CA ALA B 58 7.34 31.49 -47.41
C ALA B 58 8.68 32.18 -47.72
N LYS B 59 9.56 32.25 -46.73
CA LYS B 59 10.82 32.97 -46.86
C LYS B 59 12.03 32.04 -46.93
N GLY B 60 11.83 30.73 -46.94
CA GLY B 60 12.95 29.81 -46.97
C GLY B 60 13.84 29.85 -45.75
N ARG B 61 13.25 29.94 -44.56
CA ARG B 61 13.99 30.00 -43.32
C ARG B 61 14.04 28.61 -42.69
N LYS B 62 15.24 28.07 -42.53
CA LYS B 62 15.39 26.77 -41.91
C LYS B 62 15.02 26.85 -40.42
N PRO B 63 14.39 25.82 -39.87
CA PRO B 63 14.04 25.86 -38.45
C PRO B 63 15.24 25.64 -37.56
N CYS B 64 16.08 26.67 -37.42
CA CYS B 64 17.30 26.52 -36.64
C CYS B 64 16.99 26.23 -35.17
N LYS B 65 16.01 26.92 -34.61
CA LYS B 65 15.73 26.76 -33.18
C LYS B 65 15.16 25.39 -32.87
N LEU B 66 14.38 24.79 -33.77
CA LEU B 66 13.82 23.47 -33.49
C LEU B 66 14.91 22.41 -33.41
N MET B 67 15.78 22.35 -34.42
CA MET B 67 16.87 21.38 -34.38
C MET B 67 17.85 21.70 -33.27
N LEU B 68 18.04 22.99 -32.97
CA LEU B 68 18.89 23.37 -31.84
C LEU B 68 18.29 22.87 -30.53
N GLN B 69 16.96 22.93 -30.40
CA GLN B 69 16.31 22.43 -29.19
C GLN B 69 16.44 20.92 -29.08
N VAL B 70 16.33 20.21 -30.21
CA VAL B 70 16.50 18.76 -30.17
C VAL B 70 17.93 18.39 -29.75
N VAL B 71 18.91 19.07 -30.34
CA VAL B 71 20.30 18.84 -29.96
C VAL B 71 20.51 19.17 -28.50
N LYS B 72 19.89 20.26 -28.03
CA LYS B 72 20.00 20.64 -26.63
C LYS B 72 19.40 19.58 -25.72
N ILE B 73 18.25 19.02 -26.10
CA ILE B 73 17.67 17.95 -25.31
C ILE B 73 18.65 16.79 -25.18
N LEU B 74 19.22 16.37 -26.31
CA LEU B 74 20.18 15.28 -26.28
C LEU B 74 21.36 15.59 -25.37
N VAL B 75 22.01 16.73 -25.58
CA VAL B 75 23.26 17.02 -24.88
C VAL B 75 23.00 17.26 -23.40
N VAL B 76 21.90 17.94 -23.07
CA VAL B 76 21.61 18.23 -21.66
C VAL B 76 21.24 16.97 -20.91
N THR B 77 20.46 16.07 -21.53
CA THR B 77 20.13 14.82 -20.86
C THR B 77 21.38 13.97 -20.66
N VAL B 78 22.26 13.92 -21.67
CA VAL B 78 23.50 13.16 -21.51
C VAL B 78 24.36 13.76 -20.42
N GLN B 79 24.46 15.08 -20.37
CA GLN B 79 25.24 15.74 -19.32
C GLN B 79 24.66 15.47 -17.95
N LEU B 80 23.33 15.45 -17.83
CA LEU B 80 22.71 15.14 -16.56
C LEU B 80 23.06 13.73 -16.11
N ILE B 81 23.01 12.76 -17.03
CA ILE B 81 23.36 11.39 -16.66
C ILE B 81 24.83 11.28 -16.27
N LEU B 82 25.70 11.93 -17.03
CA LEU B 82 27.14 11.89 -16.73
C LEU B 82 27.44 12.50 -15.37
N PHE B 83 26.78 13.61 -15.03
CA PHE B 83 26.95 14.17 -13.70
C PHE B 83 26.35 13.27 -12.64
N GLY B 84 25.23 12.62 -12.95
CA GLY B 84 24.59 11.75 -11.99
C GLY B 84 25.45 10.58 -11.59
N LEU B 85 26.34 10.13 -12.48
CA LEU B 85 27.29 9.09 -12.09
C LEU B 85 28.10 9.50 -10.86
N SER B 86 28.74 10.67 -10.92
CA SER B 86 29.56 11.13 -9.81
C SER B 86 28.70 11.53 -8.61
N ASN B 87 27.53 12.11 -8.87
CA ASN B 87 26.63 12.46 -7.78
C ASN B 87 26.21 11.22 -7.01
N GLN B 88 25.90 10.14 -7.72
CA GLN B 88 25.54 8.88 -7.09
C GLN B 88 26.70 8.34 -6.28
N LEU B 89 27.93 8.43 -6.81
CA LEU B 89 29.07 7.97 -6.03
C LEU B 89 29.19 8.74 -4.72
N VAL B 90 29.01 10.06 -4.77
CA VAL B 90 29.14 10.87 -3.55
C VAL B 90 28.07 10.49 -2.54
N VAL B 91 26.81 10.43 -2.97
CA VAL B 91 25.73 10.12 -2.03
C VAL B 91 25.92 8.72 -1.46
N THR B 92 26.25 7.76 -2.32
CA THR B 92 26.46 6.40 -1.86
C THR B 92 27.56 6.34 -0.82
N PHE B 93 28.67 7.05 -1.05
CA PHE B 93 29.75 7.03 -0.09
C PHE B 93 29.29 7.57 1.26
N ARG B 94 28.56 8.70 1.24
CA ARG B 94 28.09 9.26 2.51
C ARG B 94 27.13 8.30 3.23
N GLU B 95 26.14 7.78 2.51
CA GLU B 95 25.15 6.91 3.14
C GLU B 95 25.78 5.63 3.67
N GLU B 96 26.67 5.00 2.89
CA GLU B 96 27.29 3.76 3.32
C GLU B 96 28.21 3.98 4.50
N ASN B 97 28.96 5.08 4.52
CA ASN B 97 29.78 5.38 5.69
C ASN B 97 28.91 5.60 6.92
N THR B 98 27.77 6.28 6.77
CA THR B 98 26.90 6.46 7.92
C THR B 98 26.36 5.13 8.44
N ILE B 99 25.99 4.23 7.54
CA ILE B 99 25.50 2.92 7.97
C ILE B 99 26.61 2.15 8.66
N ALA B 100 27.82 2.19 8.12
CA ALA B 100 28.94 1.51 8.75
C ALA B 100 29.23 2.09 10.13
N PHE B 101 29.13 3.41 10.27
CA PHE B 101 29.33 4.04 11.58
C PHE B 101 28.27 3.57 12.56
N ARG B 102 27.01 3.49 12.12
CA ARG B 102 25.95 3.04 13.01
C ARG B 102 26.17 1.61 13.45
N HIS B 103 26.70 0.77 12.56
CA HIS B 103 26.98 -0.61 12.96
C HIS B 103 28.23 -0.72 13.83
N LEU B 104 29.17 0.21 13.68
CA LEU B 104 30.41 0.12 14.44
C LEU B 104 30.27 0.71 15.84
N PHE B 105 29.46 1.75 16.01
CA PHE B 105 29.44 2.50 17.25
C PHE B 105 28.18 2.33 18.08
N LEU B 106 27.12 1.75 17.54
CA LEU B 106 25.87 1.56 18.26
C LEU B 106 25.76 0.10 18.69
N LEU B 107 25.59 -0.12 19.99
CA LEU B 107 25.60 -1.46 20.54
C LEU B 107 24.31 -2.20 20.20
N GLY B 108 24.44 -3.39 19.63
CA GLY B 108 23.27 -4.17 19.28
C GLY B 108 22.44 -3.57 18.18
N TYR B 109 23.02 -2.67 17.39
CA TYR B 109 22.28 -2.03 16.32
C TYR B 109 21.98 -3.02 15.20
N SER B 110 20.77 -2.94 14.67
CA SER B 110 20.38 -3.69 13.49
C SER B 110 19.64 -2.78 12.54
N ASP B 111 19.78 -3.05 11.25
CA ASP B 111 19.19 -2.19 10.23
C ASP B 111 17.67 -2.20 10.32
N GLY B 112 17.06 -1.07 10.01
CA GLY B 112 15.62 -0.94 10.04
C GLY B 112 15.04 -0.58 11.38
N SER B 113 15.86 -0.41 12.41
CA SER B 113 15.41 -0.08 13.75
C SER B 113 15.97 1.27 14.20
N ASP B 114 16.16 2.20 13.27
CA ASP B 114 16.70 3.50 13.64
C ASP B 114 15.74 4.26 14.55
N ASP B 115 14.44 4.20 14.26
CA ASP B 115 13.47 4.95 15.03
C ASP B 115 13.19 4.34 16.40
N THR B 116 13.35 3.03 16.53
CA THR B 116 13.08 2.34 17.79
C THR B 116 14.33 2.09 18.61
N PHE B 117 15.51 2.46 18.11
CA PHE B 117 16.74 2.22 18.85
C PHE B 117 16.78 3.10 20.09
N ALA B 118 16.81 2.48 21.25
CA ALA B 118 16.73 3.21 22.51
C ALA B 118 17.30 2.36 23.63
N ALA B 119 17.61 3.02 24.74
CA ALA B 119 18.03 2.38 25.97
C ALA B 119 16.92 2.56 27.00
N TYR B 120 16.75 1.54 27.86
CA TYR B 120 15.67 1.55 28.82
C TYR B 120 16.11 1.35 30.27
N THR B 121 17.36 0.99 30.50
CA THR B 121 17.89 0.87 31.85
C THR B 121 19.22 1.61 31.93
N GLN B 122 19.65 1.88 33.16
CA GLN B 122 20.91 2.56 33.38
C GLN B 122 22.08 1.74 32.85
N GLU B 123 22.04 0.42 33.08
CA GLU B 123 23.10 -0.45 32.58
C GLU B 123 23.18 -0.42 31.06
N GLN B 124 22.02 -0.41 30.40
CA GLN B 124 21.99 -0.36 28.93
C GLN B 124 22.62 0.93 28.42
N LEU B 125 22.28 2.06 29.03
CA LEU B 125 22.84 3.33 28.60
C LEU B 125 24.34 3.39 28.81
N TYR B 126 24.81 2.93 29.98
CA TYR B 126 26.25 2.90 30.22
C TYR B 126 26.96 2.00 29.23
N GLN B 127 26.39 0.82 28.97
CA GLN B 127 26.99 -0.11 28.03
C GLN B 127 27.06 0.49 26.63
N ALA B 128 26.00 1.18 26.21
CA ALA B 128 25.99 1.79 24.88
C ALA B 128 27.07 2.86 24.76
N ILE B 129 27.16 3.75 25.76
CA ILE B 129 28.15 4.82 25.70
C ILE B 129 29.56 4.24 25.68
N PHE B 130 29.82 3.29 26.57
CA PHE B 130 31.16 2.71 26.64
C PHE B 130 31.48 1.94 25.38
N TYR B 131 30.51 1.25 24.80
CA TYR B 131 30.75 0.52 23.55
C TYR B 131 31.13 1.48 22.43
N ALA B 132 30.42 2.61 22.34
CA ALA B 132 30.77 3.60 21.33
C ALA B 132 32.20 4.07 21.49
N VAL B 133 32.60 4.41 22.72
CA VAL B 133 33.94 4.95 22.93
C VAL B 133 35.00 3.88 22.70
N ASP B 134 34.76 2.65 23.15
CA ASP B 134 35.73 1.58 22.97
C ASP B 134 35.91 1.24 21.50
N GLN B 135 34.80 1.16 20.75
CA GLN B 135 34.90 0.90 19.32
C GLN B 135 35.63 2.03 18.62
N TYR B 136 35.42 3.26 19.06
CA TYR B 136 36.20 4.37 18.53
C TYR B 136 37.69 4.16 18.77
N LEU B 137 38.05 3.73 19.98
CA LEU B 137 39.46 3.59 20.32
C LEU B 137 40.11 2.45 19.54
N ILE B 138 39.38 1.39 19.22
CA ILE B 138 39.95 0.28 18.46
C ILE B 138 39.54 0.30 17.00
N LEU B 139 39.01 1.42 16.50
CA LEU B 139 38.58 1.54 15.11
C LEU B 139 39.60 1.07 14.07
N PRO B 140 40.86 1.48 14.08
CA PRO B 140 41.77 1.03 13.02
C PRO B 140 41.97 -0.48 13.02
N GLU B 141 41.78 -1.13 14.16
CA GLU B 141 42.00 -2.56 14.28
C GLU B 141 40.82 -3.38 13.77
N ILE B 142 39.61 -2.81 13.77
CA ILE B 142 38.40 -3.56 13.47
C ILE B 142 37.75 -3.12 12.17
N SER B 143 37.83 -1.84 11.85
CA SER B 143 37.03 -1.29 10.76
C SER B 143 37.51 -1.76 9.40
N LEU B 144 36.55 -1.99 8.49
CA LEU B 144 36.90 -2.38 7.14
C LEU B 144 37.42 -1.18 6.34
N GLY B 145 36.86 0.00 6.55
CA GLY B 145 37.35 1.18 5.87
C GLY B 145 38.60 1.74 6.51
N ARG B 146 39.36 2.48 5.70
CA ARG B 146 40.59 3.12 6.17
C ARG B 146 40.22 4.51 6.70
N TYR B 147 39.85 4.56 7.97
CA TYR B 147 39.45 5.80 8.62
C TYR B 147 40.63 6.39 9.38
N ALA B 148 40.64 7.71 9.48
CA ALA B 148 41.71 8.44 10.14
C ALA B 148 41.14 9.26 11.28
N TYR B 149 41.90 9.32 12.37
CA TYR B 149 41.50 10.11 13.51
C TYR B 149 41.80 11.56 13.23
N VAL B 150 40.80 12.41 13.39
CA VAL B 150 40.96 13.85 13.19
C VAL B 150 41.36 14.41 14.55
N ARG B 151 42.66 14.42 14.83
CA ARG B 151 43.16 14.88 16.11
C ARG B 151 42.88 16.36 16.28
N GLY B 152 42.19 16.71 17.36
CA GLY B 152 41.86 18.10 17.62
C GLY B 152 40.41 18.41 17.32
N GLY B 153 39.87 17.80 16.28
CA GLY B 153 38.49 18.01 15.92
C GLY B 153 37.54 17.09 16.65
N GLY B 154 36.93 17.58 17.73
CA GLY B 154 35.96 16.83 18.48
C GLY B 154 34.76 17.67 18.84
N GLY B 155 34.58 18.78 18.13
CA GLY B 155 33.47 19.68 18.37
C GLY B 155 33.86 20.85 19.24
N PRO B 156 32.94 21.81 19.42
CA PRO B 156 33.23 22.95 20.30
C PRO B 156 33.47 22.54 21.74
N TRP B 157 32.84 21.45 22.18
CA TRP B 157 33.01 21.01 23.55
C TRP B 157 34.39 20.39 23.78
N ALA B 158 35.11 20.11 22.69
CA ALA B 158 36.43 19.50 22.80
C ALA B 158 37.51 20.54 23.01
N ASN B 159 38.39 20.30 23.99
CA ASN B 159 39.53 21.17 24.23
C ASN B 159 40.78 20.59 23.57
N GLY B 160 40.72 20.54 22.24
CA GLY B 160 41.82 20.01 21.46
C GLY B 160 41.87 18.50 21.38
N SER B 161 40.91 17.81 21.97
CA SER B 161 40.86 16.35 21.91
C SER B 161 40.01 15.88 20.74
N ALA B 162 40.20 14.64 20.36
CA ALA B 162 39.54 14.08 19.19
C ALA B 162 38.12 13.63 19.46
N LEU B 163 37.80 13.11 20.64
CA LEU B 163 36.46 12.68 20.97
C LEU B 163 35.98 13.41 22.21
N ALA B 164 34.72 13.83 22.20
CA ALA B 164 34.10 14.54 23.31
C ALA B 164 32.89 13.74 23.77
N LEU B 165 32.93 13.27 25.02
CA LEU B 165 31.80 12.60 25.66
C LEU B 165 31.17 13.60 26.62
N CYS B 166 30.08 14.21 26.21
CA CYS B 166 29.45 15.29 26.95
C CYS B 166 28.16 14.78 27.58
N GLN B 167 27.91 15.14 28.83
CA GLN B 167 26.61 14.96 29.43
C GLN B 167 26.06 16.33 29.81
N ARG B 168 24.86 16.64 29.35
CA ARG B 168 24.19 17.88 29.67
C ARG B 168 23.01 17.60 30.57
N TYR B 169 22.97 18.30 31.71
CA TYR B 169 21.96 18.13 32.73
C TYR B 169 21.55 19.50 33.26
N TYR B 170 20.55 19.51 34.12
CA TYR B 170 20.10 20.76 34.71
C TYR B 170 21.12 21.26 35.73
N HIS B 171 21.13 22.58 35.93
CA HIS B 171 22.03 23.15 36.93
C HIS B 171 21.78 22.54 38.29
N ARG B 172 20.52 22.45 38.71
CA ARG B 172 20.12 21.61 39.81
C ARG B 172 18.74 21.04 39.52
N GLY B 173 18.58 19.75 39.83
CA GLY B 173 17.32 19.08 39.63
C GLY B 173 17.07 18.14 40.80
N HIS B 174 16.14 18.49 41.69
CA HIS B 174 15.78 17.68 42.85
C HIS B 174 14.44 17.04 42.59
N VAL B 175 14.37 16.15 41.60
CA VAL B 175 13.11 15.52 41.26
C VAL B 175 12.73 14.50 42.31
N ASP B 176 11.77 14.80 43.19
CA ASP B 176 11.29 13.85 44.18
C ASP B 176 9.82 13.60 43.92
N PRO B 177 9.47 12.77 42.93
CA PRO B 177 8.05 12.52 42.64
C PRO B 177 7.31 11.87 43.79
N ALA B 178 8.00 11.18 44.69
CA ALA B 178 7.33 10.55 45.82
C ALA B 178 6.64 11.58 46.71
N ASN B 179 7.32 12.68 46.98
CA ASN B 179 6.76 13.77 47.77
C ASN B 179 6.03 14.79 46.91
N ASP B 180 5.91 14.54 45.61
CA ASP B 180 5.25 15.45 44.68
C ASP B 180 5.91 16.82 44.71
N THR B 181 7.23 16.81 44.81
CA THR B 181 8.04 18.02 44.96
C THR B 181 9.20 17.93 43.98
N PHE B 182 9.47 19.02 43.28
CA PHE B 182 10.69 19.15 42.50
C PHE B 182 11.24 20.56 42.65
N ASP B 183 12.58 20.65 42.53
CA ASP B 183 13.28 21.93 42.60
C ASP B 183 14.20 21.88 41.40
N ILE B 184 13.92 22.65 40.35
CA ILE B 184 14.64 22.59 39.09
C ILE B 184 15.16 23.98 38.73
N ASP B 185 16.44 24.06 38.40
CA ASP B 185 17.02 25.25 37.80
C ASP B 185 17.25 24.94 36.32
N PRO B 186 16.50 25.56 35.41
CA PRO B 186 16.56 25.17 33.99
C PRO B 186 17.88 25.50 33.29
N ARG B 187 18.95 25.89 33.98
CA ARG B 187 20.20 26.17 33.32
C ARG B 187 20.94 24.86 33.03
N VAL B 188 21.54 24.78 31.85
CA VAL B 188 22.11 23.54 31.34
C VAL B 188 23.61 23.54 31.61
N VAL B 189 24.06 22.59 32.42
CA VAL B 189 25.47 22.37 32.70
C VAL B 189 25.94 21.20 31.87
N THR B 190 27.15 21.33 31.31
CA THR B 190 27.74 20.34 30.42
C THR B 190 29.05 19.85 31.03
N ASP B 191 29.12 18.54 31.28
CA ASP B 191 30.35 17.92 31.76
C ASP B 191 30.95 17.20 30.57
N CYS B 192 32.17 17.54 30.19
CA CYS B 192 32.83 16.99 29.01
C CYS B 192 34.00 16.13 29.44
N ILE B 193 34.03 14.89 28.96
CA ILE B 193 35.19 14.03 29.09
C ILE B 193 35.89 14.01 27.74
N GLN B 194 37.18 14.33 27.72
CA GLN B 194 37.92 14.45 26.48
C GLN B 194 38.72 13.17 26.28
N VAL B 195 38.38 12.42 25.23
CA VAL B 195 39.01 11.15 24.92
C VAL B 195 39.91 11.34 23.70
N ASP B 196 41.12 10.77 23.77
CA ASP B 196 42.11 10.87 22.71
C ASP B 196 42.52 9.47 22.27
N PRO B 197 42.53 9.21 20.96
CA PRO B 197 43.06 7.94 20.48
C PRO B 197 44.55 7.86 20.76
N PRO B 198 45.07 6.67 21.02
CA PRO B 198 46.51 6.54 21.25
C PRO B 198 47.30 6.83 19.98
N ASP B 199 48.51 7.34 20.17
CA ASP B 199 49.41 7.59 19.05
C ASP B 199 50.16 6.34 18.60
N ARG B 200 49.94 5.22 19.29
CA ARG B 200 50.61 3.93 19.03
C ARG B 200 52.10 4.11 18.73
N ALA B 216 39.57 3.95 30.50
CA ALA B 216 40.49 4.92 31.09
C ALA B 216 39.75 5.94 31.95
N SER B 217 39.77 7.20 31.53
CA SER B 217 39.03 8.23 32.25
C SER B 217 37.54 8.13 32.00
N TYR B 218 37.14 7.89 30.74
CA TYR B 218 35.73 7.89 30.39
C TYR B 218 34.96 6.75 31.05
N LYS B 219 35.66 5.72 31.54
CA LYS B 219 35.00 4.66 32.29
C LYS B 219 34.49 5.13 33.64
N ASN B 220 34.91 6.31 34.10
CA ASN B 220 34.44 6.86 35.36
C ASN B 220 33.25 7.78 35.19
N LEU B 221 32.56 7.71 34.05
CA LEU B 221 31.39 8.54 33.81
C LEU B 221 30.32 8.25 34.86
N THR B 222 29.76 9.30 35.44
CA THR B 222 28.69 9.20 36.42
C THR B 222 27.52 10.04 35.92
N LEU B 223 26.52 9.36 35.37
CA LEU B 223 25.38 10.03 34.77
C LEU B 223 24.36 10.41 35.83
N LYS B 224 23.83 11.62 35.75
CA LYS B 224 22.81 12.11 36.67
C LYS B 224 21.45 11.91 36.01
N PHE B 225 20.93 10.69 36.14
CA PHE B 225 19.74 10.29 35.38
C PHE B 225 18.52 11.12 35.76
N HIS B 226 18.44 11.55 37.02
CA HIS B 226 17.26 12.29 37.45
C HIS B 226 17.16 13.66 36.80
N LYS B 227 18.28 14.22 36.33
CA LYS B 227 18.26 15.52 35.68
C LYS B 227 19.05 15.54 34.38
N LEU B 228 19.43 14.38 33.85
CA LEU B 228 20.15 14.34 32.60
C LEU B 228 19.28 14.80 31.45
N ILE B 229 19.76 15.77 30.69
CA ILE B 229 19.09 16.18 29.46
C ILE B 229 19.52 15.31 28.30
N ASN B 230 20.82 15.20 28.04
CA ASN B 230 21.26 14.27 27.02
C ASN B 230 22.71 13.90 27.24
N VAL B 231 23.14 12.86 26.53
CA VAL B 231 24.54 12.48 26.41
C VAL B 231 24.89 12.54 24.94
N THR B 232 26.06 13.06 24.62
CA THR B 232 26.49 13.16 23.24
C THR B 232 27.94 12.72 23.12
N ILE B 233 28.26 12.11 21.99
CA ILE B 233 29.63 11.77 21.63
C ILE B 233 29.93 12.41 20.30
N HIS B 234 30.89 13.33 20.27
CA HIS B 234 31.30 13.98 19.04
C HIS B 234 32.71 13.52 18.69
N PHE B 235 32.89 13.10 17.44
CA PHE B 235 34.24 12.91 16.92
C PHE B 235 34.21 13.09 15.41
N GLN B 236 35.39 13.01 14.80
CA GLN B 236 35.51 13.21 13.36
C GLN B 236 36.39 12.11 12.80
N LEU B 237 36.12 11.74 11.55
CA LEU B 237 36.86 10.69 10.87
C LEU B 237 37.17 11.12 9.45
N LYS B 238 38.41 10.91 9.02
CA LYS B 238 38.80 11.20 7.65
C LYS B 238 38.84 9.91 6.84
N THR B 239 38.45 10.01 5.57
CA THR B 239 38.53 8.88 4.66
C THR B 239 38.66 9.41 3.24
N ILE B 240 38.93 8.50 2.30
CA ILE B 240 39.10 8.84 0.90
C ILE B 240 38.14 8.02 0.07
N ASN B 241 37.39 8.68 -0.81
CA ASN B 241 36.37 8.03 -1.64
C ASN B 241 37.03 7.46 -2.88
N LEU B 242 37.65 6.29 -2.71
CA LEU B 242 38.43 5.70 -3.79
C LEU B 242 37.58 5.31 -4.99
N GLN B 243 36.29 5.03 -4.78
CA GLN B 243 35.43 4.61 -5.87
C GLN B 243 35.32 5.66 -6.96
N SER B 244 35.68 6.90 -6.67
CA SER B 244 35.69 7.94 -7.69
C SER B 244 36.54 7.52 -8.89
N LEU B 245 37.56 6.69 -8.65
CA LEU B 245 38.44 6.26 -9.74
C LEU B 245 37.68 5.51 -10.83
N ILE B 246 36.52 4.93 -10.53
CA ILE B 246 35.79 4.22 -11.57
C ILE B 246 35.27 5.17 -12.64
N ASN B 247 35.16 6.47 -12.34
CA ASN B 247 34.78 7.46 -13.33
C ASN B 247 35.94 8.37 -13.72
N ASN B 248 37.18 7.92 -13.51
CA ASN B 248 38.37 8.66 -13.89
C ASN B 248 38.43 10.02 -13.21
N GLU B 249 37.94 10.09 -11.98
CA GLU B 249 38.09 11.26 -11.15
C GLU B 249 39.13 11.00 -10.07
N ILE B 250 39.59 12.08 -9.46
CA ILE B 250 40.55 12.00 -8.35
C ILE B 250 39.74 11.89 -7.06
N PRO B 251 39.94 10.84 -6.26
CA PRO B 251 39.22 10.74 -4.99
C PRO B 251 39.51 11.92 -4.08
N ASP B 252 38.50 12.33 -3.33
CA ASP B 252 38.61 13.45 -2.41
C ASP B 252 38.75 12.95 -0.98
N CYS B 253 38.98 13.89 -0.07
CA CYS B 253 38.97 13.62 1.35
C CYS B 253 37.61 13.98 1.93
N TYR B 254 37.01 13.01 2.61
CA TYR B 254 35.74 13.20 3.30
C TYR B 254 36.01 13.19 4.80
N THR B 255 35.64 14.27 5.46
CA THR B 255 35.69 14.36 6.92
C THR B 255 34.25 14.24 7.43
N PHE B 256 33.98 13.16 8.13
CA PHE B 256 32.68 12.91 8.71
C PHE B 256 32.71 13.39 10.16
N SER B 257 31.84 14.33 10.48
CA SER B 257 31.60 14.73 11.86
C SER B 257 30.47 13.85 12.38
N ILE B 258 30.81 12.94 13.30
CA ILE B 258 29.88 11.98 13.84
C ILE B 258 29.42 12.47 15.21
N LEU B 259 28.10 12.56 15.38
CA LEU B 259 27.48 12.94 16.64
C LEU B 259 26.50 11.84 17.02
N ILE B 260 26.76 11.19 18.15
CA ILE B 260 25.88 10.18 18.71
C ILE B 260 25.13 10.81 19.86
N THR B 261 23.81 10.80 19.79
CA THR B 261 22.94 11.42 20.80
C THR B 261 22.17 10.35 21.54
N PHE B 262 22.30 10.34 22.86
CA PHE B 262 21.43 9.63 23.78
C PHE B 262 20.50 10.68 24.36
N ASP B 263 19.26 10.70 23.90
CA ASP B 263 18.37 11.84 24.11
C ASP B 263 17.43 11.54 25.27
N ASN B 264 17.54 12.33 26.34
CA ASN B 264 16.69 12.17 27.52
C ASN B 264 15.79 13.38 27.72
N LYS B 265 15.59 14.20 26.68
CA LYS B 265 14.82 15.43 26.84
C LYS B 265 13.38 15.16 27.21
N ALA B 266 12.86 13.99 26.87
CA ALA B 266 11.49 13.64 27.28
C ALA B 266 11.42 13.25 28.75
N HIS B 267 12.55 12.81 29.32
CA HIS B 267 12.59 12.36 30.73
C HIS B 267 11.51 11.33 30.96
N SER B 268 11.44 10.34 30.08
CA SER B 268 10.36 9.36 30.16
C SER B 268 10.80 7.92 30.34
N GLY B 269 12.02 7.71 30.81
CA GLY B 269 12.50 6.35 31.03
C GLY B 269 12.99 5.68 29.77
N ARG B 270 12.78 6.33 28.63
CA ARG B 270 13.23 5.75 27.36
C ARG B 270 14.12 6.78 26.68
N ILE B 271 15.37 6.41 26.45
CA ILE B 271 16.35 7.31 25.87
C ILE B 271 16.66 6.86 24.44
N PRO B 272 16.12 7.53 23.43
CA PRO B 272 16.48 7.18 22.06
C PRO B 272 17.96 7.42 21.79
N ILE B 273 18.55 6.54 21.00
CA ILE B 273 19.96 6.62 20.65
C ILE B 273 20.04 6.76 19.13
N ARG B 274 20.72 7.80 18.67
CA ARG B 274 20.82 8.05 17.24
C ARG B 274 22.25 8.47 16.89
N LEU B 275 22.62 8.23 15.64
CA LEU B 275 23.91 8.64 15.12
C LEU B 275 23.68 9.49 13.89
N GLU B 276 24.35 10.63 13.82
CA GLU B 276 24.27 11.52 12.67
C GLU B 276 25.68 11.85 12.19
N THR B 277 25.81 12.06 10.89
CA THR B 277 27.08 12.47 10.29
C THR B 277 26.87 13.70 9.44
N LYS B 278 27.79 14.65 9.56
CA LYS B 278 27.89 15.78 8.64
C LYS B 278 29.14 15.56 7.81
N THR B 279 29.00 15.57 6.49
CA THR B 279 30.10 15.26 5.60
C THR B 279 30.70 16.54 5.05
N HIS B 280 32.02 16.65 5.10
CA HIS B 280 32.75 17.75 4.49
C HIS B 280 33.70 17.16 3.45
N ILE B 281 33.52 17.54 2.20
CA ILE B 281 34.31 17.02 1.09
C ILE B 281 35.30 18.09 0.67
N GLN B 282 36.57 17.71 0.54
CA GLN B 282 37.58 18.66 0.11
C GLN B 282 38.65 17.92 -0.69
N GLU B 283 39.43 18.69 -1.44
CA GLU B 283 40.48 18.11 -2.27
C GLU B 283 41.54 17.44 -1.40
N CYS B 284 42.08 16.33 -1.89
CA CYS B 284 43.19 15.68 -1.21
C CYS B 284 44.45 16.52 -1.34
N LYS B 285 45.25 16.56 -0.27
CA LYS B 285 46.41 17.43 -0.25
C LYS B 285 47.47 16.95 -1.23
N HIS B 286 47.80 15.66 -1.20
CA HIS B 286 48.82 15.07 -2.06
C HIS B 286 48.24 13.85 -2.76
N PRO B 287 47.47 14.04 -3.83
CA PRO B 287 46.89 12.92 -4.55
C PRO B 287 47.80 12.40 -5.65
N SER B 288 47.92 11.07 -5.71
CA SER B 288 48.76 10.42 -6.72
C SER B 288 47.97 9.28 -7.34
N VAL B 289 47.65 9.41 -8.63
CA VAL B 289 46.93 8.36 -9.37
C VAL B 289 47.72 8.13 -10.67
N SER B 290 47.88 6.87 -11.08
CA SER B 290 48.58 6.55 -12.32
C SER B 290 47.80 6.96 -13.56
N ARG B 291 46.56 7.41 -13.41
CA ARG B 291 45.82 8.06 -14.50
C ARG B 291 45.65 7.15 -15.71
N HIS B 292 44.83 6.12 -15.56
CA HIS B 292 44.53 5.15 -16.62
C HIS B 292 43.45 5.67 -17.56
N GLY B 293 43.23 6.98 -17.58
CA GLY B 293 42.24 7.59 -18.44
C GLY B 293 41.92 8.99 -17.98
N ASP B 294 40.99 9.62 -18.69
CA ASP B 294 40.56 10.98 -18.37
C ASP B 294 39.06 11.08 -18.63
N ASN B 295 38.56 12.31 -18.59
CA ASN B 295 37.16 12.60 -18.82
C ASN B 295 36.98 13.65 -19.92
N SER B 296 37.68 13.47 -21.04
CA SER B 296 37.45 14.34 -22.18
C SER B 296 36.03 14.18 -22.71
N PHE B 297 35.44 13.00 -22.53
CA PHE B 297 34.05 12.78 -22.93
C PHE B 297 33.10 13.64 -22.10
N ARG B 298 33.46 13.92 -20.85
CA ARG B 298 32.68 14.84 -20.02
C ARG B 298 32.83 16.28 -20.51
N LEU B 299 34.08 16.71 -20.71
CA LEU B 299 34.33 18.11 -21.07
C LEU B 299 33.77 18.45 -22.44
N LEU B 300 33.81 17.50 -23.38
CA LEU B 300 33.19 17.74 -24.68
C LEU B 300 31.70 18.02 -24.53
N PHE B 301 30.99 17.17 -23.80
CA PHE B 301 29.56 17.36 -23.62
C PHE B 301 29.25 18.57 -22.75
N ASP B 302 30.20 19.07 -21.97
CA ASP B 302 29.97 20.29 -21.21
C ASP B 302 30.15 21.55 -22.05
N VAL B 303 31.21 21.60 -22.85
CA VAL B 303 31.38 22.74 -23.75
C VAL B 303 30.29 22.75 -24.82
N VAL B 304 29.86 21.59 -25.29
CA VAL B 304 28.77 21.54 -26.26
C VAL B 304 27.48 22.06 -25.64
N VAL B 305 27.21 21.69 -24.39
CA VAL B 305 26.02 22.20 -23.70
C VAL B 305 26.11 23.72 -23.58
N ILE B 306 27.27 24.23 -23.18
CA ILE B 306 27.42 25.68 -23.03
C ILE B 306 27.19 26.39 -24.36
N LEU B 307 27.77 25.86 -25.43
CA LEU B 307 27.62 26.50 -26.74
C LEU B 307 26.19 26.45 -27.22
N THR B 308 25.53 25.30 -27.08
CA THR B 308 24.15 25.17 -27.53
C THR B 308 23.23 26.10 -26.73
N CYS B 309 23.44 26.17 -25.41
CA CYS B 309 22.60 27.04 -24.60
C CYS B 309 22.83 28.51 -24.92
N SER B 310 24.08 28.90 -25.18
CA SER B 310 24.35 30.28 -25.56
C SER B 310 23.72 30.62 -26.91
N LEU B 311 23.80 29.70 -27.88
CA LEU B 311 23.18 29.94 -29.17
C LEU B 311 21.66 30.05 -29.03
N SER B 312 21.06 29.18 -28.22
CA SER B 312 19.63 29.28 -27.96
C SER B 312 19.28 30.60 -27.31
N PHE B 313 20.11 31.05 -26.37
CA PHE B 313 19.87 32.33 -25.71
C PHE B 313 19.90 33.47 -26.73
N LEU B 314 20.89 33.45 -27.62
CA LEU B 314 20.98 34.51 -28.63
C LEU B 314 19.77 34.50 -29.55
N LEU B 315 19.40 33.33 -30.08
CA LEU B 315 18.27 33.26 -31.01
C LEU B 315 16.97 33.66 -30.33
N CYS B 316 16.75 33.21 -29.11
CA CYS B 316 15.52 33.56 -28.39
C CYS B 316 15.48 35.03 -28.02
N ALA B 317 16.63 35.60 -27.63
CA ALA B 317 16.67 37.02 -27.34
C ALA B 317 16.37 37.85 -28.58
N ARG B 318 16.91 37.43 -29.73
CA ARG B 318 16.59 38.09 -30.99
C ARG B 318 15.10 38.01 -31.30
N SER B 319 14.48 36.86 -31.02
CA SER B 319 13.04 36.72 -31.26
C SER B 319 12.24 37.58 -30.31
N LEU B 320 12.66 37.67 -29.07
CA LEU B 320 12.00 38.59 -28.12
C LEU B 320 12.11 40.03 -28.57
N LEU B 321 13.29 40.42 -29.05
CA LEU B 321 13.49 41.79 -29.49
C LEU B 321 12.62 42.12 -30.70
N ARG B 322 12.59 41.23 -31.70
CA ARG B 322 11.76 41.50 -32.86
C ARG B 322 10.28 41.47 -32.51
N GLY B 323 9.89 40.61 -31.55
CA GLY B 323 8.52 40.64 -31.08
C GLY B 323 8.16 41.96 -30.43
N PHE B 324 9.08 42.51 -29.64
CA PHE B 324 8.83 43.82 -29.04
C PHE B 324 8.73 44.90 -30.11
N LEU B 325 9.62 44.86 -31.10
CA LEU B 325 9.58 45.87 -32.16
C LEU B 325 8.29 45.79 -32.96
N LEU B 326 7.85 44.58 -33.31
CA LEU B 326 6.60 44.44 -34.04
C LEU B 326 5.40 44.80 -33.19
N GLN B 327 5.46 44.54 -31.88
CA GLN B 327 4.40 45.00 -30.99
C GLN B 327 4.30 46.52 -30.98
N ASN B 328 5.44 47.20 -30.89
CA ASN B 328 5.40 48.66 -30.91
C ASN B 328 4.91 49.19 -32.26
N GLU B 329 5.31 48.54 -33.35
CA GLU B 329 4.89 48.95 -34.69
C GLU B 329 3.39 48.77 -34.86
N PHE B 330 2.86 47.66 -34.35
CA PHE B 330 1.41 47.45 -34.39
C PHE B 330 0.68 48.47 -33.52
N VAL B 331 1.24 48.78 -32.35
CA VAL B 331 0.60 49.74 -31.45
C VAL B 331 0.50 51.10 -32.13
N VAL B 332 1.59 51.55 -32.75
CA VAL B 332 1.56 52.86 -33.38
C VAL B 332 0.65 52.85 -34.61
N PHE B 333 0.64 51.76 -35.38
CA PHE B 333 -0.23 51.68 -36.55
C PHE B 333 -1.70 51.76 -36.15
N MET B 334 -2.08 51.03 -35.10
CA MET B 334 -3.47 51.08 -34.65
C MET B 334 -3.79 52.36 -33.89
N TRP B 335 -2.77 53.06 -33.40
CA TRP B 335 -3.01 54.36 -32.79
C TRP B 335 -3.23 55.45 -33.85
N ARG B 336 -2.54 55.35 -34.98
CA ARG B 336 -2.84 56.26 -36.08
C ARG B 336 -4.17 55.90 -36.75
N ARG B 337 -4.47 54.61 -36.88
CA ARG B 337 -5.72 54.19 -37.51
C ARG B 337 -6.90 54.36 -36.56
N ARG B 338 -6.91 53.64 -35.45
CA ARG B 338 -7.94 53.75 -34.45
C ARG B 338 -7.55 54.80 -33.41
N GLY B 339 -8.23 54.81 -32.27
CA GLY B 339 -7.96 55.76 -31.21
C GLY B 339 -6.66 55.53 -30.49
N ARG B 340 -6.56 56.06 -29.27
CA ARG B 340 -5.37 55.93 -28.44
C ARG B 340 -5.67 55.13 -27.18
N GLU B 341 -4.60 54.61 -26.56
CA GLU B 341 -4.71 53.68 -25.43
C GLU B 341 -5.55 52.46 -25.79
N ILE B 342 -5.53 52.10 -27.07
CA ILE B 342 -6.28 50.94 -27.54
C ILE B 342 -5.64 49.65 -27.03
N SER B 343 -4.32 49.61 -27.05
CA SER B 343 -3.59 48.41 -26.67
C SER B 343 -3.71 48.02 -25.20
N LEU B 344 -4.12 46.79 -24.94
CA LEU B 344 -4.23 46.32 -23.55
C LEU B 344 -3.67 44.91 -23.38
N TRP B 345 -3.88 44.06 -24.38
CA TRP B 345 -3.45 42.67 -24.25
C TRP B 345 -2.68 42.19 -25.47
N GLU B 346 -2.82 42.86 -26.60
CA GLU B 346 -2.05 42.50 -27.78
C GLU B 346 -0.56 42.49 -27.47
N ARG B 347 -0.13 43.33 -26.52
CA ARG B 347 1.27 43.31 -26.10
C ARG B 347 1.67 41.93 -25.59
N LEU B 348 0.83 41.34 -24.74
CA LEU B 348 1.14 40.02 -24.21
C LEU B 348 0.86 38.93 -25.23
N GLU B 349 0.02 39.21 -26.23
CA GLU B 349 -0.08 38.29 -27.35
C GLU B 349 1.19 38.30 -28.19
N PHE B 350 1.90 39.41 -28.19
CA PHE B 350 3.13 39.50 -28.98
C PHE B 350 4.29 38.76 -28.33
N VAL B 351 4.40 38.83 -27.00
CA VAL B 351 5.50 38.17 -26.31
C VAL B 351 5.30 36.66 -26.38
N ASN B 352 6.37 35.95 -26.75
CA ASN B 352 6.34 34.49 -26.82
C ASN B 352 6.80 33.94 -25.48
N GLY B 353 5.86 33.40 -24.70
CA GLY B 353 6.22 32.83 -23.41
C GLY B 353 7.10 31.61 -23.53
N TRP B 354 6.98 30.86 -24.63
CA TRP B 354 7.83 29.71 -24.84
C TRP B 354 9.29 30.12 -24.93
N TYR B 355 9.57 31.22 -25.62
CA TYR B 355 10.96 31.67 -25.75
C TYR B 355 11.48 32.24 -24.44
N ILE B 356 10.61 32.83 -23.62
CA ILE B 356 10.99 33.21 -22.27
C ILE B 356 11.38 31.98 -21.47
N LEU B 357 10.59 30.90 -21.59
CA LEU B 357 10.93 29.67 -20.92
C LEU B 357 12.26 29.12 -21.40
N LEU B 358 12.50 29.16 -22.72
CA LEU B 358 13.76 28.66 -23.25
C LEU B 358 14.95 29.47 -22.73
N VAL B 359 14.79 30.80 -22.66
CA VAL B 359 15.85 31.65 -22.13
C VAL B 359 16.14 31.31 -20.68
N THR B 360 15.08 31.17 -19.87
CA THR B 360 15.28 30.85 -18.46
C THR B 360 15.93 29.48 -18.31
N SER B 361 15.48 28.50 -19.09
CA SER B 361 15.99 27.14 -18.98
C SER B 361 17.45 27.05 -19.40
N ASP B 362 17.85 27.78 -20.45
CA ASP B 362 19.25 27.73 -20.83
C ASP B 362 20.13 28.55 -19.88
N VAL B 363 19.60 29.60 -19.27
CA VAL B 363 20.34 30.25 -18.19
C VAL B 363 20.58 29.27 -17.06
N LEU B 364 19.55 28.51 -16.68
CA LEU B 364 19.70 27.49 -15.65
C LEU B 364 20.70 26.43 -16.07
N THR B 365 20.67 26.02 -17.33
CA THR B 365 21.58 25.00 -17.81
C THR B 365 23.03 25.49 -17.79
N ILE B 366 23.25 26.75 -18.18
CA ILE B 366 24.59 27.33 -18.13
C ILE B 366 25.08 27.39 -16.69
N SER B 367 24.21 27.84 -15.77
CA SER B 367 24.61 27.90 -14.37
C SER B 367 24.94 26.51 -13.83
N GLY B 368 24.11 25.51 -14.17
CA GLY B 368 24.38 24.16 -13.71
C GLY B 368 25.65 23.59 -14.30
N THR B 369 25.93 23.87 -15.57
CA THR B 369 27.15 23.40 -16.20
C THR B 369 28.38 24.06 -15.57
N VAL B 370 28.28 25.35 -15.27
CA VAL B 370 29.41 26.04 -14.63
C VAL B 370 29.64 25.47 -13.23
N MET B 371 28.57 25.21 -12.47
CA MET B 371 28.73 24.58 -11.18
C MET B 371 29.34 23.19 -11.31
N LYS B 372 28.91 22.43 -12.32
CA LYS B 372 29.47 21.10 -12.56
C LYS B 372 30.96 21.18 -12.86
N ILE B 373 31.35 22.08 -13.75
CA ILE B 373 32.76 22.25 -14.12
C ILE B 373 33.58 22.64 -12.90
N GLY B 374 33.05 23.55 -12.08
CA GLY B 374 33.72 23.89 -10.83
C GLY B 374 33.85 22.70 -9.90
N ILE B 375 32.86 21.81 -9.89
CA ILE B 375 32.93 20.63 -9.05
C ILE B 375 34.04 19.69 -9.52
N GLU B 376 34.11 19.44 -10.83
CA GLU B 376 35.23 18.64 -11.33
C GLU B 376 36.57 19.34 -11.13
N ALA B 377 36.60 20.66 -11.26
CA ALA B 377 37.79 21.41 -10.87
C ALA B 377 38.00 21.41 -9.37
N LYS B 378 37.01 20.98 -8.60
CA LYS B 378 37.06 20.88 -7.14
C LYS B 378 37.15 22.23 -6.46
N ASN B 379 36.84 23.31 -7.17
CA ASN B 379 36.75 24.61 -6.51
C ASN B 379 35.62 24.63 -5.50
N LEU B 380 34.46 24.07 -5.87
CA LEU B 380 33.33 23.94 -4.97
C LEU B 380 32.81 22.52 -5.07
N ALA B 381 32.33 22.00 -3.95
CA ALA B 381 31.75 20.65 -3.90
C ALA B 381 30.36 20.77 -3.30
N SER B 382 29.39 21.12 -4.14
CA SER B 382 28.00 21.25 -3.75
C SER B 382 27.20 20.43 -4.76
N TYR B 383 27.13 19.12 -4.51
CA TYR B 383 26.52 18.22 -5.48
C TYR B 383 25.00 18.36 -5.51
N ASP B 384 24.38 18.69 -4.39
CA ASP B 384 22.93 18.80 -4.35
C ASP B 384 22.42 19.96 -5.21
N VAL B 385 23.03 21.13 -5.07
CA VAL B 385 22.59 22.29 -5.83
C VAL B 385 22.82 22.09 -7.32
N CYS B 386 23.99 21.56 -7.69
CA CYS B 386 24.27 21.30 -9.09
C CYS B 386 23.32 20.26 -9.66
N SER B 387 23.01 19.21 -8.88
CA SER B 387 22.08 18.19 -9.34
C SER B 387 20.70 18.79 -9.56
N ILE B 388 20.24 19.63 -8.63
CA ILE B 388 18.93 20.26 -8.77
C ILE B 388 18.90 21.14 -10.00
N LEU B 389 19.95 21.94 -10.21
CA LEU B 389 19.99 22.81 -11.39
C LEU B 389 19.95 22.01 -12.67
N LEU B 390 20.78 20.96 -12.76
CA LEU B 390 20.85 20.18 -13.99
C LEU B 390 19.56 19.43 -14.26
N GLY B 391 18.96 18.85 -13.22
CA GLY B 391 17.69 18.15 -13.41
C GLY B 391 16.56 19.08 -13.80
N THR B 392 16.48 20.24 -13.15
CA THR B 392 15.46 21.22 -13.51
C THR B 392 15.65 21.71 -14.94
N SER B 393 16.90 21.93 -15.34
CA SER B 393 17.16 22.35 -16.71
C SER B 393 16.82 21.25 -17.70
N THR B 394 17.10 19.99 -17.36
CA THR B 394 16.74 18.88 -18.24
C THR B 394 15.23 18.79 -18.42
N LEU B 395 14.49 18.92 -17.32
CA LEU B 395 13.04 18.92 -17.41
C LEU B 395 12.55 20.08 -18.27
N LEU B 396 13.14 21.25 -18.09
CA LEU B 396 12.66 22.42 -18.83
C LEU B 396 13.01 22.33 -20.30
N VAL B 397 14.18 21.77 -20.65
CA VAL B 397 14.51 21.63 -22.07
C VAL B 397 13.65 20.57 -22.72
N TRP B 398 13.27 19.53 -21.97
CA TRP B 398 12.33 18.55 -22.53
C TRP B 398 10.96 19.17 -22.72
N VAL B 399 10.53 20.03 -21.80
CA VAL B 399 9.23 20.68 -21.95
C VAL B 399 9.25 21.72 -23.06
N GLY B 400 10.38 22.39 -23.27
CA GLY B 400 10.44 23.48 -24.23
C GLY B 400 10.23 23.07 -25.66
N VAL B 401 10.44 21.79 -25.99
CA VAL B 401 10.21 21.32 -27.35
C VAL B 401 8.72 21.31 -27.69
N ILE B 402 7.85 21.56 -26.72
CA ILE B 402 6.43 21.69 -26.99
C ILE B 402 6.08 23.03 -27.64
N ARG B 403 7.02 23.97 -27.68
CA ARG B 403 6.77 25.22 -28.40
C ARG B 403 6.31 24.93 -29.82
N TRP B 404 7.02 24.05 -30.51
CA TRP B 404 6.71 23.79 -31.91
C TRP B 404 5.50 22.88 -32.15
N LEU B 405 4.86 22.45 -31.07
CA LEU B 405 3.67 21.59 -31.20
C LEU B 405 2.41 22.42 -31.06
N THR B 406 2.58 23.72 -30.84
CA THR B 406 1.43 24.59 -30.65
C THR B 406 0.76 24.98 -31.96
N PHE B 407 1.54 25.02 -33.02
CA PHE B 407 1.01 25.43 -34.32
C PHE B 407 0.00 24.45 -34.88
N PHE B 408 -0.13 23.30 -34.23
CA PHE B 408 -1.04 22.28 -34.73
C PHE B 408 -2.07 21.98 -33.63
N HIS B 409 -3.34 22.23 -33.93
CA HIS B 409 -4.36 22.11 -32.88
C HIS B 409 -4.55 20.66 -32.45
N LYS B 410 -4.28 19.70 -33.34
CA LYS B 410 -4.43 18.30 -32.98
C LYS B 410 -3.37 17.86 -31.98
N TYR B 411 -2.20 18.49 -32.00
CA TYR B 411 -1.11 18.17 -31.10
C TYR B 411 -1.01 19.14 -29.93
N ASN B 412 -1.97 20.06 -29.80
CA ASN B 412 -1.90 21.12 -28.80
C ASN B 412 -3.07 21.03 -27.82
N ILE B 413 -3.61 19.83 -27.62
CA ILE B 413 -4.76 19.67 -26.74
C ILE B 413 -4.39 20.05 -25.31
N LEU B 414 -3.27 19.53 -24.83
CA LEU B 414 -2.88 19.77 -23.44
C LEU B 414 -2.58 21.24 -23.18
N ILE B 415 -1.76 21.85 -24.04
CA ILE B 415 -1.35 23.24 -23.81
C ILE B 415 -2.53 24.19 -23.94
N ALA B 416 -3.36 24.00 -24.96
CA ALA B 416 -4.51 24.87 -25.14
C ALA B 416 -5.52 24.69 -24.01
N THR B 417 -5.74 23.46 -23.56
CA THR B 417 -6.66 23.27 -22.45
C THR B 417 -6.11 23.98 -21.23
N LEU B 418 -4.82 23.80 -20.98
CA LEU B 418 -4.22 24.49 -19.84
C LEU B 418 -4.42 25.99 -19.93
N ARG B 419 -4.08 26.59 -21.07
CA ARG B 419 -4.18 28.04 -21.20
C ARG B 419 -5.62 28.52 -21.10
N VAL B 420 -6.59 27.64 -21.34
CA VAL B 420 -7.98 28.05 -21.15
C VAL B 420 -8.48 27.77 -19.73
N ALA B 421 -7.99 26.72 -19.08
CA ALA B 421 -8.52 26.29 -17.79
C ALA B 421 -7.84 26.94 -16.60
N LEU B 422 -6.58 27.35 -16.71
CA LEU B 422 -5.87 27.90 -15.56
C LEU B 422 -6.59 29.04 -14.86
N PRO B 423 -7.19 30.03 -15.54
CA PRO B 423 -7.96 31.04 -14.79
C PRO B 423 -9.06 30.44 -13.92
N SER B 424 -9.92 29.60 -14.50
CA SER B 424 -10.99 28.99 -13.72
C SER B 424 -10.43 28.05 -12.66
N VAL B 425 -9.34 27.35 -12.98
CA VAL B 425 -8.73 26.45 -12.01
C VAL B 425 -8.22 27.22 -10.80
N MET B 426 -7.59 28.37 -11.03
CA MET B 426 -7.11 29.19 -9.92
C MET B 426 -8.26 29.78 -9.12
N ARG B 427 -9.33 30.20 -9.80
CA ARG B 427 -10.48 30.73 -9.08
C ARG B 427 -11.11 29.64 -8.19
N PHE B 428 -11.20 28.42 -8.71
CA PHE B 428 -11.70 27.30 -7.91
C PHE B 428 -10.77 26.97 -6.74
N CYS B 429 -9.45 27.00 -7.00
CA CYS B 429 -8.49 26.70 -5.96
C CYS B 429 -8.46 27.77 -4.88
N CYS B 430 -8.89 29.00 -5.18
CA CYS B 430 -8.97 30.00 -4.12
C CYS B 430 -9.92 29.56 -3.02
N CYS B 431 -11.08 29.01 -3.39
CA CYS B 431 -12.01 28.48 -2.40
C CYS B 431 -11.57 27.14 -1.87
N VAL B 432 -10.90 26.31 -2.68
CA VAL B 432 -10.48 25.00 -2.22
C VAL B 432 -9.37 25.11 -1.18
N ALA B 433 -8.48 26.10 -1.33
CA ALA B 433 -7.27 26.17 -0.52
C ALA B 433 -7.56 26.49 0.93
N VAL B 434 -8.57 27.30 1.21
CA VAL B 434 -8.88 27.61 2.61
C VAL B 434 -9.39 26.37 3.33
N ILE B 435 -10.25 25.58 2.67
CA ILE B 435 -10.70 24.33 3.26
C ILE B 435 -9.51 23.40 3.46
N TYR B 436 -8.64 23.29 2.46
CA TYR B 436 -7.50 22.39 2.56
C TYR B 436 -6.58 22.80 3.70
N LEU B 437 -6.33 24.10 3.85
CA LEU B 437 -5.43 24.56 4.90
C LEU B 437 -6.05 24.41 6.28
N GLY B 438 -7.35 24.67 6.40
CA GLY B 438 -8.02 24.43 7.68
C GLY B 438 -7.95 22.98 8.08
N TYR B 439 -8.21 22.08 7.13
CA TYR B 439 -8.08 20.65 7.40
C TYR B 439 -6.64 20.29 7.76
N CYS B 440 -5.66 20.89 7.07
CA CYS B 440 -4.26 20.60 7.34
C CYS B 440 -3.89 20.98 8.77
N PHE B 441 -4.21 22.20 9.18
CA PHE B 441 -3.86 22.65 10.53
C PHE B 441 -4.60 21.85 11.59
N CYS B 442 -5.90 21.62 11.38
CA CYS B 442 -6.68 20.86 12.35
C CYS B 442 -6.12 19.45 12.52
N GLY B 443 -5.85 18.76 11.41
CA GLY B 443 -5.31 17.41 11.51
C GLY B 443 -3.91 17.38 12.07
N TRP B 444 -3.09 18.38 11.72
CA TRP B 444 -1.72 18.42 12.21
C TRP B 444 -1.67 18.58 13.73
N ILE B 445 -2.53 19.43 14.28
CA ILE B 445 -2.45 19.65 15.72
C ILE B 445 -3.25 18.63 16.50
N VAL B 446 -4.42 18.22 16.03
CA VAL B 446 -5.25 17.30 16.80
C VAL B 446 -4.76 15.87 16.64
N LEU B 447 -4.57 15.42 15.40
CA LEU B 447 -4.16 14.05 15.14
C LEU B 447 -2.65 13.87 15.06
N GLY B 448 -1.89 14.95 15.10
CA GLY B 448 -0.45 14.87 15.00
C GLY B 448 0.21 14.04 16.08
N PRO B 449 -0.15 14.27 17.35
CA PRO B 449 0.42 13.45 18.43
C PRO B 449 0.09 11.98 18.32
N TYR B 450 -1.04 11.62 17.71
CA TYR B 450 -1.50 10.24 17.70
C TYR B 450 -1.23 9.51 16.39
N HIS B 451 -1.37 10.20 15.26
CA HIS B 451 -1.28 9.57 13.95
C HIS B 451 0.12 9.76 13.39
N VAL B 452 0.71 8.66 12.92
CA VAL B 452 2.08 8.69 12.41
C VAL B 452 2.18 9.47 11.11
N LYS B 453 1.08 9.62 10.37
CA LYS B 453 1.07 10.35 9.11
C LYS B 453 0.73 11.82 9.28
N PHE B 454 0.52 12.29 10.50
CA PHE B 454 0.18 13.68 10.76
C PHE B 454 1.22 14.39 11.62
N ARG B 455 2.46 13.89 11.64
CA ARG B 455 3.45 14.40 12.58
C ARG B 455 3.79 15.87 12.31
N SER B 456 4.01 16.23 11.05
CA SER B 456 4.43 17.57 10.70
C SER B 456 3.51 18.14 9.63
N LEU B 457 3.57 19.46 9.46
CA LEU B 457 2.66 20.14 8.53
C LEU B 457 2.87 19.67 7.11
N SER B 458 4.13 19.51 6.69
CA SER B 458 4.40 18.97 5.37
C SER B 458 3.88 17.54 5.23
N MET B 459 4.08 16.73 6.27
CA MET B 459 3.57 15.36 6.24
C MET B 459 2.05 15.34 6.20
N VAL B 460 1.40 16.25 6.94
CA VAL B 460 -0.06 16.34 6.88
C VAL B 460 -0.52 16.71 5.48
N SER B 461 0.17 17.66 4.86
CA SER B 461 -0.19 18.05 3.49
C SER B 461 -0.03 16.88 2.53
N GLU B 462 1.06 16.12 2.66
CA GLU B 462 1.26 14.97 1.80
C GLU B 462 0.19 13.92 2.03
N CYS B 463 -0.16 13.67 3.29
CA CYS B 463 -1.20 12.68 3.60
C CYS B 463 -2.54 13.09 3.03
N LEU B 464 -2.92 14.35 3.20
CA LEU B 464 -4.21 14.82 2.68
C LEU B 464 -4.22 14.83 1.16
N PHE B 465 -3.12 15.23 0.53
CA PHE B 465 -3.03 15.23 -0.93
C PHE B 465 -3.12 13.82 -1.48
N SER B 466 -2.49 12.86 -0.81
CA SER B 466 -2.61 11.47 -1.22
C SER B 466 -4.02 10.95 -0.99
N LEU B 467 -4.67 11.39 0.08
CA LEU B 467 -6.05 10.97 0.34
C LEU B 467 -6.99 11.49 -0.73
N ILE B 468 -6.74 12.71 -1.24
CA ILE B 468 -7.55 13.26 -2.32
C ILE B 468 -7.55 12.33 -3.52
N ASN B 469 -6.44 11.60 -3.72
CA ASN B 469 -6.30 10.66 -4.81
C ASN B 469 -6.57 9.22 -4.38
N GLY B 470 -7.23 9.03 -3.24
CA GLY B 470 -7.60 7.70 -2.79
C GLY B 470 -6.43 6.79 -2.50
N ASP B 471 -5.39 7.31 -1.87
CA ASP B 471 -4.17 6.55 -1.62
C ASP B 471 -3.91 6.48 -0.11
N ASP B 472 -3.65 5.28 0.38
CA ASP B 472 -3.39 5.04 1.81
C ASP B 472 -4.55 5.48 2.69
N MET B 473 -5.78 5.27 2.20
CA MET B 473 -6.94 5.56 3.03
C MET B 473 -7.03 4.61 4.20
N PHE B 474 -6.96 3.30 3.94
CA PHE B 474 -7.14 2.35 5.03
C PHE B 474 -5.98 2.40 6.01
N VAL B 475 -4.77 2.72 5.54
CA VAL B 475 -3.66 2.88 6.46
C VAL B 475 -3.90 4.07 7.38
N THR B 476 -4.44 5.16 6.83
CA THR B 476 -4.77 6.32 7.65
C THR B 476 -5.83 5.99 8.68
N PHE B 477 -6.88 5.26 8.28
CA PHE B 477 -7.89 4.85 9.25
C PHE B 477 -7.33 3.88 10.29
N ALA B 478 -6.50 2.95 9.86
CA ALA B 478 -6.02 1.90 10.74
C ALA B 478 -4.98 2.41 11.71
N ALA B 479 -4.26 3.48 11.36
CA ALA B 479 -3.32 4.05 12.31
C ALA B 479 -4.03 4.53 13.57
N MET B 480 -5.20 5.14 13.40
CA MET B 480 -6.02 5.50 14.55
C MET B 480 -6.70 4.28 15.15
N GLN B 481 -7.13 3.34 14.32
CA GLN B 481 -7.86 2.18 14.81
C GLN B 481 -7.01 1.32 15.73
N ALA B 482 -5.73 1.16 15.41
CA ALA B 482 -4.87 0.23 16.15
C ALA B 482 -4.67 0.66 17.59
N GLN B 483 -4.80 1.96 17.87
CA GLN B 483 -4.58 2.46 19.24
C GLN B 483 -5.80 3.16 19.82
N GLN B 484 -6.91 3.21 19.08
CA GLN B 484 -8.11 3.92 19.52
C GLN B 484 -7.80 5.35 19.94
N GLY B 485 -6.64 5.87 19.54
CA GLY B 485 -6.24 7.22 19.85
C GLY B 485 -5.94 7.43 21.31
N HIS B 486 -5.96 6.35 22.09
CA HIS B 486 -5.85 6.39 23.55
C HIS B 486 -6.89 7.32 24.17
N SER B 487 -7.90 7.67 23.38
CA SER B 487 -9.04 8.47 23.83
C SER B 487 -10.13 8.23 22.81
N SER B 488 -11.27 7.69 23.25
CA SER B 488 -12.35 7.40 22.32
C SER B 488 -12.84 8.67 21.64
N LEU B 489 -12.72 9.81 22.33
CA LEU B 489 -13.13 11.08 21.75
C LEU B 489 -12.26 11.41 20.55
N VAL B 490 -10.95 11.28 20.72
CA VAL B 490 -10.03 11.59 19.64
C VAL B 490 -10.24 10.64 18.46
N TRP B 491 -10.55 9.38 18.75
CA TRP B 491 -10.83 8.43 17.67
C TRP B 491 -12.10 8.83 16.92
N LEU B 492 -13.15 9.23 17.65
CA LEU B 492 -14.37 9.66 16.98
C LEU B 492 -14.13 10.91 16.15
N PHE B 493 -13.34 11.85 16.68
CA PHE B 493 -12.99 13.03 15.91
C PHE B 493 -12.21 12.66 14.66
N SER B 494 -11.29 11.71 14.76
CA SER B 494 -10.54 11.28 13.59
C SER B 494 -11.46 10.66 12.55
N GLN B 495 -12.43 9.86 12.99
CA GLN B 495 -13.41 9.30 12.06
C GLN B 495 -14.14 10.40 11.32
N LEU B 496 -14.69 11.37 12.06
CA LEU B 496 -15.43 12.47 11.43
C LEU B 496 -14.53 13.26 10.50
N TYR B 497 -13.33 13.57 10.95
CA TYR B 497 -12.37 14.36 10.18
C TYR B 497 -12.04 13.68 8.86
N LEU B 498 -11.62 12.41 8.92
CA LEU B 498 -11.20 11.70 7.72
C LEU B 498 -12.37 11.47 6.78
N TYR B 499 -13.52 11.04 7.29
CA TYR B 499 -14.66 10.79 6.42
C TYR B 499 -15.10 12.06 5.72
N SER B 500 -15.22 13.16 6.47
CA SER B 500 -15.64 14.42 5.86
C SER B 500 -14.64 14.89 4.83
N PHE B 501 -13.34 14.83 5.15
CA PHE B 501 -12.35 15.29 4.19
C PHE B 501 -12.37 14.46 2.92
N ILE B 502 -12.40 13.14 3.07
CA ILE B 502 -12.34 12.29 1.89
C ILE B 502 -13.58 12.50 1.02
N SER B 503 -14.76 12.52 1.64
CA SER B 503 -15.97 12.75 0.87
C SER B 503 -15.90 14.08 0.13
N LEU B 504 -15.63 15.16 0.87
CA LEU B 504 -15.68 16.50 0.28
C LEU B 504 -14.62 16.68 -0.81
N PHE B 505 -13.46 16.05 -0.68
CA PHE B 505 -12.42 16.35 -1.65
C PHE B 505 -12.38 15.36 -2.81
N ILE B 506 -12.54 14.06 -2.56
CA ILE B 506 -12.61 13.11 -3.66
C ILE B 506 -13.90 13.28 -4.43
N TYR B 507 -15.03 13.17 -3.74
CA TYR B 507 -16.30 13.10 -4.45
C TYR B 507 -16.76 14.45 -4.96
N MET B 508 -16.51 15.51 -4.20
CA MET B 508 -17.02 16.82 -4.60
C MET B 508 -16.00 17.72 -5.24
N VAL B 509 -14.90 18.01 -4.54
CA VAL B 509 -13.94 18.98 -5.06
C VAL B 509 -13.28 18.46 -6.33
N LEU B 510 -12.81 17.20 -6.30
CA LEU B 510 -12.09 16.65 -7.44
C LEU B 510 -12.99 16.54 -8.66
N SER B 511 -14.26 16.19 -8.45
CA SER B 511 -15.20 16.11 -9.57
C SER B 511 -15.33 17.46 -10.25
N LEU B 512 -15.42 18.53 -9.48
CA LEU B 512 -15.55 19.85 -10.05
C LEU B 512 -14.28 20.26 -10.77
N PHE B 513 -13.13 19.92 -10.21
CA PHE B 513 -11.85 20.24 -10.86
C PHE B 513 -11.76 19.57 -12.22
N ILE B 514 -12.07 18.27 -12.27
CA ILE B 514 -12.05 17.55 -13.54
C ILE B 514 -13.08 18.12 -14.50
N ALA B 515 -14.24 18.52 -13.97
CA ALA B 515 -15.28 19.11 -14.81
C ALA B 515 -14.81 20.42 -15.42
N LEU B 516 -14.11 21.25 -14.65
CA LEU B 516 -13.59 22.50 -15.20
C LEU B 516 -12.59 22.24 -16.32
N ILE B 517 -11.68 21.28 -16.10
CA ILE B 517 -10.69 20.97 -17.14
C ILE B 517 -11.38 20.42 -18.38
N THR B 518 -12.36 19.54 -18.20
CA THR B 518 -13.08 18.97 -19.33
C THR B 518 -13.90 20.05 -20.06
N GLY B 519 -14.45 21.01 -19.32
CA GLY B 519 -15.16 22.10 -19.96
C GLY B 519 -14.24 22.98 -20.80
N ALA B 520 -13.03 23.24 -20.31
CA ALA B 520 -12.06 23.94 -21.14
C ALA B 520 -11.74 23.16 -22.41
N TYR B 521 -11.54 21.84 -22.26
CA TYR B 521 -11.27 21.03 -23.44
C TYR B 521 -12.45 21.09 -24.41
N ASP B 522 -13.67 21.03 -23.90
CA ASP B 522 -14.85 21.14 -24.76
C ASP B 522 -14.88 22.48 -25.48
N THR B 523 -14.46 23.55 -24.79
CA THR B 523 -14.37 24.85 -25.43
C THR B 523 -13.40 24.83 -26.60
N ILE B 524 -12.30 24.10 -26.47
CA ILE B 524 -11.30 24.11 -27.53
C ILE B 524 -11.35 22.85 -28.41
N LYS B 525 -12.41 22.05 -28.28
CA LYS B 525 -12.47 20.79 -29.03
C LYS B 525 -12.41 21.04 -30.53
N HIS B 526 -13.16 21.99 -31.01
CA HIS B 526 -13.06 22.24 -32.44
C HIS B 526 -12.11 23.40 -32.71
N PRO B 527 -11.29 23.33 -33.81
CA PRO B 527 -10.44 24.52 -33.99
C PRO B 527 -11.26 25.73 -34.41
N ASP C 40 -21.55 -4.52 -61.17
CA ASP C 40 -22.07 -5.87 -61.22
C ASP C 40 -21.45 -6.79 -60.17
N LEU C 41 -20.34 -6.35 -59.57
CA LEU C 41 -19.68 -7.09 -58.51
C LEU C 41 -20.09 -6.56 -57.14
N ARG C 42 -21.07 -5.65 -57.10
CA ARG C 42 -21.43 -5.02 -55.84
C ARG C 42 -21.93 -6.04 -54.82
N ARG C 43 -22.58 -7.10 -55.30
CA ARG C 43 -23.05 -8.15 -54.40
C ARG C 43 -21.87 -9.01 -53.93
N ARG C 44 -20.84 -9.17 -54.77
CA ARG C 44 -19.62 -9.84 -54.33
C ARG C 44 -18.98 -9.09 -53.18
N LEU C 45 -18.87 -7.77 -53.31
CA LEU C 45 -18.28 -6.95 -52.25
C LEU C 45 -19.14 -7.02 -50.99
N LYS C 46 -20.45 -7.06 -51.15
CA LYS C 46 -21.34 -7.28 -50.02
C LYS C 46 -21.04 -8.62 -49.37
N TYR C 47 -20.83 -9.66 -50.17
CA TYR C 47 -20.58 -10.98 -49.61
C TYR C 47 -19.26 -11.02 -48.85
N PHE C 48 -18.26 -10.29 -49.32
CA PHE C 48 -16.96 -10.28 -48.67
C PHE C 48 -16.98 -9.51 -47.35
N PHE C 49 -18.06 -8.81 -47.03
CA PHE C 49 -18.06 -7.88 -45.90
C PHE C 49 -19.26 -8.12 -45.00
N MET C 50 -19.78 -9.35 -44.95
CA MET C 50 -20.88 -9.67 -44.05
C MET C 50 -20.46 -10.73 -43.05
N SER C 51 -21.25 -10.84 -41.99
CA SER C 51 -20.95 -11.70 -40.86
C SER C 51 -21.08 -13.17 -41.25
N PRO C 52 -20.48 -14.07 -40.46
CA PRO C 52 -20.66 -15.50 -40.73
C PRO C 52 -22.11 -15.93 -40.72
N CYS C 53 -22.96 -15.32 -39.88
CA CYS C 53 -24.38 -15.62 -39.92
C CYS C 53 -24.99 -15.19 -41.25
N ASP C 54 -24.64 -13.98 -41.72
CA ASP C 54 -25.12 -13.53 -43.02
C ASP C 54 -24.58 -14.41 -44.14
N LYS C 55 -23.31 -14.82 -44.05
CA LYS C 55 -22.76 -15.69 -45.08
C LYS C 55 -23.45 -17.05 -45.09
N PHE C 56 -23.82 -17.54 -43.90
CA PHE C 56 -24.54 -18.80 -43.83
C PHE C 56 -25.94 -18.67 -44.42
N ARG C 57 -26.61 -17.55 -44.17
CA ARG C 57 -27.94 -17.33 -44.70
C ARG C 57 -27.92 -17.09 -46.20
N ALA C 58 -26.81 -16.57 -46.72
CA ALA C 58 -26.72 -16.24 -48.13
C ALA C 58 -26.23 -17.42 -48.96
N LYS C 59 -25.01 -17.88 -48.69
CA LYS C 59 -24.37 -18.94 -49.48
C LYS C 59 -24.27 -20.26 -48.73
N GLY C 60 -24.81 -20.36 -47.52
CA GLY C 60 -24.72 -21.59 -46.76
C GLY C 60 -23.31 -21.98 -46.36
N ARG C 61 -22.50 -21.02 -45.94
CA ARG C 61 -21.12 -21.26 -45.55
C ARG C 61 -21.05 -21.38 -44.03
N LYS C 62 -20.62 -22.54 -43.55
CA LYS C 62 -20.48 -22.74 -42.11
C LYS C 62 -19.33 -21.88 -41.58
N PRO C 63 -19.46 -21.32 -40.37
CA PRO C 63 -18.37 -20.51 -39.82
C PRO C 63 -17.22 -21.37 -39.34
N CYS C 64 -16.41 -21.87 -40.28
CA CYS C 64 -15.31 -22.76 -39.91
C CYS C 64 -14.29 -22.04 -39.05
N LYS C 65 -13.96 -20.79 -39.39
CA LYS C 65 -12.92 -20.09 -38.66
C LYS C 65 -13.33 -19.75 -37.24
N LEU C 66 -14.62 -19.46 -37.01
CA LEU C 66 -15.06 -19.13 -35.65
C LEU C 66 -14.92 -20.33 -34.72
N MET C 67 -15.46 -21.49 -35.11
CA MET C 67 -15.33 -22.67 -34.28
C MET C 67 -13.88 -23.13 -34.20
N LEU C 68 -13.11 -22.93 -35.26
CA LEU C 68 -11.69 -23.24 -35.21
C LEU C 68 -10.98 -22.36 -34.20
N GLN C 69 -11.36 -21.08 -34.12
CA GLN C 69 -10.77 -20.18 -33.15
C GLN C 69 -11.15 -20.57 -31.73
N VAL C 70 -12.38 -21.01 -31.52
CA VAL C 70 -12.79 -21.45 -30.18
C VAL C 70 -12.00 -22.70 -29.76
N VAL C 71 -11.88 -23.65 -30.69
CA VAL C 71 -11.08 -24.85 -30.41
C VAL C 71 -9.64 -24.47 -30.15
N LYS C 72 -9.11 -23.52 -30.91
CA LYS C 72 -7.74 -23.07 -30.71
C LYS C 72 -7.56 -22.42 -29.35
N ILE C 73 -8.52 -21.62 -28.92
CA ILE C 73 -8.46 -21.04 -27.58
C ILE C 73 -8.36 -22.14 -26.54
N LEU C 74 -9.25 -23.14 -26.63
CA LEU C 74 -9.22 -24.23 -25.68
C LEU C 74 -7.87 -24.94 -25.66
N VAL C 75 -7.41 -25.37 -26.85
CA VAL C 75 -6.22 -26.21 -26.90
C VAL C 75 -4.97 -25.43 -26.52
N VAL C 76 -4.88 -24.16 -26.94
CA VAL C 76 -3.71 -23.36 -26.64
C VAL C 76 -3.64 -23.03 -25.16
N THR C 77 -4.78 -22.70 -24.54
CA THR C 77 -4.77 -22.45 -23.10
C THR C 77 -4.40 -23.71 -22.32
N VAL C 78 -4.92 -24.86 -22.73
CA VAL C 78 -4.58 -26.11 -22.05
C VAL C 78 -3.09 -26.40 -22.21
N GLN C 79 -2.55 -26.19 -23.41
CA GLN C 79 -1.14 -26.42 -23.65
C GLN C 79 -0.28 -25.47 -22.81
N LEU C 80 -0.71 -24.23 -22.67
CA LEU C 80 0.03 -23.28 -21.85
C LEU C 80 0.06 -23.73 -20.39
N ILE C 81 -1.08 -24.22 -19.87
CA ILE C 81 -1.11 -24.70 -18.50
C ILE C 81 -0.21 -25.93 -18.33
N LEU C 82 -0.30 -26.86 -19.28
CA LEU C 82 0.51 -28.08 -19.20
C LEU C 82 1.99 -27.76 -19.24
N PHE C 83 2.39 -26.82 -20.09
CA PHE C 83 3.79 -26.41 -20.09
C PHE C 83 4.16 -25.68 -18.80
N GLY C 84 3.22 -24.90 -18.27
CA GLY C 84 3.49 -24.16 -17.05
C GLY C 84 3.77 -25.07 -15.86
N LEU C 85 3.20 -26.27 -15.86
CA LEU C 85 3.56 -27.23 -14.81
C LEU C 85 5.07 -27.47 -14.75
N SER C 86 5.67 -27.83 -15.88
CA SER C 86 7.10 -28.11 -15.91
C SER C 86 7.92 -26.84 -15.76
N ASN C 87 7.43 -25.73 -16.32
CA ASN C 87 8.13 -24.46 -16.15
C ASN C 87 8.19 -24.07 -14.67
N GLN C 88 7.09 -24.25 -13.95
CA GLN C 88 7.07 -23.97 -12.53
C GLN C 88 8.02 -24.89 -11.78
N LEU C 89 8.08 -26.16 -12.16
CA LEU C 89 9.04 -27.05 -11.50
C LEU C 89 10.47 -26.55 -11.69
N VAL C 90 10.82 -26.13 -12.90
CA VAL C 90 12.17 -25.65 -13.16
C VAL C 90 12.49 -24.41 -12.34
N VAL C 91 11.61 -23.42 -12.39
CA VAL C 91 11.87 -22.18 -11.67
C VAL C 91 11.95 -22.45 -10.18
N THR C 92 11.01 -23.24 -9.65
CA THR C 92 11.03 -23.55 -8.23
C THR C 92 12.33 -24.24 -7.84
N PHE C 93 12.81 -25.18 -8.64
CA PHE C 93 14.06 -25.85 -8.31
C PHE C 93 15.20 -24.85 -8.24
N ARG C 94 15.29 -23.95 -9.23
CA ARG C 94 16.38 -22.98 -9.22
C ARG C 94 16.29 -22.05 -8.00
N GLU C 95 15.10 -21.50 -7.73
CA GLU C 95 14.95 -20.56 -6.63
C GLU C 95 15.21 -21.22 -5.29
N GLU C 96 14.68 -22.44 -5.08
CA GLU C 96 14.86 -23.12 -3.81
C GLU C 96 16.32 -23.51 -3.60
N ASN C 97 17.01 -23.96 -4.65
CA ASN C 97 18.42 -24.26 -4.50
C ASN C 97 19.20 -23.00 -4.16
N THR C 98 18.87 -21.86 -4.77
CA THR C 98 19.56 -20.63 -4.43
C THR C 98 19.34 -20.24 -2.97
N ILE C 99 18.11 -20.39 -2.48
CA ILE C 99 17.83 -20.07 -1.08
C ILE C 99 18.60 -21.01 -0.17
N ALA C 100 18.63 -22.31 -0.50
CA ALA C 100 19.37 -23.26 0.30
C ALA C 100 20.86 -22.93 0.30
N PHE C 101 21.40 -22.52 -0.84
CA PHE C 101 22.81 -22.12 -0.91
C PHE C 101 23.07 -20.91 -0.03
N ARG C 102 22.17 -19.94 -0.05
CA ARG C 102 22.35 -18.75 0.78
C ARG C 102 22.32 -19.11 2.25
N HIS C 103 21.48 -20.07 2.64
CA HIS C 103 21.45 -20.47 4.03
C HIS C 103 22.66 -21.34 4.41
N LEU C 104 23.22 -22.07 3.45
CA LEU C 104 24.33 -22.96 3.75
C LEU C 104 25.67 -22.24 3.77
N PHE C 105 25.85 -21.22 2.94
CA PHE C 105 27.16 -20.63 2.75
C PHE C 105 27.31 -19.22 3.31
N LEU C 106 26.23 -18.56 3.70
CA LEU C 106 26.30 -17.20 4.23
C LEU C 106 26.11 -17.26 5.74
N LEU C 107 27.07 -16.70 6.47
CA LEU C 107 27.09 -16.82 7.92
C LEU C 107 26.04 -15.90 8.54
N GLY C 108 25.20 -16.46 9.40
CA GLY C 108 24.17 -15.67 10.04
C GLY C 108 23.10 -15.16 9.10
N TYR C 109 22.98 -15.76 7.93
CA TYR C 109 21.98 -15.32 6.96
C TYR C 109 20.58 -15.63 7.45
N SER C 110 19.67 -14.68 7.23
CA SER C 110 18.26 -14.89 7.48
C SER C 110 17.47 -14.33 6.31
N ASP C 111 16.32 -14.95 6.03
CA ASP C 111 15.52 -14.59 4.88
C ASP C 111 14.99 -13.16 5.02
N GLY C 112 14.88 -12.46 3.90
CA GLY C 112 14.38 -11.11 3.88
C GLY C 112 15.43 -10.04 4.11
N SER C 113 16.68 -10.42 4.33
CA SER C 113 17.76 -9.48 4.58
C SER C 113 18.83 -9.55 3.49
N ASP C 114 18.43 -9.85 2.26
CA ASP C 114 19.40 -9.95 1.18
C ASP C 114 20.06 -8.61 0.91
N ASP C 115 19.28 -7.53 0.93
CA ASP C 115 19.82 -6.22 0.60
C ASP C 115 20.66 -5.63 1.72
N THR C 116 20.38 -6.00 2.97
CA THR C 116 21.12 -5.47 4.11
C THR C 116 22.23 -6.40 4.60
N PHE C 117 22.39 -7.57 3.99
CA PHE C 117 23.42 -8.49 4.42
C PHE C 117 24.79 -7.92 4.10
N ALA C 118 25.60 -7.68 5.14
CA ALA C 118 26.88 -7.03 4.97
C ALA C 118 27.77 -7.35 6.15
N ALA C 119 29.06 -7.13 5.97
CA ALA C 119 30.06 -7.22 7.02
C ALA C 119 30.57 -5.83 7.34
N TYR C 120 30.87 -5.58 8.62
CA TYR C 120 31.28 -4.26 9.06
C TYR C 120 32.61 -4.23 9.79
N THR C 121 33.18 -5.37 10.15
CA THR C 121 34.50 -5.42 10.76
C THR C 121 35.34 -6.46 10.02
N GLN C 122 36.66 -6.37 10.24
CA GLN C 122 37.57 -7.32 9.62
C GLN C 122 37.31 -8.74 10.10
N GLU C 123 37.02 -8.91 11.39
CA GLU C 123 36.72 -10.22 11.93
C GLU C 123 35.46 -10.79 11.29
N GLN C 124 34.44 -9.95 11.09
CA GLN C 124 33.21 -10.43 10.47
C GLN C 124 33.45 -10.91 9.04
N LEU C 125 34.23 -10.15 8.27
CA LEU C 125 34.52 -10.54 6.89
C LEU C 125 35.31 -11.84 6.85
N TYR C 126 36.33 -11.97 7.69
CA TYR C 126 37.10 -13.21 7.74
C TYR C 126 36.23 -14.39 8.12
N GLN C 127 35.37 -14.19 9.13
CA GLN C 127 34.48 -15.27 9.56
C GLN C 127 33.52 -15.68 8.46
N ALA C 128 32.98 -14.71 7.72
CA ALA C 128 32.05 -15.02 6.64
C ALA C 128 32.74 -15.83 5.54
N ILE C 129 33.93 -15.39 5.12
CA ILE C 129 34.66 -16.09 4.05
C ILE C 129 34.98 -17.50 4.49
N PHE C 130 35.53 -17.65 5.70
CA PHE C 130 35.92 -18.97 6.18
C PHE C 130 34.70 -19.87 6.36
N TYR C 131 33.57 -19.30 6.83
CA TYR C 131 32.37 -20.10 6.98
C TYR C 131 31.90 -20.62 5.63
N ALA C 132 31.92 -19.78 4.61
CA ALA C 132 31.53 -20.23 3.28
C ALA C 132 32.40 -21.40 2.83
N VAL C 133 33.72 -21.26 2.98
CA VAL C 133 34.61 -22.31 2.49
C VAL C 133 34.47 -23.59 3.30
N ASP C 134 34.34 -23.47 4.63
CA ASP C 134 34.19 -24.65 5.48
C ASP C 134 32.89 -25.38 5.19
N GLN C 135 31.79 -24.64 5.03
CA GLN C 135 30.52 -25.26 4.70
C GLN C 135 30.60 -25.94 3.34
N TYR C 136 31.32 -25.33 2.40
CA TYR C 136 31.55 -26.00 1.12
C TYR C 136 32.27 -27.32 1.33
N LEU C 137 33.30 -27.33 2.18
CA LEU C 137 34.09 -28.54 2.36
C LEU C 137 33.30 -29.65 3.04
N ILE C 138 32.36 -29.31 3.93
CA ILE C 138 31.57 -30.32 4.61
C ILE C 138 30.16 -30.44 4.04
N LEU C 139 29.92 -29.89 2.85
CA LEU C 139 28.59 -29.94 2.21
C LEU C 139 27.95 -31.31 2.17
N PRO C 140 28.61 -32.38 1.71
CA PRO C 140 27.91 -33.68 1.66
C PRO C 140 27.45 -34.18 3.02
N GLU C 141 28.13 -33.75 4.08
CA GLU C 141 27.83 -34.20 5.43
C GLU C 141 26.64 -33.47 6.05
N ILE C 142 26.37 -32.25 5.61
CA ILE C 142 25.38 -31.39 6.24
C ILE C 142 24.17 -31.14 5.36
N SER C 143 24.37 -31.06 4.05
CA SER C 143 23.31 -30.57 3.17
C SER C 143 22.18 -31.59 3.04
N LEU C 144 20.96 -31.06 2.94
CA LEU C 144 19.79 -31.92 2.73
C LEU C 144 19.73 -32.43 1.29
N GLY C 145 20.10 -31.58 0.33
CA GLY C 145 20.11 -32.01 -1.05
C GLY C 145 21.34 -32.83 -1.39
N ARG C 146 21.21 -33.64 -2.44
CA ARG C 146 22.31 -34.47 -2.92
C ARG C 146 23.09 -33.68 -3.94
N TYR C 147 24.05 -32.89 -3.47
CA TYR C 147 24.88 -32.05 -4.32
C TYR C 147 26.18 -32.75 -4.63
N ALA C 148 26.73 -32.45 -5.80
CA ALA C 148 27.96 -33.05 -6.27
C ALA C 148 29.00 -31.96 -6.54
N TYR C 149 30.24 -32.28 -6.21
CA TYR C 149 31.32 -31.36 -6.45
C TYR C 149 31.71 -31.43 -7.91
N VAL C 150 31.74 -30.28 -8.56
CA VAL C 150 32.13 -30.21 -9.96
C VAL C 150 33.64 -29.98 -9.96
N ARG C 151 34.38 -31.08 -9.94
CA ARG C 151 35.84 -31.01 -9.88
C ARG C 151 36.39 -30.39 -11.15
N GLY C 152 37.15 -29.31 -11.01
CA GLY C 152 37.71 -28.64 -12.15
C GLY C 152 37.00 -27.34 -12.46
N GLY C 153 35.69 -27.33 -12.29
CA GLY C 153 34.92 -26.13 -12.55
C GLY C 153 34.85 -25.21 -11.35
N GLY C 154 35.69 -24.18 -11.34
CA GLY C 154 35.70 -23.19 -10.29
C GLY C 154 35.82 -21.79 -10.84
N GLY C 155 35.52 -21.64 -12.13
CA GLY C 155 35.60 -20.35 -12.78
C GLY C 155 36.91 -20.17 -13.53
N PRO C 156 37.01 -19.06 -14.28
CA PRO C 156 38.27 -18.79 -15.00
C PRO C 156 39.45 -18.61 -14.07
N TRP C 157 39.21 -18.11 -12.86
CA TRP C 157 40.30 -17.89 -11.92
C TRP C 157 40.81 -19.21 -11.35
N ALA C 158 40.08 -20.30 -11.57
CA ALA C 158 40.48 -21.60 -11.04
C ALA C 158 41.45 -22.30 -11.98
N ASN C 159 42.54 -22.82 -11.43
CA ASN C 159 43.50 -23.60 -12.19
C ASN C 159 43.23 -25.09 -12.01
N GLY C 160 42.05 -25.51 -12.49
CA GLY C 160 41.64 -26.89 -12.38
C GLY C 160 41.07 -27.28 -11.03
N SER C 161 40.96 -26.34 -10.10
CA SER C 161 40.39 -26.62 -8.79
C SER C 161 38.89 -26.34 -8.77
N ALA C 162 38.21 -26.91 -7.79
CA ALA C 162 36.76 -26.80 -7.71
C ALA C 162 36.27 -25.50 -7.11
N LEU C 163 36.98 -24.93 -6.14
CA LEU C 163 36.59 -23.67 -5.53
C LEU C 163 37.71 -22.66 -5.67
N ALA C 164 37.34 -21.42 -5.98
CA ALA C 164 38.29 -20.33 -6.15
C ALA C 164 37.94 -19.22 -5.17
N LEU C 165 38.85 -18.93 -4.25
CA LEU C 165 38.72 -17.82 -3.31
C LEU C 165 39.64 -16.72 -3.79
N CYS C 166 39.06 -15.72 -4.46
CA CYS C 166 39.83 -14.66 -5.12
C CYS C 166 39.67 -13.38 -4.31
N GLN C 167 40.76 -12.66 -4.13
CA GLN C 167 40.70 -11.29 -3.65
C GLN C 167 41.29 -10.37 -4.72
N ARG C 168 40.52 -9.37 -5.11
CA ARG C 168 40.97 -8.38 -6.07
C ARG C 168 41.17 -7.05 -5.38
N TYR C 169 42.36 -6.49 -5.58
CA TYR C 169 42.78 -5.24 -4.95
C TYR C 169 43.54 -4.41 -5.97
N TYR C 170 43.89 -3.18 -5.58
CA TYR C 170 44.64 -2.32 -6.46
C TYR C 170 46.08 -2.80 -6.57
N HIS C 171 46.71 -2.47 -7.70
CA HIS C 171 48.11 -2.83 -7.89
C HIS C 171 48.97 -2.27 -6.77
N ARG C 172 48.79 -1.00 -6.45
CA ARG C 172 49.29 -0.42 -5.21
C ARG C 172 48.30 0.62 -4.72
N GLY C 173 48.06 0.60 -3.41
CA GLY C 173 47.15 1.55 -2.79
C GLY C 173 47.74 1.98 -1.46
N HIS C 174 48.24 3.21 -1.36
CA HIS C 174 48.83 3.76 -0.14
C HIS C 174 47.84 4.77 0.43
N VAL C 175 46.68 4.31 0.86
CA VAL C 175 45.68 5.23 1.37
C VAL C 175 46.08 5.71 2.74
N ASP C 176 46.53 6.95 2.87
CA ASP C 176 46.87 7.53 4.18
C ASP C 176 45.98 8.74 4.38
N PRO C 177 44.73 8.55 4.78
CA PRO C 177 43.84 9.70 4.98
C PRO C 177 44.29 10.64 6.08
N ALA C 178 45.11 10.17 7.02
CA ALA C 178 45.58 11.03 8.10
C ALA C 178 46.42 12.17 7.55
N ASN C 179 47.29 11.88 6.60
CA ASN C 179 48.11 12.89 5.95
C ASN C 179 47.45 13.49 4.72
N ASP C 180 46.21 13.10 4.44
CA ASP C 180 45.46 13.58 3.27
C ASP C 180 46.22 13.27 1.99
N THR C 181 46.83 12.09 1.97
CA THR C 181 47.68 11.65 0.87
C THR C 181 47.28 10.23 0.49
N PHE C 182 47.17 9.98 -0.81
CA PHE C 182 47.02 8.63 -1.32
C PHE C 182 47.85 8.45 -2.57
N ASP C 183 48.30 7.21 -2.79
CA ASP C 183 49.08 6.86 -3.98
C ASP C 183 48.40 5.59 -4.47
N ILE C 184 47.67 5.66 -5.57
CA ILE C 184 46.85 4.55 -6.05
C ILE C 184 47.23 4.25 -7.50
N ASP C 185 47.48 2.99 -7.79
CA ASP C 185 47.60 2.49 -9.16
C ASP C 185 46.33 1.72 -9.47
N PRO C 186 45.47 2.21 -10.36
CA PRO C 186 44.15 1.60 -10.56
C PRO C 186 44.18 0.23 -11.22
N ARG C 187 45.33 -0.44 -11.38
CA ARG C 187 45.35 -1.76 -11.98
C ARG C 187 44.95 -2.80 -10.93
N VAL C 188 44.15 -3.78 -11.36
CA VAL C 188 43.51 -4.73 -10.48
C VAL C 188 44.33 -6.01 -10.45
N VAL C 189 44.88 -6.33 -9.29
CA VAL C 189 45.59 -7.58 -9.07
C VAL C 189 44.67 -8.56 -8.35
N THR C 190 44.71 -9.82 -8.76
CA THR C 190 43.84 -10.87 -8.25
C THR C 190 44.71 -11.97 -7.64
N ASP C 191 44.50 -12.22 -6.35
CA ASP C 191 45.19 -13.31 -5.67
C ASP C 191 44.16 -14.41 -5.52
N CYS C 192 44.42 -15.59 -6.05
CA CYS C 192 43.49 -16.71 -6.05
C CYS C 192 44.03 -17.83 -5.17
N ILE C 193 43.21 -18.27 -4.22
CA ILE C 193 43.48 -19.48 -3.46
C ILE C 193 42.59 -20.57 -4.02
N GLN C 194 43.20 -21.69 -4.40
CA GLN C 194 42.47 -22.77 -5.05
C GLN C 194 42.17 -23.85 -4.01
N VAL C 195 40.89 -24.05 -3.72
CA VAL C 195 40.43 -25.00 -2.72
C VAL C 195 39.81 -26.20 -3.43
N ASP C 196 40.16 -27.39 -2.96
CA ASP C 196 39.67 -28.63 -3.52
C ASP C 196 38.98 -29.47 -2.45
N PRO C 197 37.78 -29.97 -2.73
CA PRO C 197 37.14 -30.88 -1.80
C PRO C 197 37.94 -32.18 -1.70
N PRO C 198 37.96 -32.81 -0.53
CA PRO C 198 38.67 -34.09 -0.41
C PRO C 198 38.00 -35.18 -1.24
N ASP C 199 38.82 -36.11 -1.70
CA ASP C 199 38.30 -37.26 -2.43
C ASP C 199 37.78 -38.36 -1.51
N ARG C 200 37.90 -38.17 -0.20
CA ARG C 200 37.50 -39.14 0.83
C ARG C 200 37.89 -40.56 0.47
N ALA C 216 42.94 -25.11 6.05
CA ALA C 216 44.14 -25.56 5.35
C ALA C 216 44.93 -24.37 4.81
N SER C 217 45.00 -24.27 3.48
CA SER C 217 45.68 -23.13 2.87
C SER C 217 44.84 -21.87 2.96
N TYR C 218 43.55 -21.99 2.70
CA TYR C 218 42.69 -20.81 2.65
C TYR C 218 42.56 -20.12 4.00
N LYS C 219 42.90 -20.81 5.08
CA LYS C 219 42.91 -20.17 6.39
C LYS C 219 44.02 -19.15 6.53
N ASN C 220 44.99 -19.13 5.62
CA ASN C 220 46.06 -18.16 5.64
C ASN C 220 45.76 -16.92 4.80
N LEU C 221 44.50 -16.71 4.46
CA LEU C 221 44.13 -15.52 3.68
C LEU C 221 44.48 -14.26 4.44
N THR C 222 45.13 -13.32 3.73
CA THR C 222 45.51 -12.03 4.28
C THR C 222 44.90 -10.95 3.39
N LEU C 223 43.81 -10.35 3.85
CA LEU C 223 43.08 -9.38 3.06
C LEU C 223 43.72 -8.00 3.21
N LYS C 224 43.85 -7.30 2.09
CA LYS C 224 44.40 -5.94 2.08
C LYS C 224 43.24 -4.96 2.08
N PHE C 225 42.72 -4.70 3.27
CA PHE C 225 41.47 -3.95 3.41
C PHE C 225 41.60 -2.53 2.88
N HIS C 226 42.79 -1.93 3.00
CA HIS C 226 42.95 -0.55 2.56
C HIS C 226 42.83 -0.39 1.05
N LYS C 227 43.06 -1.46 0.29
CA LYS C 227 42.94 -1.39 -1.16
C LYS C 227 42.15 -2.56 -1.74
N LEU C 228 41.45 -3.33 -0.92
CA LEU C 228 40.65 -4.43 -1.42
C LEU C 228 39.48 -3.92 -2.25
N ILE C 229 39.37 -4.41 -3.47
CA ILE C 229 38.20 -4.12 -4.29
C ILE C 229 37.07 -5.10 -3.99
N ASN C 230 37.33 -6.40 -4.06
CA ASN C 230 36.31 -7.35 -3.64
C ASN C 230 36.94 -8.68 -3.30
N VAL C 231 36.15 -9.53 -2.65
CA VAL C 231 36.47 -10.93 -2.45
C VAL C 231 35.36 -11.74 -3.11
N THR C 232 35.73 -12.81 -3.79
CA THR C 232 34.76 -13.66 -4.45
C THR C 232 35.09 -15.13 -4.18
N ILE C 233 34.03 -15.92 -4.10
CA ILE C 233 34.15 -17.38 -4.01
C ILE C 233 33.35 -17.97 -5.15
N HIS C 234 34.02 -18.67 -6.05
CA HIS C 234 33.37 -19.33 -7.16
C HIS C 234 33.45 -20.84 -6.97
N PHE C 235 32.32 -21.51 -7.09
CA PHE C 235 32.34 -22.97 -7.21
C PHE C 235 31.11 -23.41 -7.98
N GLN C 236 31.02 -24.72 -8.22
CA GLN C 236 29.91 -25.27 -8.98
C GLN C 236 29.40 -26.51 -8.25
N LEU C 237 28.10 -26.75 -8.39
CA LEU C 237 27.45 -27.89 -7.75
C LEU C 237 26.51 -28.56 -8.72
N LYS C 238 26.55 -29.89 -8.77
CA LYS C 238 25.64 -30.65 -9.61
C LYS C 238 24.52 -31.23 -8.75
N THR C 239 23.32 -31.28 -9.32
CA THR C 239 22.19 -31.90 -8.66
C THR C 239 21.21 -32.39 -9.72
N ILE C 240 20.20 -33.14 -9.28
CA ILE C 240 19.19 -33.71 -10.16
C ILE C 240 17.82 -33.27 -9.67
N ASN C 241 17.01 -32.74 -10.58
CA ASN C 241 15.68 -32.23 -10.25
C ASN C 241 14.69 -33.39 -10.26
N LEU C 242 14.66 -34.13 -9.16
CA LEU C 242 13.86 -35.34 -9.10
C LEU C 242 12.36 -35.05 -9.17
N GLN C 243 11.95 -33.86 -8.75
CA GLN C 243 10.53 -33.53 -8.73
C GLN C 243 9.91 -33.56 -10.13
N SER C 244 10.73 -33.54 -11.17
CA SER C 244 10.22 -33.69 -12.53
C SER C 244 9.39 -34.96 -12.67
N LEU C 245 9.71 -35.99 -11.88
CA LEU C 245 8.98 -37.25 -11.97
C LEU C 245 7.50 -37.08 -11.67
N ILE C 246 7.09 -36.04 -10.94
CA ILE C 246 5.67 -35.87 -10.67
C ILE C 246 4.89 -35.56 -11.94
N ASN C 247 5.55 -35.09 -13.00
CA ASN C 247 4.89 -34.87 -14.28
C ASN C 247 5.33 -35.87 -15.33
N ASN C 248 5.84 -37.02 -14.91
CA ASN C 248 6.24 -38.10 -15.82
C ASN C 248 7.30 -37.62 -16.80
N GLU C 249 8.18 -36.75 -16.33
CA GLU C 249 9.36 -36.37 -17.10
C GLU C 249 10.59 -37.00 -16.49
N ILE C 250 11.67 -37.00 -17.26
CA ILE C 250 12.96 -37.51 -16.80
C ILE C 250 13.71 -36.36 -16.15
N PRO C 251 14.11 -36.49 -14.88
CA PRO C 251 14.87 -35.41 -14.24
C PRO C 251 16.17 -35.13 -14.97
N ASP C 252 16.55 -33.86 -15.00
CA ASP C 252 17.76 -33.41 -15.65
C ASP C 252 18.87 -33.17 -14.63
N CYS C 253 20.06 -32.87 -15.15
CA CYS C 253 21.18 -32.44 -14.33
C CYS C 253 21.26 -30.92 -14.34
N TYR C 254 21.27 -30.34 -13.15
CA TYR C 254 21.42 -28.90 -12.98
C TYR C 254 22.80 -28.64 -12.40
N THR C 255 23.60 -27.84 -13.10
CA THR C 255 24.88 -27.38 -12.61
C THR C 255 24.71 -25.92 -12.21
N PHE C 256 24.82 -25.65 -10.91
CA PHE C 256 24.73 -24.31 -10.37
C PHE C 256 26.14 -23.75 -10.24
N SER C 257 26.40 -22.64 -10.92
CA SER C 257 27.61 -21.87 -10.73
C SER C 257 27.32 -20.85 -9.64
N ILE C 258 27.92 -21.04 -8.48
CA ILE C 258 27.68 -20.20 -7.31
C ILE C 258 28.83 -19.22 -7.19
N LEU C 259 28.49 -17.93 -7.12
CA LEU C 259 29.44 -16.85 -6.94
C LEU C 259 29.01 -16.06 -5.72
N ILE C 260 29.86 -16.04 -4.69
CA ILE C 260 29.64 -15.26 -3.49
C ILE C 260 30.55 -14.04 -3.56
N THR C 261 29.95 -12.86 -3.50
CA THR C 261 30.69 -11.60 -3.61
C THR C 261 30.64 -10.86 -2.28
N PHE C 262 31.82 -10.53 -1.77
CA PHE C 262 32.02 -9.57 -0.70
C PHE C 262 32.52 -8.30 -1.37
N ASP C 263 31.64 -7.31 -1.49
CA ASP C 263 31.87 -6.19 -2.39
C ASP C 263 32.38 -5.00 -1.61
N ASN C 264 33.60 -4.58 -1.90
CA ASN C 264 34.21 -3.42 -1.25
C ASN C 264 34.45 -2.27 -2.22
N LYS C 265 33.76 -2.28 -3.36
CA LYS C 265 34.02 -1.27 -4.39
C LYS C 265 33.68 0.13 -3.90
N ALA C 266 32.78 0.25 -2.93
CA ALA C 266 32.47 1.56 -2.37
C ALA C 266 33.56 2.05 -1.42
N HIS C 267 34.34 1.12 -0.85
CA HIS C 267 35.40 1.46 0.12
C HIS C 267 34.82 2.31 1.21
N SER C 268 33.70 1.88 1.78
CA SER C 268 33.01 2.70 2.77
C SER C 268 32.84 2.05 4.13
N GLY C 269 33.65 1.04 4.44
CA GLY C 269 33.56 0.40 5.73
C GLY C 269 32.45 -0.63 5.82
N ARG C 270 31.61 -0.69 4.79
CA ARG C 270 30.51 -1.65 4.79
C ARG C 270 30.63 -2.48 3.52
N ILE C 271 30.81 -3.78 3.69
CA ILE C 271 31.01 -4.69 2.56
C ILE C 271 29.76 -5.54 2.39
N PRO C 272 28.91 -5.26 1.41
CA PRO C 272 27.76 -6.13 1.17
C PRO C 272 28.20 -7.52 0.75
N ILE C 273 27.45 -8.52 1.21
CA ILE C 273 27.73 -9.91 0.91
C ILE C 273 26.52 -10.48 0.18
N ARG C 274 26.76 -11.04 -1.00
CA ARG C 274 25.66 -11.57 -1.80
C ARG C 274 26.07 -12.90 -2.42
N LEU C 275 25.07 -13.71 -2.72
CA LEU C 275 25.27 -15.00 -3.38
C LEU C 275 24.42 -15.02 -4.64
N GLU C 276 25.02 -15.42 -5.75
CA GLU C 276 24.31 -15.55 -7.01
C GLU C 276 24.57 -16.94 -7.59
N THR C 277 23.59 -17.46 -8.32
CA THR C 277 23.72 -18.73 -9.00
C THR C 277 23.33 -18.58 -10.45
N LYS C 278 24.12 -19.17 -11.34
CA LYS C 278 23.77 -19.35 -12.73
C LYS C 278 23.48 -20.83 -12.95
N THR C 279 22.30 -21.14 -13.47
CA THR C 279 21.86 -22.51 -13.61
C THR C 279 22.07 -22.98 -15.04
N HIS C 280 22.68 -24.15 -15.19
CA HIS C 280 22.82 -24.80 -16.49
C HIS C 280 22.10 -26.15 -16.42
N ILE C 281 21.09 -26.34 -17.27
CA ILE C 281 20.29 -27.54 -17.27
C ILE C 281 20.68 -28.36 -18.48
N GLN C 282 20.94 -29.66 -18.26
CA GLN C 282 21.29 -30.53 -19.36
C GLN C 282 20.77 -31.93 -19.07
N GLU C 283 20.72 -32.75 -20.11
CA GLU C 283 20.23 -34.11 -19.98
C GLU C 283 21.15 -34.92 -19.09
N CYS C 284 20.56 -35.82 -18.30
CA CYS C 284 21.36 -36.74 -17.50
C CYS C 284 22.03 -37.77 -18.40
N LYS C 285 23.26 -38.13 -18.06
CA LYS C 285 24.04 -39.01 -18.92
C LYS C 285 23.47 -40.42 -18.94
N HIS C 286 23.17 -40.97 -17.76
CA HIS C 286 22.64 -42.33 -17.63
C HIS C 286 21.39 -42.28 -16.75
N PRO C 287 20.24 -41.91 -17.31
CA PRO C 287 19.02 -41.85 -16.52
C PRO C 287 18.26 -43.17 -16.55
N SER C 288 17.80 -43.58 -15.37
CA SER C 288 17.05 -44.82 -15.22
C SER C 288 15.81 -44.54 -14.37
N VAL C 289 14.63 -44.66 -14.99
CA VAL C 289 13.36 -44.47 -14.27
C VAL C 289 12.49 -45.69 -14.62
N SER C 290 11.76 -46.24 -13.64
CA SER C 290 10.87 -47.37 -13.89
C SER C 290 9.65 -46.98 -14.71
N ARG C 291 9.44 -45.70 -14.99
CA ARG C 291 8.45 -45.27 -15.97
C ARG C 291 7.03 -45.70 -15.61
N HIS C 292 6.48 -45.11 -14.54
CA HIS C 292 5.13 -45.40 -14.07
C HIS C 292 4.08 -44.63 -14.86
N GLY C 293 4.43 -44.15 -16.04
CA GLY C 293 3.51 -43.41 -16.88
C GLY C 293 4.26 -42.67 -17.97
N ASP C 294 3.50 -41.93 -18.77
CA ASP C 294 4.07 -41.14 -19.86
C ASP C 294 3.30 -39.83 -19.97
N ASN C 295 3.56 -39.10 -21.04
CA ASN C 295 2.91 -37.83 -21.31
C ASN C 295 2.27 -37.82 -22.69
N SER C 296 1.52 -38.87 -23.02
CA SER C 296 0.75 -38.88 -24.25
C SER C 296 -0.31 -37.79 -24.23
N PHE C 297 -0.80 -37.42 -23.04
CA PHE C 297 -1.76 -36.34 -22.91
C PHE C 297 -1.13 -35.01 -23.31
N ARG C 298 0.18 -34.85 -23.09
CA ARG C 298 0.88 -33.67 -23.57
C ARG C 298 1.03 -33.67 -25.09
N LEU C 299 1.50 -34.79 -25.65
CA LEU C 299 1.76 -34.86 -27.07
C LEU C 299 0.50 -34.73 -27.89
N LEU C 300 -0.61 -35.28 -27.41
CA LEU C 300 -1.88 -35.11 -28.10
C LEU C 300 -2.25 -33.64 -28.20
N PHE C 301 -2.20 -32.92 -27.10
CA PHE C 301 -2.54 -31.50 -27.11
C PHE C 301 -1.50 -30.66 -27.85
N ASP C 302 -0.29 -31.17 -28.06
CA ASP C 302 0.69 -30.44 -28.86
C ASP C 302 0.47 -30.64 -30.35
N VAL C 303 0.22 -31.87 -30.79
CA VAL C 303 -0.08 -32.08 -32.20
C VAL C 303 -1.41 -31.45 -32.57
N VAL C 304 -2.40 -31.46 -31.66
CA VAL C 304 -3.67 -30.79 -31.93
C VAL C 304 -3.46 -29.30 -32.08
N VAL C 305 -2.63 -28.70 -31.22
CA VAL C 305 -2.34 -27.27 -31.35
C VAL C 305 -1.67 -26.99 -32.70
N ILE C 306 -0.71 -27.81 -33.08
CA ILE C 306 -0.01 -27.59 -34.36
C ILE C 306 -1.00 -27.69 -35.52
N LEU C 307 -1.87 -28.70 -35.50
CA LEU C 307 -2.82 -28.87 -36.60
C LEU C 307 -3.81 -27.73 -36.65
N THR C 308 -4.35 -27.31 -35.50
CA THR C 308 -5.31 -26.22 -35.48
C THR C 308 -4.68 -24.93 -35.95
N CYS C 309 -3.45 -24.65 -35.51
CA CYS C 309 -2.79 -23.43 -35.93
C CYS C 309 -2.47 -23.44 -37.41
N SER C 310 -2.07 -24.59 -37.95
CA SER C 310 -1.81 -24.68 -39.39
C SER C 310 -3.09 -24.49 -40.20
N LEU C 311 -4.19 -25.07 -39.74
CA LEU C 311 -5.46 -24.88 -40.44
C LEU C 311 -5.91 -23.43 -40.38
N SER C 312 -5.74 -22.79 -39.23
CA SER C 312 -6.05 -21.37 -39.13
C SER C 312 -5.18 -20.56 -40.06
N PHE C 313 -3.90 -20.90 -40.15
CA PHE C 313 -3.00 -20.20 -41.04
C PHE C 313 -3.46 -20.33 -42.49
N LEU C 314 -3.84 -21.54 -42.90
CA LEU C 314 -4.30 -21.75 -44.27
C LEU C 314 -5.56 -20.94 -44.55
N LEU C 315 -6.56 -21.03 -43.67
CA LEU C 315 -7.82 -20.33 -43.91
C LEU C 315 -7.62 -18.82 -43.93
N CYS C 316 -6.81 -18.29 -43.00
CA CYS C 316 -6.59 -16.86 -42.97
C CYS C 316 -5.76 -16.39 -44.17
N ALA C 317 -4.79 -17.18 -44.61
CA ALA C 317 -4.03 -16.82 -45.80
C ALA C 317 -4.92 -16.81 -47.03
N ARG C 318 -5.83 -17.77 -47.13
CA ARG C 318 -6.81 -17.77 -48.21
C ARG C 318 -7.68 -16.52 -48.16
N SER C 319 -8.09 -16.11 -46.97
CA SER C 319 -8.91 -14.91 -46.85
C SER C 319 -8.12 -13.65 -47.22
N LEU C 320 -6.86 -13.60 -46.82
CA LEU C 320 -6.01 -12.48 -47.24
C LEU C 320 -5.85 -12.45 -48.76
N LEU C 321 -5.65 -13.61 -49.38
CA LEU C 321 -5.48 -13.65 -50.83
C LEU C 321 -6.74 -13.20 -51.55
N ARG C 322 -7.91 -13.69 -51.12
CA ARG C 322 -9.15 -13.26 -51.79
C ARG C 322 -9.42 -11.79 -51.52
N GLY C 323 -9.05 -11.29 -50.34
CA GLY C 323 -9.19 -9.87 -50.09
C GLY C 323 -8.33 -9.04 -51.01
N PHE C 324 -7.10 -9.49 -51.26
CA PHE C 324 -6.23 -8.80 -52.21
C PHE C 324 -6.81 -8.84 -53.62
N LEU C 325 -7.32 -10.00 -54.03
CA LEU C 325 -7.89 -10.12 -55.37
C LEU C 325 -9.11 -9.22 -55.53
N LEU C 326 -9.99 -9.18 -54.53
CA LEU C 326 -11.16 -8.32 -54.62
C LEU C 326 -10.78 -6.85 -54.55
N GLN C 327 -9.74 -6.51 -53.79
CA GLN C 327 -9.23 -5.14 -53.79
C GLN C 327 -8.75 -4.74 -55.17
N ASN C 328 -7.99 -5.61 -55.84
CA ASN C 328 -7.51 -5.27 -57.18
C ASN C 328 -8.67 -5.17 -58.16
N GLU C 329 -9.67 -6.05 -58.02
CA GLU C 329 -10.84 -6.02 -58.92
C GLU C 329 -11.64 -4.74 -58.71
N PHE C 330 -11.79 -4.31 -57.48
CA PHE C 330 -12.46 -3.05 -57.20
C PHE C 330 -11.66 -1.88 -57.74
N VAL C 331 -10.34 -1.91 -57.59
CA VAL C 331 -9.49 -0.83 -58.08
C VAL C 331 -9.64 -0.68 -59.59
N VAL C 332 -9.59 -1.80 -60.31
CA VAL C 332 -9.69 -1.70 -61.77
C VAL C 332 -11.10 -1.30 -62.18
N PHE C 333 -12.14 -1.79 -61.49
CA PHE C 333 -13.50 -1.39 -61.84
C PHE C 333 -13.70 0.10 -61.65
N MET C 334 -13.23 0.66 -60.55
CA MET C 334 -13.36 2.10 -60.32
C MET C 334 -12.40 2.92 -61.17
N TRP C 335 -11.33 2.30 -61.69
CA TRP C 335 -10.47 3.00 -62.62
C TRP C 335 -11.08 3.06 -64.02
N ARG C 336 -11.82 2.03 -64.43
CA ARG C 336 -12.56 2.12 -65.68
C ARG C 336 -13.78 3.04 -65.54
N ARG C 337 -14.45 3.00 -64.38
CA ARG C 337 -15.62 3.84 -64.17
C ARG C 337 -15.22 5.29 -63.88
N ARG C 338 -14.52 5.51 -62.77
CA ARG C 338 -14.04 6.83 -62.42
C ARG C 338 -12.64 7.05 -62.99
N GLY C 339 -11.93 8.06 -62.50
CA GLY C 339 -10.59 8.36 -62.97
C GLY C 339 -9.54 7.36 -62.55
N ARG C 340 -8.29 7.79 -62.56
CA ARG C 340 -7.15 6.96 -62.18
C ARG C 340 -6.47 7.50 -60.93
N GLU C 341 -5.70 6.62 -60.27
CA GLU C 341 -5.10 6.90 -58.97
C GLU C 341 -6.15 7.31 -57.94
N ILE C 342 -7.37 6.78 -58.12
CA ILE C 342 -8.46 7.06 -57.19
C ILE C 342 -8.21 6.38 -55.85
N SER C 343 -7.73 5.15 -55.92
CA SER C 343 -7.53 4.36 -54.70
C SER C 343 -6.45 4.88 -53.76
N LEU C 344 -6.81 5.10 -52.49
CA LEU C 344 -5.84 5.57 -51.51
C LEU C 344 -5.96 4.81 -50.19
N TRP C 345 -7.19 4.50 -49.78
CA TRP C 345 -7.37 3.85 -48.50
C TRP C 345 -8.28 2.63 -48.57
N GLU C 346 -9.06 2.53 -49.65
CA GLU C 346 -9.90 1.34 -49.82
C GLU C 346 -9.05 0.07 -49.80
N ARG C 347 -7.78 0.17 -50.21
CA ARG C 347 -6.88 -0.96 -50.11
C ARG C 347 -6.76 -1.45 -48.67
N LEU C 348 -6.57 -0.51 -47.74
CA LEU C 348 -6.45 -0.89 -46.33
C LEU C 348 -7.81 -1.21 -45.72
N GLU C 349 -8.89 -0.72 -46.32
CA GLU C 349 -10.21 -1.20 -45.92
C GLU C 349 -10.41 -2.65 -46.33
N PHE C 350 -9.74 -3.08 -47.41
CA PHE C 350 -9.91 -4.45 -47.88
C PHE C 350 -9.15 -5.44 -47.01
N VAL C 351 -7.96 -5.08 -46.56
CA VAL C 351 -7.16 -6.00 -45.75
C VAL C 351 -7.82 -6.16 -44.39
N ASN C 352 -7.95 -7.41 -43.94
CA ASN C 352 -8.52 -7.70 -42.63
C ASN C 352 -7.38 -7.78 -41.62
N GLY C 353 -7.28 -6.77 -40.76
CA GLY C 353 -6.23 -6.78 -39.75
C GLY C 353 -6.41 -7.89 -38.73
N TRP C 354 -7.65 -8.31 -38.48
CA TRP C 354 -7.88 -9.40 -37.55
C TRP C 354 -7.26 -10.69 -38.06
N TYR C 355 -7.35 -10.95 -39.36
CA TYR C 355 -6.76 -12.16 -39.91
C TYR C 355 -5.25 -12.09 -39.93
N ILE C 356 -4.69 -10.88 -40.11
CA ILE C 356 -3.26 -10.70 -39.94
C ILE C 356 -2.85 -11.04 -38.51
N LEU C 357 -3.63 -10.58 -37.54
CA LEU C 357 -3.35 -10.92 -36.15
C LEU C 357 -3.42 -12.42 -35.93
N LEU C 358 -4.43 -13.08 -36.50
CA LEU C 358 -4.56 -14.53 -36.34
C LEU C 358 -3.38 -15.26 -36.94
N VAL C 359 -2.93 -14.82 -38.12
CA VAL C 359 -1.76 -15.43 -38.76
C VAL C 359 -0.52 -15.28 -37.88
N THR C 360 -0.30 -14.06 -37.38
CA THR C 360 0.87 -13.83 -36.53
C THR C 360 0.78 -14.66 -35.25
N SER C 361 -0.40 -14.71 -34.64
CA SER C 361 -0.57 -15.43 -33.39
C SER C 361 -0.38 -16.93 -33.56
N ASP C 362 -0.87 -17.50 -34.67
CA ASP C 362 -0.66 -18.93 -34.86
C ASP C 362 0.77 -19.25 -35.29
N VAL C 363 1.46 -18.33 -35.97
CA VAL C 363 2.89 -18.50 -36.19
C VAL C 363 3.62 -18.54 -34.85
N LEU C 364 3.26 -17.63 -33.94
CA LEU C 364 3.85 -17.63 -32.61
C LEU C 364 3.54 -18.91 -31.86
N THR C 365 2.30 -19.40 -31.98
CA THR C 365 1.90 -20.62 -31.30
C THR C 365 2.65 -21.83 -31.84
N ILE C 366 2.84 -21.90 -33.16
CA ILE C 366 3.61 -22.99 -33.75
C ILE C 366 5.05 -22.94 -33.27
N SER C 367 5.64 -21.74 -33.25
CA SER C 367 7.02 -21.62 -32.77
C SER C 367 7.13 -22.02 -31.30
N GLY C 368 6.17 -21.59 -30.48
CA GLY C 368 6.20 -21.97 -29.08
C GLY C 368 6.01 -23.45 -28.86
N THR C 369 5.12 -24.07 -29.65
CA THR C 369 4.92 -25.51 -29.54
C THR C 369 6.16 -26.28 -29.98
N VAL C 370 6.83 -25.82 -31.03
CA VAL C 370 8.06 -26.49 -31.47
C VAL C 370 9.14 -26.36 -30.40
N MET C 371 9.28 -25.17 -29.81
CA MET C 371 10.23 -25.01 -28.72
C MET C 371 9.87 -25.91 -27.54
N LYS C 372 8.58 -26.01 -27.21
CA LYS C 372 8.14 -26.88 -26.13
C LYS C 372 8.50 -28.33 -26.41
N ILE C 373 8.20 -28.80 -27.62
CA ILE C 373 8.51 -30.18 -27.99
C ILE C 373 10.01 -30.44 -27.93
N GLY C 374 10.80 -29.48 -28.41
CA GLY C 374 12.24 -29.61 -28.26
C GLY C 374 12.69 -29.66 -26.81
N ILE C 375 11.99 -28.94 -25.94
CA ILE C 375 12.33 -28.95 -24.52
C ILE C 375 12.05 -30.33 -23.91
N GLU C 376 10.88 -30.90 -24.21
CA GLU C 376 10.61 -32.27 -23.74
C GLU C 376 11.55 -33.27 -24.38
N ALA C 377 11.91 -33.07 -25.65
CA ALA C 377 12.96 -33.87 -26.25
C ALA C 377 14.33 -33.56 -25.67
N LYS C 378 14.45 -32.47 -24.91
CA LYS C 378 15.67 -32.05 -24.23
C LYS C 378 16.76 -31.62 -25.21
N ASN C 379 16.40 -31.35 -26.46
CA ASN C 379 17.37 -30.77 -27.39
C ASN C 379 17.78 -29.38 -26.94
N LEU C 380 16.83 -28.57 -26.51
CA LEU C 380 17.11 -27.26 -25.96
C LEU C 380 16.33 -27.10 -24.66
N ALA C 381 16.92 -26.38 -23.70
CA ALA C 381 16.28 -26.13 -22.42
C ALA C 381 16.28 -24.63 -22.20
N SER C 382 15.30 -23.96 -22.80
CA SER C 382 15.12 -22.50 -22.67
C SER C 382 13.67 -22.30 -22.27
N TYR C 383 13.40 -22.40 -20.97
CA TYR C 383 12.02 -22.37 -20.50
C TYR C 383 11.44 -20.97 -20.55
N ASP C 384 12.28 -19.94 -20.37
CA ASP C 384 11.77 -18.58 -20.36
C ASP C 384 11.24 -18.17 -21.73
N VAL C 385 12.00 -18.43 -22.79
CA VAL C 385 11.58 -18.04 -24.13
C VAL C 385 10.33 -18.80 -24.54
N CYS C 386 10.30 -20.11 -24.27
CA CYS C 386 9.12 -20.90 -24.61
C CYS C 386 7.90 -20.42 -23.83
N SER C 387 8.08 -20.11 -22.55
CA SER C 387 6.98 -19.62 -21.74
C SER C 387 6.45 -18.30 -22.27
N ILE C 388 7.35 -17.39 -22.66
CA ILE C 388 6.92 -16.10 -23.20
C ILE C 388 6.17 -16.31 -24.50
N LEU C 389 6.68 -17.16 -25.38
CA LEU C 389 6.00 -17.43 -26.65
C LEU C 389 4.61 -18.00 -26.42
N LEU C 390 4.50 -19.01 -25.55
CA LEU C 390 3.21 -19.66 -25.32
C LEU C 390 2.22 -18.73 -24.66
N GLY C 391 2.66 -17.93 -23.68
CA GLY C 391 1.77 -16.99 -23.04
C GLY C 391 1.31 -15.89 -23.98
N THR C 392 2.23 -15.34 -24.78
CA THR C 392 1.85 -14.33 -25.75
C THR C 392 0.88 -14.89 -26.78
N SER C 393 1.11 -16.12 -27.23
CA SER C 393 0.18 -16.74 -28.17
C SER C 393 -1.17 -16.99 -27.53
N THR C 394 -1.20 -17.40 -26.26
CA THR C 394 -2.48 -17.59 -25.57
C THR C 394 -3.25 -16.30 -25.46
N LEU C 395 -2.57 -15.21 -25.10
CA LEU C 395 -3.22 -13.91 -25.05
C LEU C 395 -3.74 -13.51 -26.42
N LEU C 396 -2.95 -13.75 -27.47
CA LEU C 396 -3.36 -13.32 -28.79
C LEU C 396 -4.52 -14.16 -29.33
N VAL C 397 -4.55 -15.46 -29.02
CA VAL C 397 -5.68 -16.27 -29.47
C VAL C 397 -6.93 -15.93 -28.70
N TRP C 398 -6.80 -15.55 -27.43
CA TRP C 398 -7.99 -15.08 -26.70
C TRP C 398 -8.48 -13.76 -27.27
N VAL C 399 -7.57 -12.87 -27.66
CA VAL C 399 -7.98 -11.59 -28.23
C VAL C 399 -8.56 -11.77 -29.62
N GLY C 400 -8.06 -12.75 -30.39
CA GLY C 400 -8.48 -12.89 -31.78
C GLY C 400 -9.93 -13.27 -31.96
N VAL C 401 -10.57 -13.85 -30.94
CA VAL C 401 -11.98 -14.19 -31.02
C VAL C 401 -12.86 -12.94 -31.05
N ILE C 402 -12.28 -11.76 -30.84
CA ILE C 402 -13.03 -10.51 -30.98
C ILE C 402 -13.26 -10.14 -32.44
N ARG C 403 -12.61 -10.82 -33.39
CA ARG C 403 -12.89 -10.58 -34.80
C ARG C 403 -14.38 -10.69 -35.07
N TRP C 404 -14.99 -11.76 -34.57
CA TRP C 404 -16.40 -12.00 -34.88
C TRP C 404 -17.39 -11.17 -34.06
N LEU C 405 -16.87 -10.30 -33.20
CA LEU C 405 -17.73 -9.44 -32.40
C LEU C 405 -17.83 -8.06 -33.02
N THR C 406 -17.13 -7.87 -34.14
CA THR C 406 -17.12 -6.56 -34.79
C THR C 406 -18.36 -6.32 -35.61
N PHE C 407 -18.96 -7.39 -36.12
CA PHE C 407 -20.12 -7.26 -36.99
C PHE C 407 -21.34 -6.72 -36.25
N PHE C 408 -21.24 -6.62 -34.93
CA PHE C 408 -22.37 -6.17 -34.13
C PHE C 408 -21.95 -4.93 -33.37
N HIS C 409 -22.61 -3.80 -33.64
CA HIS C 409 -22.16 -2.55 -33.04
C HIS C 409 -22.37 -2.53 -31.53
N LYS C 410 -23.35 -3.27 -31.03
CA LYS C 410 -23.58 -3.30 -29.58
C LYS C 410 -22.46 -4.03 -28.86
N TYR C 411 -21.80 -4.98 -29.52
CA TYR C 411 -20.71 -5.74 -28.93
C TYR C 411 -19.35 -5.23 -29.36
N ASN C 412 -19.28 -4.12 -30.09
CA ASN C 412 -18.05 -3.61 -30.66
C ASN C 412 -17.70 -2.24 -30.12
N ILE C 413 -18.15 -1.92 -28.92
CA ILE C 413 -17.92 -0.59 -28.35
C ILE C 413 -16.42 -0.37 -28.15
N LEU C 414 -15.74 -1.35 -27.55
CA LEU C 414 -14.32 -1.18 -27.25
C LEU C 414 -13.49 -1.06 -28.51
N ILE C 415 -13.68 -1.98 -29.46
CA ILE C 415 -12.85 -1.98 -30.66
C ILE C 415 -13.10 -0.75 -31.51
N ALA C 416 -14.36 -0.37 -31.70
CA ALA C 416 -14.67 0.81 -32.49
C ALA C 416 -14.16 2.07 -31.82
N THR C 417 -14.29 2.17 -30.50
CA THR C 417 -13.78 3.35 -29.81
C THR C 417 -12.28 3.40 -30.02
N LEU C 418 -11.61 2.28 -29.83
CA LEU C 418 -10.16 2.25 -30.05
C LEU C 418 -9.80 2.72 -31.45
N ARG C 419 -10.43 2.15 -32.48
CA ARG C 419 -10.09 2.50 -33.85
C ARG C 419 -10.41 3.95 -34.16
N VAL C 420 -11.29 4.58 -33.39
CA VAL C 420 -11.55 6.01 -33.59
C VAL C 420 -10.62 6.89 -32.76
N ALA C 421 -10.23 6.44 -31.56
CA ALA C 421 -9.50 7.27 -30.63
C ALA C 421 -7.98 7.19 -30.78
N LEU C 422 -7.44 6.07 -31.28
CA LEU C 422 -5.99 5.94 -31.37
C LEU C 422 -5.28 7.07 -32.10
N PRO C 423 -5.77 7.60 -33.23
CA PRO C 423 -5.08 8.77 -33.81
C PRO C 423 -4.98 9.94 -32.85
N SER C 424 -6.10 10.36 -32.26
CA SER C 424 -6.06 11.48 -31.33
C SER C 424 -5.27 11.14 -30.08
N VAL C 425 -5.35 9.88 -29.62
CA VAL C 425 -4.59 9.46 -28.45
C VAL C 425 -3.10 9.56 -28.72
N MET C 426 -2.64 9.14 -29.90
CA MET C 426 -1.24 9.25 -30.24
C MET C 426 -0.81 10.71 -30.39
N ARG C 427 -1.65 11.54 -30.99
CA ARG C 427 -1.31 12.96 -31.10
C ARG C 427 -1.18 13.61 -29.73
N PHE C 428 -2.07 13.26 -28.79
CA PHE C 428 -1.98 13.76 -27.42
C PHE C 428 -0.73 13.22 -26.72
N CYS C 429 -0.42 11.94 -26.93
CA CYS C 429 0.74 11.35 -26.30
C CYS C 429 2.04 11.91 -26.85
N CYS C 430 2.05 12.45 -28.06
CA CYS C 430 3.26 13.10 -28.56
C CYS C 430 3.68 14.25 -27.66
N CYS C 431 2.71 15.08 -27.23
CA CYS C 431 3.01 16.16 -26.30
C CYS C 431 3.18 15.65 -24.87
N VAL C 432 2.46 14.59 -24.49
CA VAL C 432 2.57 14.08 -23.13
C VAL C 432 3.93 13.44 -22.89
N ALA C 433 4.49 12.78 -23.91
CA ALA C 433 5.68 11.96 -23.73
C ALA C 433 6.92 12.79 -23.43
N VAL C 434 7.03 13.98 -23.99
CA VAL C 434 8.21 14.80 -23.70
C VAL C 434 8.19 15.26 -22.24
N ILE C 435 7.03 15.65 -21.73
CA ILE C 435 6.92 16.00 -20.33
C ILE C 435 7.24 14.79 -19.46
N TYR C 436 6.69 13.63 -19.82
CA TYR C 436 6.92 12.43 -19.03
C TYR C 436 8.40 12.06 -19.01
N LEU C 437 9.07 12.15 -20.15
CA LEU C 437 10.48 11.78 -20.22
C LEU C 437 11.35 12.78 -19.49
N GLY C 438 11.04 14.07 -19.60
CA GLY C 438 11.78 15.06 -18.83
C GLY C 438 11.65 14.84 -17.34
N TYR C 439 10.43 14.56 -16.89
CA TYR C 439 10.22 14.23 -15.47
C TYR C 439 10.98 12.97 -15.09
N CYS C 440 10.97 11.95 -15.97
CA CYS C 440 11.66 10.71 -15.69
C CYS C 440 13.15 10.93 -15.48
N PHE C 441 13.79 11.63 -16.42
CA PHE C 441 15.23 11.85 -16.32
C PHE C 441 15.58 12.72 -15.13
N CYS C 442 14.80 13.79 -14.91
CA CYS C 442 15.06 14.68 -13.78
C CYS C 442 14.94 13.93 -12.46
N GLY C 443 13.87 13.16 -12.29
CA GLY C 443 13.70 12.42 -11.05
C GLY C 443 14.72 11.31 -10.88
N TRP C 444 15.09 10.65 -11.99
CA TRP C 444 16.06 9.57 -11.91
C TRP C 444 17.43 10.07 -11.46
N ILE C 445 17.85 11.23 -11.97
CA ILE C 445 19.19 11.69 -11.60
C ILE C 445 19.19 12.47 -10.30
N VAL C 446 18.19 13.30 -10.05
CA VAL C 446 18.21 14.13 -8.85
C VAL C 446 17.77 13.33 -7.63
N LEU C 447 16.63 12.64 -7.72
CA LEU C 447 16.09 11.89 -6.59
C LEU C 447 16.56 10.44 -6.56
N GLY C 448 17.27 9.98 -7.58
CA GLY C 448 17.73 8.61 -7.63
C GLY C 448 18.62 8.20 -6.48
N PRO C 449 19.64 9.01 -6.17
CA PRO C 449 20.50 8.68 -5.03
C PRO C 449 19.76 8.63 -3.70
N TYR C 450 18.68 9.39 -3.55
CA TYR C 450 18.02 9.52 -2.25
C TYR C 450 16.76 8.68 -2.13
N HIS C 451 15.98 8.57 -3.20
CA HIS C 451 14.68 7.91 -3.15
C HIS C 451 14.82 6.48 -3.62
N VAL C 452 14.27 5.55 -2.84
CA VAL C 452 14.38 4.13 -3.16
C VAL C 452 13.58 3.75 -4.40
N LYS C 453 12.57 4.54 -4.76
CA LYS C 453 11.75 4.27 -5.93
C LYS C 453 12.25 4.95 -7.18
N PHE C 454 13.38 5.65 -7.12
CA PHE C 454 13.94 6.35 -8.27
C PHE C 454 15.32 5.83 -8.64
N ARG C 455 15.66 4.60 -8.25
CA ARG C 455 17.03 4.11 -8.41
C ARG C 455 17.43 4.03 -9.87
N SER C 456 16.57 3.47 -10.72
CA SER C 456 16.90 3.24 -12.12
C SER C 456 15.82 3.84 -13.00
N LEU C 457 16.15 4.01 -14.29
CA LEU C 457 15.25 4.66 -15.22
C LEU C 457 13.94 3.89 -15.37
N SER C 458 14.03 2.56 -15.47
CA SER C 458 12.82 1.75 -15.52
C SER C 458 12.02 1.88 -14.23
N MET C 459 12.69 1.89 -13.08
CA MET C 459 12.00 2.06 -11.81
C MET C 459 11.36 3.43 -11.71
N VAL C 460 12.04 4.46 -12.21
CA VAL C 460 11.46 5.80 -12.23
C VAL C 460 10.21 5.82 -13.09
N SER C 461 10.28 5.19 -14.26
CA SER C 461 9.11 5.13 -15.13
C SER C 461 7.95 4.42 -14.45
N GLU C 462 8.23 3.30 -13.78
CA GLU C 462 7.17 2.58 -13.07
C GLU C 462 6.58 3.43 -11.96
N CYS C 463 7.43 4.13 -11.20
CA CYS C 463 6.95 4.97 -10.12
C CYS C 463 6.08 6.10 -10.63
N LEU C 464 6.51 6.77 -11.70
CA LEU C 464 5.71 7.87 -12.25
C LEU C 464 4.41 7.36 -12.87
N PHE C 465 4.46 6.22 -13.55
CA PHE C 465 3.25 5.66 -14.14
C PHE C 465 2.25 5.25 -13.06
N SER C 466 2.74 4.69 -11.95
CA SER C 466 1.87 4.38 -10.83
C SER C 466 1.33 5.64 -10.18
N LEU C 467 2.14 6.71 -10.11
CA LEU C 467 1.68 7.97 -9.55
C LEU C 467 0.57 8.57 -10.39
N ILE C 468 0.66 8.42 -11.71
CA ILE C 468 -0.40 8.91 -12.60
C ILE C 468 -1.73 8.29 -12.23
N ASN C 469 -1.73 7.07 -11.71
CA ASN C 469 -2.92 6.37 -11.28
C ASN C 469 -3.15 6.47 -9.78
N GLY C 470 -2.52 7.42 -9.12
CA GLY C 470 -2.73 7.64 -7.69
C GLY C 470 -2.33 6.47 -6.82
N ASP C 471 -1.21 5.84 -7.11
CA ASP C 471 -0.77 4.65 -6.38
C ASP C 471 0.58 4.91 -5.75
N ASP C 472 0.71 4.58 -4.45
CA ASP C 472 1.94 4.78 -3.69
C ASP C 472 2.37 6.23 -3.68
N MET C 473 1.41 7.15 -3.61
CA MET C 473 1.77 8.55 -3.47
C MET C 473 2.40 8.85 -2.11
N PHE C 474 1.75 8.42 -1.03
CA PHE C 474 2.29 8.75 0.28
C PHE C 474 3.59 8.02 0.55
N VAL C 475 3.78 6.82 0.00
CA VAL C 475 5.06 6.15 0.15
C VAL C 475 6.15 6.94 -0.57
N THR C 476 5.84 7.47 -1.74
CA THR C 476 6.81 8.29 -2.46
C THR C 476 7.16 9.55 -1.68
N PHE C 477 6.16 10.22 -1.11
CA PHE C 477 6.44 11.39 -0.29
C PHE C 477 7.22 11.03 0.97
N ALA C 478 6.85 9.92 1.62
CA ALA C 478 7.44 9.57 2.89
C ALA C 478 8.85 9.05 2.75
N ALA C 479 9.21 8.50 1.60
CA ALA C 479 10.58 8.07 1.38
C ALA C 479 11.54 9.24 1.49
N MET C 480 11.14 10.39 0.92
CA MET C 480 11.92 11.61 1.11
C MET C 480 11.75 12.18 2.50
N GLN C 481 10.54 12.09 3.06
CA GLN C 481 10.28 12.69 4.37
C GLN C 481 11.11 12.04 5.47
N ALA C 482 11.29 10.73 5.40
CA ALA C 482 11.93 9.99 6.49
C ALA C 482 13.39 10.40 6.67
N GLN C 483 14.02 10.88 5.60
CA GLN C 483 15.43 11.24 5.67
C GLN C 483 15.70 12.71 5.33
N GLN C 484 14.65 13.48 5.06
CA GLN C 484 14.79 14.89 4.66
C GLN C 484 15.77 15.04 3.50
N GLY C 485 16.05 13.95 2.79
CA GLY C 485 16.95 13.96 1.65
C GLY C 485 18.39 14.24 2.02
N HIS C 486 18.67 14.30 3.33
CA HIS C 486 19.97 14.70 3.86
C HIS C 486 20.41 16.05 3.32
N SER C 487 19.47 16.78 2.75
CA SER C 487 19.66 18.14 2.26
C SER C 487 18.27 18.75 2.14
N SER C 488 18.03 19.83 2.88
CA SER C 488 16.71 20.45 2.84
C SER C 488 16.37 20.94 1.44
N LEU C 489 17.39 21.29 0.67
CA LEU C 489 17.17 21.74 -0.70
C LEU C 489 16.62 20.60 -1.53
N VAL C 490 17.23 19.43 -1.43
CA VAL C 490 16.77 18.28 -2.20
C VAL C 490 15.37 17.89 -1.78
N TRP C 491 15.05 18.00 -0.48
CA TRP C 491 13.70 17.70 -0.04
C TRP C 491 12.69 18.69 -0.61
N LEU C 492 13.04 19.98 -0.63
CA LEU C 492 12.14 20.97 -1.22
C LEU C 492 11.95 20.72 -2.71
N PHE C 493 13.03 20.38 -3.40
CA PHE C 493 12.93 20.04 -4.82
C PHE C 493 12.03 18.83 -5.02
N SER C 494 12.16 17.82 -4.17
CA SER C 494 11.31 16.63 -4.28
C SER C 494 9.85 17.00 -4.07
N GLN C 495 9.57 17.87 -3.11
CA GLN C 495 8.20 18.33 -2.91
C GLN C 495 7.65 18.99 -4.17
N LEU C 496 8.41 19.94 -4.72
CA LEU C 496 7.95 20.64 -5.92
C LEU C 496 7.78 19.66 -7.08
N TYR C 497 8.75 18.77 -7.26
CA TYR C 497 8.73 17.81 -8.35
C TYR C 497 7.51 16.90 -8.27
N LEU C 498 7.29 16.28 -7.10
CA LEU C 498 6.19 15.34 -6.96
C LEU C 498 4.84 16.04 -7.05
N TYR C 499 4.69 17.18 -6.38
CA TYR C 499 3.41 17.88 -6.43
C TYR C 499 3.07 18.31 -7.84
N SER C 500 4.04 18.91 -8.55
CA SER C 500 3.79 19.35 -9.91
C SER C 500 3.47 18.18 -10.82
N PHE C 501 4.23 17.08 -10.71
CA PHE C 501 3.96 15.94 -11.57
C PHE C 501 2.59 15.37 -11.32
N ILE C 502 2.24 15.16 -10.05
CA ILE C 502 0.97 14.53 -9.74
C ILE C 502 -0.18 15.41 -10.21
N SER C 503 -0.12 16.71 -9.91
CA SER C 503 -1.17 17.61 -10.35
C SER C 503 -1.31 17.58 -11.86
N LEU C 504 -0.21 17.80 -12.58
CA LEU C 504 -0.27 17.92 -14.03
C LEU C 504 -0.72 16.63 -14.70
N PHE C 505 -0.37 15.47 -14.14
CA PHE C 505 -0.68 14.25 -14.86
C PHE C 505 -2.00 13.61 -14.42
N ILE C 506 -2.29 13.58 -13.13
CA ILE C 506 -3.58 13.07 -12.69
C ILE C 506 -4.69 14.02 -13.08
N TYR C 507 -4.59 15.28 -12.62
CA TYR C 507 -5.72 16.18 -12.76
C TYR C 507 -5.87 16.70 -14.18
N MET C 508 -4.76 16.96 -14.86
CA MET C 508 -4.85 17.56 -16.19
C MET C 508 -4.68 16.58 -17.32
N VAL C 509 -3.55 15.89 -17.38
CA VAL C 509 -3.29 15.03 -18.53
C VAL C 509 -4.28 13.88 -18.60
N LEU C 510 -4.50 13.21 -17.47
CA LEU C 510 -5.39 12.05 -17.47
C LEU C 510 -6.82 12.43 -17.79
N SER C 511 -7.26 13.60 -17.30
CA SER C 511 -8.61 14.06 -17.62
C SER C 511 -8.78 14.23 -19.12
N LEU C 512 -7.78 14.80 -19.78
CA LEU C 512 -7.87 15.00 -21.22
C LEU C 512 -7.84 13.68 -21.95
N PHE C 513 -7.03 12.74 -21.49
CA PHE C 513 -6.97 11.42 -22.12
C PHE C 513 -8.34 10.73 -22.05
N ILE C 514 -8.94 10.72 -20.87
CA ILE C 514 -10.27 10.12 -20.70
C ILE C 514 -11.29 10.87 -21.54
N ALA C 515 -11.15 12.20 -21.63
CA ALA C 515 -12.07 12.99 -22.44
C ALA C 515 -11.97 12.63 -23.91
N LEU C 516 -10.76 12.40 -24.42
CA LEU C 516 -10.58 12.01 -25.80
C LEU C 516 -11.22 10.65 -26.07
N ILE C 517 -11.01 9.70 -25.17
CA ILE C 517 -11.62 8.38 -25.35
C ILE C 517 -13.14 8.47 -25.31
N THR C 518 -13.67 9.25 -24.37
CA THR C 518 -15.11 9.40 -24.26
C THR C 518 -15.69 10.13 -25.47
N GLY C 519 -14.94 11.08 -26.03
CA GLY C 519 -15.41 11.75 -27.24
C GLY C 519 -15.46 10.81 -28.43
N ALA C 520 -14.47 9.92 -28.55
CA ALA C 520 -14.54 8.89 -29.59
C ALA C 520 -15.77 8.01 -29.39
N TYR C 521 -16.02 7.59 -28.14
CA TYR C 521 -17.21 6.78 -27.87
C TYR C 521 -18.48 7.53 -28.25
N ASP C 522 -18.54 8.82 -27.93
CA ASP C 522 -19.69 9.63 -28.29
C ASP C 522 -19.86 9.70 -29.80
N THR C 523 -18.75 9.77 -30.52
CA THR C 523 -18.80 9.75 -31.98
C THR C 523 -19.43 8.45 -32.48
N ILE C 524 -19.14 7.34 -31.82
CA ILE C 524 -19.64 6.06 -32.32
C ILE C 524 -20.84 5.55 -31.52
N LYS C 525 -21.42 6.39 -30.67
CA LYS C 525 -22.52 5.93 -29.81
C LYS C 525 -23.69 5.41 -30.64
N HIS C 526 -24.07 6.14 -31.65
CA HIS C 526 -25.16 5.62 -32.45
C HIS C 526 -24.63 4.89 -33.68
N PRO C 527 -25.26 3.75 -34.10
CA PRO C 527 -24.67 3.16 -35.31
C PRO C 527 -24.92 4.03 -36.54
N ASP D 40 -62.19 -1.93 -18.83
CA ASP D 40 -62.91 -1.75 -17.57
C ASP D 40 -62.09 -2.16 -16.36
N LEU D 41 -60.99 -2.89 -16.59
CA LEU D 41 -60.07 -3.28 -15.53
C LEU D 41 -58.89 -2.33 -15.45
N ARG D 42 -58.93 -1.23 -16.21
CA ARG D 42 -57.78 -0.34 -16.26
C ARG D 42 -57.46 0.25 -14.88
N ARG D 43 -58.49 0.47 -14.07
CA ARG D 43 -58.26 0.97 -12.71
C ARG D 43 -57.70 -0.13 -11.83
N ARG D 44 -58.07 -1.38 -12.07
CA ARG D 44 -57.44 -2.49 -11.35
C ARG D 44 -55.95 -2.54 -11.63
N LEU D 45 -55.56 -2.40 -12.89
CA LEU D 45 -54.15 -2.41 -13.26
C LEU D 45 -53.43 -1.22 -12.65
N LYS D 46 -54.11 -0.07 -12.59
CA LYS D 46 -53.56 1.08 -11.88
C LYS D 46 -53.34 0.76 -10.41
N TYR D 47 -54.30 0.07 -9.79
CA TYR D 47 -54.18 -0.26 -8.38
C TYR D 47 -53.02 -1.21 -8.13
N PHE D 48 -52.78 -2.14 -9.05
CA PHE D 48 -51.71 -3.10 -8.87
C PHE D 48 -50.33 -2.48 -9.05
N PHE D 49 -50.24 -1.23 -9.50
CA PHE D 49 -48.97 -0.66 -9.89
C PHE D 49 -48.75 0.70 -9.25
N MET D 50 -49.33 0.93 -8.08
CA MET D 50 -49.11 2.18 -7.36
C MET D 50 -48.46 1.91 -6.01
N SER D 51 -47.90 2.98 -5.44
CA SER D 51 -47.11 2.90 -4.23
C SER D 51 -48.00 2.59 -3.02
N PRO D 52 -47.40 2.11 -1.93
CA PRO D 52 -48.20 1.89 -0.70
C PRO D 52 -48.90 3.14 -0.22
N CYS D 53 -48.31 4.32 -0.41
CA CYS D 53 -49.02 5.56 -0.05
C CYS D 53 -50.24 5.75 -0.95
N ASP D 54 -50.08 5.51 -2.25
CA ASP D 54 -51.22 5.61 -3.15
C ASP D 54 -52.27 4.56 -2.82
N LYS D 55 -51.84 3.34 -2.50
CA LYS D 55 -52.79 2.29 -2.14
C LYS D 55 -53.53 2.65 -0.86
N PHE D 56 -52.84 3.28 0.09
CA PHE D 56 -53.50 3.71 1.32
C PHE D 56 -54.51 4.82 1.06
N ARG D 57 -54.17 5.75 0.16
CA ARG D 57 -55.08 6.83 -0.16
C ARG D 57 -56.27 6.36 -0.99
N ALA D 58 -56.08 5.27 -1.73
CA ALA D 58 -57.15 4.78 -2.60
C ALA D 58 -58.06 3.79 -1.87
N LYS D 59 -57.50 2.68 -1.42
CA LYS D 59 -58.28 1.60 -0.81
C LYS D 59 -58.07 1.49 0.69
N GLY D 60 -57.28 2.38 1.29
CA GLY D 60 -57.02 2.29 2.72
C GLY D 60 -56.27 1.05 3.15
N ARG D 61 -55.25 0.65 2.39
CA ARG D 61 -54.46 -0.54 2.69
C ARG D 61 -53.18 -0.11 3.39
N LYS D 62 -53.00 -0.58 4.61
CA LYS D 62 -51.78 -0.26 5.35
C LYS D 62 -50.58 -0.95 4.71
N PRO D 63 -49.42 -0.31 4.69
CA PRO D 63 -48.24 -0.95 4.10
C PRO D 63 -47.66 -2.02 5.00
N CYS D 64 -48.33 -3.18 5.04
CA CYS D 64 -47.88 -4.25 5.93
C CYS D 64 -46.49 -4.75 5.55
N LYS D 65 -46.23 -4.91 4.26
CA LYS D 65 -44.95 -5.48 3.84
C LYS D 65 -43.78 -4.53 4.11
N LEU D 66 -44.00 -3.22 4.03
CA LEU D 66 -42.90 -2.29 4.29
C LEU D 66 -42.46 -2.35 5.75
N MET D 67 -43.41 -2.23 6.68
CA MET D 67 -43.05 -2.31 8.09
C MET D 67 -42.57 -3.71 8.45
N LEU D 68 -43.11 -4.73 7.80
CA LEU D 68 -42.61 -6.09 8.01
C LEU D 68 -41.16 -6.21 7.56
N GLN D 69 -40.82 -5.56 6.45
CA GLN D 69 -39.43 -5.59 5.98
C GLN D 69 -38.51 -4.84 6.92
N VAL D 70 -38.97 -3.72 7.49
CA VAL D 70 -38.14 -2.99 8.44
C VAL D 70 -37.90 -3.83 9.70
N VAL D 71 -38.97 -4.46 10.20
CA VAL D 71 -38.83 -5.34 11.36
C VAL D 71 -37.90 -6.51 11.02
N LYS D 72 -38.02 -7.05 9.81
CA LYS D 72 -37.16 -8.14 9.39
C LYS D 72 -35.70 -7.70 9.35
N ILE D 73 -35.44 -6.51 8.84
CA ILE D 73 -34.07 -6.00 8.83
C ILE D 73 -33.52 -5.97 10.24
N LEU D 74 -34.29 -5.40 11.17
CA LEU D 74 -33.85 -5.32 12.56
C LEU D 74 -33.55 -6.70 13.12
N VAL D 75 -34.52 -7.62 13.02
CA VAL D 75 -34.38 -8.91 13.70
C VAL D 75 -33.30 -9.76 13.05
N VAL D 76 -33.19 -9.71 11.72
CA VAL D 76 -32.20 -10.52 11.03
C VAL D 76 -30.79 -10.00 11.32
N THR D 77 -30.61 -8.69 11.34
CA THR D 77 -29.29 -8.15 11.67
C THR D 77 -28.91 -8.50 13.10
N VAL D 78 -29.85 -8.38 14.04
CA VAL D 78 -29.57 -8.74 15.42
C VAL D 78 -29.22 -10.22 15.53
N GLN D 79 -29.97 -11.07 14.84
CA GLN D 79 -29.68 -12.51 14.86
C GLN D 79 -28.31 -12.81 14.28
N LEU D 80 -27.94 -12.10 13.21
CA LEU D 80 -26.61 -12.30 12.64
C LEU D 80 -25.52 -11.93 13.63
N ILE D 81 -25.69 -10.82 14.35
CA ILE D 81 -24.68 -10.42 15.34
C ILE D 81 -24.61 -11.44 16.48
N LEU D 82 -25.79 -11.89 16.96
CA LEU D 82 -25.83 -12.85 18.04
C LEU D 82 -25.16 -14.16 17.66
N PHE D 83 -25.40 -14.62 16.42
CA PHE D 83 -24.70 -15.81 15.97
C PHE D 83 -23.21 -15.56 15.79
N GLY D 84 -22.85 -14.36 15.34
CA GLY D 84 -21.46 -14.03 15.14
C GLY D 84 -20.65 -14.07 16.42
N LEU D 85 -21.29 -13.81 17.56
CA LEU D 85 -20.58 -13.97 18.83
C LEU D 85 -20.01 -15.39 18.98
N SER D 86 -20.87 -16.41 18.83
CA SER D 86 -20.42 -17.78 18.98
C SER D 86 -19.53 -18.22 17.83
N ASN D 87 -19.82 -17.73 16.62
CA ASN D 87 -18.97 -18.04 15.48
C ASN D 87 -17.55 -17.52 15.70
N GLN D 88 -17.43 -16.30 16.22
CA GLN D 88 -16.14 -15.74 16.54
C GLN D 88 -15.42 -16.55 17.60
N LEU D 89 -16.17 -17.00 18.63
CA LEU D 89 -15.52 -17.84 19.64
C LEU D 89 -14.96 -19.12 19.02
N VAL D 90 -15.71 -19.74 18.12
CA VAL D 90 -15.24 -20.99 17.51
C VAL D 90 -13.99 -20.74 16.67
N VAL D 91 -14.04 -19.74 15.81
CA VAL D 91 -12.89 -19.48 14.94
C VAL D 91 -11.68 -19.11 15.78
N THR D 92 -11.88 -18.23 16.76
CA THR D 92 -10.77 -17.83 17.62
C THR D 92 -10.15 -19.03 18.31
N PHE D 93 -10.98 -19.94 18.82
CA PHE D 93 -10.43 -21.11 19.49
C PHE D 93 -9.57 -21.92 18.54
N ARG D 94 -10.08 -22.16 17.32
CA ARG D 94 -9.29 -22.94 16.36
C ARG D 94 -7.97 -22.26 16.01
N GLU D 95 -8.04 -20.97 15.68
CA GLU D 95 -6.83 -20.26 15.26
C GLU D 95 -5.81 -20.18 16.40
N GLU D 96 -6.26 -19.87 17.60
CA GLU D 96 -5.34 -19.75 18.73
C GLU D 96 -4.71 -21.09 19.09
N ASN D 97 -5.50 -22.17 19.03
CA ASN D 97 -4.92 -23.48 19.28
C ASN D 97 -3.89 -23.83 18.22
N THR D 98 -4.15 -23.49 16.96
CA THR D 98 -3.17 -23.75 15.92
C THR D 98 -1.87 -22.98 16.16
N ILE D 99 -1.99 -21.71 16.56
CA ILE D 99 -0.80 -20.91 16.84
C ILE D 99 -0.03 -21.50 18.03
N ALA D 100 -0.75 -21.91 19.07
CA ALA D 100 -0.11 -22.52 20.22
C ALA D 100 0.60 -23.82 19.83
N PHE D 101 -0.03 -24.62 18.96
CA PHE D 101 0.61 -25.84 18.48
C PHE D 101 1.88 -25.53 17.71
N ARG D 102 1.84 -24.51 16.86
CA ARG D 102 3.03 -24.15 16.10
C ARG D 102 4.15 -23.69 17.01
N HIS D 103 3.81 -22.99 18.09
CA HIS D 103 4.86 -22.58 19.03
C HIS D 103 5.35 -23.74 19.89
N LEU D 104 4.50 -24.73 20.14
CA LEU D 104 4.89 -25.83 21.00
C LEU D 104 5.68 -26.90 20.27
N PHE D 105 5.40 -27.14 19.00
CA PHE D 105 5.95 -28.28 18.30
C PHE D 105 6.97 -27.94 17.23
N LEU D 106 7.11 -26.67 16.84
CA LEU D 106 8.05 -26.28 15.80
C LEU D 106 9.25 -25.60 16.46
N LEU D 107 10.44 -26.12 16.19
CA LEU D 107 11.65 -25.66 16.87
C LEU D 107 12.07 -24.30 16.34
N GLY D 108 12.28 -23.36 17.25
CA GLY D 108 12.69 -22.03 16.84
C GLY D 108 11.65 -21.26 16.07
N TYR D 109 10.40 -21.67 16.16
CA TYR D 109 9.33 -21.00 15.43
C TYR D 109 9.08 -19.60 15.99
N SER D 110 8.88 -18.65 15.09
CA SER D 110 8.45 -17.31 15.47
C SER D 110 7.33 -16.87 14.54
N ASP D 111 6.44 -16.04 15.08
CA ASP D 111 5.26 -15.62 14.33
C ASP D 111 5.67 -14.79 13.12
N GLY D 112 4.90 -14.92 12.04
CA GLY D 112 5.16 -14.20 10.82
C GLY D 112 6.14 -14.84 9.87
N SER D 113 6.68 -16.00 10.23
CA SER D 113 7.64 -16.71 9.40
C SER D 113 7.11 -18.07 8.97
N ASP D 114 5.79 -18.19 8.78
CA ASP D 114 5.22 -19.47 8.38
C ASP D 114 5.71 -19.88 7.01
N ASP D 115 5.79 -18.94 6.07
CA ASP D 115 6.18 -19.26 4.70
C ASP D 115 7.67 -19.54 4.56
N THR D 116 8.50 -18.93 5.41
CA THR D 116 9.94 -19.11 5.34
C THR D 116 10.47 -20.16 6.31
N PHE D 117 9.62 -20.75 7.13
CA PHE D 117 10.07 -21.75 8.09
C PHE D 117 10.54 -22.99 7.35
N ALA D 118 11.82 -23.33 7.49
CA ALA D 118 12.40 -24.44 6.75
C ALA D 118 13.66 -24.91 7.46
N ALA D 119 14.08 -26.11 7.10
CA ALA D 119 15.34 -26.69 7.54
C ALA D 119 16.29 -26.75 6.36
N TYR D 120 17.59 -26.55 6.63
CA TYR D 120 18.58 -26.50 5.57
C TYR D 120 19.73 -27.46 5.74
N THR D 121 19.87 -28.11 6.89
CA THR D 121 20.89 -29.12 7.11
C THR D 121 20.25 -30.35 7.71
N GLN D 122 20.98 -31.47 7.63
CA GLN D 122 20.48 -32.72 8.20
C GLN D 122 20.30 -32.60 9.70
N GLU D 123 21.23 -31.95 10.39
CA GLU D 123 21.12 -31.76 11.83
C GLU D 123 19.88 -30.94 12.17
N GLN D 124 19.60 -29.90 11.39
CA GLN D 124 18.41 -29.08 11.65
C GLN D 124 17.13 -29.88 11.51
N LEU D 125 17.05 -30.70 10.46
CA LEU D 125 15.86 -31.51 10.25
C LEU D 125 15.67 -32.53 11.38
N TYR D 126 16.75 -33.21 11.76
CA TYR D 126 16.67 -34.16 12.87
C TYR D 126 16.25 -33.47 14.15
N GLN D 127 16.83 -32.30 14.43
CA GLN D 127 16.49 -31.56 15.64
C GLN D 127 15.03 -31.14 15.64
N ALA D 128 14.52 -30.69 14.49
CA ALA D 128 13.12 -30.28 14.41
C ALA D 128 12.18 -31.45 14.67
N ILE D 129 12.44 -32.59 14.02
CA ILE D 129 11.58 -33.76 14.19
C ILE D 129 11.59 -34.21 15.64
N PHE D 130 12.79 -34.33 16.23
CA PHE D 130 12.90 -34.80 17.60
C PHE D 130 12.26 -33.81 18.57
N TYR D 131 12.41 -32.51 18.31
CA TYR D 131 11.79 -31.52 19.18
C TYR D 131 10.28 -31.64 19.15
N ALA D 132 9.70 -31.84 17.96
CA ALA D 132 8.26 -32.03 17.88
C ALA D 132 7.82 -33.22 18.71
N VAL D 133 8.51 -34.35 18.56
CA VAL D 133 8.09 -35.56 19.27
C VAL D 133 8.29 -35.42 20.78
N ASP D 134 9.41 -34.82 21.20
CA ASP D 134 9.66 -34.64 22.63
C ASP D 134 8.66 -33.70 23.27
N GLN D 135 8.36 -32.59 22.60
CA GLN D 135 7.35 -31.67 23.11
C GLN D 135 5.99 -32.34 23.18
N TYR D 136 5.68 -33.19 22.21
CA TYR D 136 4.46 -33.98 22.30
C TYR D 136 4.46 -34.86 23.55
N LEU D 137 5.58 -35.51 23.83
CA LEU D 137 5.63 -36.43 24.96
C LEU D 137 5.52 -35.70 26.30
N ILE D 138 6.03 -34.47 26.39
CA ILE D 138 5.96 -33.72 27.64
C ILE D 138 4.87 -32.64 27.60
N LEU D 139 3.95 -32.71 26.64
CA LEU D 139 2.87 -31.72 26.52
C LEU D 139 2.11 -31.44 27.81
N PRO D 140 1.60 -32.42 28.56
CA PRO D 140 0.83 -32.07 29.76
C PRO D 140 1.65 -31.29 30.79
N GLU D 141 2.97 -31.47 30.78
CA GLU D 141 3.84 -30.82 31.75
C GLU D 141 4.15 -29.37 31.40
N ILE D 142 4.08 -29.02 30.12
CA ILE D 142 4.54 -27.71 29.64
C ILE D 142 3.39 -26.85 29.15
N SER D 143 2.38 -27.46 28.54
CA SER D 143 1.38 -26.69 27.81
C SER D 143 0.48 -25.90 28.75
N LEU D 144 0.09 -24.71 28.31
CA LEU D 144 -0.84 -23.89 29.08
C LEU D 144 -2.26 -24.43 28.98
N GLY D 145 -2.65 -24.92 27.81
CA GLY D 145 -3.97 -25.49 27.65
C GLY D 145 -4.05 -26.91 28.18
N ARG D 146 -5.28 -27.31 28.52
CA ARG D 146 -5.54 -28.66 29.03
C ARG D 146 -5.84 -29.55 27.84
N TYR D 147 -4.78 -30.11 27.25
CA TYR D 147 -4.89 -30.97 26.09
C TYR D 147 -4.88 -32.43 26.53
N ALA D 148 -5.57 -33.26 25.75
CA ALA D 148 -5.69 -34.68 26.04
C ALA D 148 -5.14 -35.49 24.88
N TYR D 149 -4.47 -36.59 25.23
CA TYR D 149 -3.94 -37.47 24.22
C TYR D 149 -5.05 -38.33 23.68
N VAL D 150 -5.20 -38.34 22.36
CA VAL D 150 -6.21 -39.16 21.71
C VAL D 150 -5.55 -40.49 21.42
N ARG D 151 -5.61 -41.40 22.38
CA ARG D 151 -4.95 -42.70 22.26
C ARG D 151 -5.62 -43.50 21.15
N GLY D 152 -4.82 -43.93 20.17
CA GLY D 152 -5.35 -44.69 19.06
C GLY D 152 -5.44 -43.87 17.80
N GLY D 153 -5.81 -42.61 17.94
CA GLY D 153 -5.92 -41.74 16.78
C GLY D 153 -4.61 -41.08 16.42
N GLY D 154 -3.92 -41.63 15.44
CA GLY D 154 -2.68 -41.07 14.94
C GLY D 154 -2.63 -41.08 13.44
N GLY D 155 -3.78 -41.21 12.80
CA GLY D 155 -3.87 -41.24 11.36
C GLY D 155 -3.94 -42.66 10.81
N PRO D 156 -4.15 -42.77 9.49
CA PRO D 156 -4.18 -44.11 8.88
C PRO D 156 -2.86 -44.84 9.01
N TRP D 157 -1.75 -44.11 9.05
CA TRP D 157 -0.44 -44.74 9.16
C TRP D 157 -0.20 -45.29 10.56
N ALA D 158 -1.05 -44.92 11.52
CA ALA D 158 -0.89 -45.37 12.89
C ALA D 158 -1.55 -46.73 13.09
N ASN D 159 -0.83 -47.66 13.73
CA ASN D 159 -1.38 -48.96 14.08
C ASN D 159 -1.84 -48.96 15.54
N GLY D 160 -2.84 -48.14 15.80
CA GLY D 160 -3.38 -48.00 17.13
C GLY D 160 -2.60 -47.10 18.06
N SER D 161 -1.53 -46.49 17.58
CA SER D 161 -0.73 -45.58 18.39
C SER D 161 -1.21 -44.15 18.23
N ALA D 162 -0.83 -43.31 19.18
CA ALA D 162 -1.30 -41.93 19.21
C ALA D 162 -0.54 -41.00 18.29
N LEU D 163 0.77 -41.21 18.10
CA LEU D 163 1.57 -40.37 17.22
C LEU D 163 2.23 -41.25 16.16
N ALA D 164 2.24 -40.75 14.93
CA ALA D 164 2.85 -41.45 13.81
C ALA D 164 3.93 -40.57 13.20
N LEU D 165 5.18 -41.02 13.25
CA LEU D 165 6.31 -40.36 12.61
C LEU D 165 6.63 -41.13 11.35
N CYS D 166 6.18 -40.62 10.21
CA CYS D 166 6.29 -41.32 8.93
C CYS D 166 7.35 -40.64 8.09
N GLN D 167 8.18 -41.43 7.43
CA GLN D 167 9.03 -40.92 6.37
C GLN D 167 8.67 -41.63 5.07
N ARG D 168 8.39 -40.85 4.04
CA ARG D 168 8.07 -41.38 2.72
C ARG D 168 9.20 -41.05 1.77
N TYR D 169 9.69 -42.09 1.10
CA TYR D 169 10.82 -42.00 0.19
C TYR D 169 10.54 -42.87 -1.03
N TYR D 170 11.43 -42.80 -2.02
CA TYR D 170 11.27 -43.61 -3.20
C TYR D 170 11.57 -45.07 -2.90
N HIS D 171 10.98 -45.96 -3.69
CA HIS D 171 11.25 -47.39 -3.51
C HIS D 171 12.73 -47.68 -3.63
N ARG D 172 13.37 -47.14 -4.66
CA ARG D 172 14.82 -47.06 -4.73
C ARG D 172 15.20 -45.77 -5.43
N GLY D 173 16.22 -45.10 -4.87
CA GLY D 173 16.72 -43.86 -5.45
C GLY D 173 18.23 -43.86 -5.35
N HIS D 174 18.93 -44.04 -6.46
CA HIS D 174 20.39 -44.03 -6.52
C HIS D 174 20.84 -42.73 -7.15
N VAL D 175 20.59 -41.62 -6.50
CA VAL D 175 20.94 -40.33 -7.07
C VAL D 175 22.44 -40.13 -6.99
N ASP D 176 23.16 -40.24 -8.10
CA ASP D 176 24.60 -39.99 -8.13
C ASP D 176 24.85 -38.85 -9.11
N PRO D 177 24.62 -37.60 -8.70
CA PRO D 177 24.83 -36.48 -9.62
C PRO D 177 26.27 -36.33 -10.07
N ALA D 178 27.24 -36.86 -9.31
CA ALA D 178 28.63 -36.74 -9.70
C ALA D 178 28.89 -37.46 -11.02
N ASN D 179 28.32 -38.65 -11.18
CA ASN D 179 28.45 -39.41 -12.41
C ASN D 179 27.34 -39.09 -13.41
N ASP D 180 26.48 -38.13 -13.09
CA ASP D 180 25.35 -37.74 -13.94
C ASP D 180 24.45 -38.93 -14.21
N THR D 181 24.26 -39.75 -13.19
CA THR D 181 23.51 -41.00 -13.27
C THR D 181 22.54 -41.05 -12.10
N PHE D 182 21.31 -41.44 -12.38
CA PHE D 182 20.35 -41.76 -11.33
C PHE D 182 19.55 -42.98 -11.72
N ASP D 183 19.11 -43.73 -10.70
CA ASP D 183 18.29 -44.93 -10.89
C ASP D 183 17.17 -44.73 -9.89
N ILE D 184 15.96 -44.41 -10.34
CA ILE D 184 14.85 -44.06 -9.47
C ILE D 184 13.66 -44.96 -9.80
N ASP D 185 13.07 -45.56 -8.76
CA ASP D 185 11.79 -46.24 -8.86
C ASP D 185 10.75 -45.35 -8.20
N PRO D 186 9.83 -44.74 -8.96
CA PRO D 186 8.93 -43.73 -8.39
C PRO D 186 7.91 -44.28 -7.40
N ARG D 187 8.00 -45.52 -6.92
CA ARG D 187 7.04 -46.02 -5.95
C ARG D 187 7.41 -45.51 -4.56
N VAL D 188 6.39 -45.13 -3.79
CA VAL D 188 6.57 -44.44 -2.52
C VAL D 188 6.48 -45.45 -1.39
N VAL D 189 7.57 -45.63 -0.66
CA VAL D 189 7.62 -46.47 0.53
C VAL D 189 7.53 -45.58 1.75
N THR D 190 6.76 -46.03 2.75
CA THR D 190 6.50 -45.27 3.97
C THR D 190 6.98 -46.09 5.16
N ASP D 191 7.92 -45.51 5.92
CA ASP D 191 8.39 -46.15 7.15
C ASP D 191 7.73 -45.38 8.28
N CYS D 192 6.98 -46.05 9.13
CA CYS D 192 6.22 -45.43 10.21
C CYS D 192 6.81 -45.86 11.54
N ILE D 193 7.14 -44.87 12.38
CA ILE D 193 7.49 -45.11 13.77
C ILE D 193 6.28 -44.72 14.61
N GLN D 194 5.81 -45.64 15.44
CA GLN D 194 4.60 -45.42 16.22
C GLN D 194 4.99 -45.01 17.63
N VAL D 195 4.68 -43.78 18.01
CA VAL D 195 5.02 -43.22 19.31
C VAL D 195 3.76 -43.14 20.16
N ASP D 196 3.88 -43.56 21.43
CA ASP D 196 2.79 -43.56 22.37
C ASP D 196 3.14 -42.73 23.59
N PRO D 197 2.26 -41.83 24.02
CA PRO D 197 2.50 -41.12 25.27
C PRO D 197 2.44 -42.09 26.44
N PRO D 198 3.23 -41.85 27.48
CA PRO D 198 3.18 -42.73 28.66
C PRO D 198 1.83 -42.61 29.37
N ASP D 199 1.44 -43.72 29.99
CA ASP D 199 0.21 -43.74 30.78
C ASP D 199 0.42 -43.18 32.19
N ARG D 200 1.65 -42.80 32.53
CA ARG D 200 2.04 -42.28 33.84
C ARG D 200 1.39 -43.07 34.98
N ALA D 216 13.45 -42.57 22.74
CA ALA D 216 13.16 -44.00 22.80
C ALA D 216 13.42 -44.65 21.45
N SER D 217 12.35 -45.16 20.83
CA SER D 217 12.49 -45.76 19.50
C SER D 217 12.67 -44.69 18.43
N TYR D 218 11.90 -43.61 18.51
CA TYR D 218 11.92 -42.59 17.46
C TYR D 218 13.26 -41.87 17.37
N LYS D 219 14.09 -41.97 18.42
CA LYS D 219 15.42 -41.39 18.36
C LYS D 219 16.34 -42.16 17.41
N ASN D 220 15.94 -43.34 16.96
CA ASN D 220 16.72 -44.12 16.02
C ASN D 220 16.30 -43.88 14.57
N LEU D 221 15.58 -42.78 14.31
CA LEU D 221 15.18 -42.45 12.95
C LEU D 221 16.40 -42.27 12.06
N THR D 222 16.38 -42.91 10.89
CA THR D 222 17.44 -42.80 9.90
C THR D 222 16.81 -42.32 8.60
N LEU D 223 16.98 -41.04 8.30
CA LEU D 223 16.35 -40.43 7.13
C LEU D 223 17.20 -40.68 5.90
N LYS D 224 16.54 -41.03 4.80
CA LYS D 224 17.21 -41.25 3.52
C LYS D 224 17.10 -39.97 2.69
N PHE D 225 18.00 -39.04 2.96
CA PHE D 225 17.88 -37.70 2.40
C PHE D 225 17.97 -37.70 0.89
N HIS D 226 18.74 -38.62 0.31
CA HIS D 226 18.90 -38.63 -1.13
C HIS D 226 17.63 -39.00 -1.87
N LYS D 227 16.70 -39.69 -1.21
CA LYS D 227 15.44 -40.06 -1.84
C LYS D 227 14.23 -39.77 -0.96
N LEU D 228 14.39 -39.01 0.12
CA LEU D 228 13.27 -38.68 0.98
C LEU D 228 12.28 -37.79 0.25
N ILE D 229 11.03 -38.20 0.23
CA ILE D 229 9.95 -37.35 -0.29
C ILE D 229 9.44 -36.41 0.79
N ASN D 230 9.04 -36.95 1.93
CA ASN D 230 8.67 -36.07 3.04
C ASN D 230 8.74 -36.82 4.36
N VAL D 231 8.69 -36.04 5.44
CA VAL D 231 8.51 -36.56 6.78
C VAL D 231 7.23 -35.94 7.33
N THR D 232 6.44 -36.73 8.02
CA THR D 232 5.20 -36.24 8.59
C THR D 232 5.05 -36.75 10.02
N ILE D 233 4.43 -35.93 10.85
CA ILE D 233 4.07 -36.31 12.21
C ILE D 233 2.57 -36.08 12.35
N HIS D 234 1.83 -37.15 12.59
CA HIS D 234 0.40 -37.07 12.79
C HIS D 234 0.08 -37.40 14.24
N PHE D 235 -0.71 -36.53 14.88
CA PHE D 235 -1.30 -36.91 16.16
C PHE D 235 -2.60 -36.14 16.34
N GLN D 236 -3.28 -36.40 17.45
CA GLN D 236 -4.55 -35.76 17.72
C GLN D 236 -4.56 -35.29 19.18
N LEU D 237 -5.28 -34.21 19.42
CA LEU D 237 -5.37 -33.63 20.76
C LEU D 237 -6.81 -33.24 21.05
N LYS D 238 -7.29 -33.57 22.24
CA LYS D 238 -8.62 -33.18 22.66
C LYS D 238 -8.53 -31.98 23.60
N THR D 239 -9.51 -31.09 23.50
CA THR D 239 -9.60 -29.95 24.40
C THR D 239 -11.05 -29.51 24.49
N ILE D 240 -11.33 -28.60 25.41
CA ILE D 240 -12.68 -28.09 25.64
C ILE D 240 -12.66 -26.58 25.53
N ASN D 241 -13.57 -26.03 24.72
CA ASN D 241 -13.63 -24.59 24.47
C ASN D 241 -14.43 -23.93 25.59
N LEU D 242 -13.76 -23.69 26.71
CA LEU D 242 -14.43 -23.18 27.89
C LEU D 242 -14.99 -21.77 27.69
N GLN D 243 -14.38 -21.00 26.79
CA GLN D 243 -14.81 -19.63 26.58
C GLN D 243 -16.26 -19.54 26.10
N SER D 244 -16.82 -20.64 25.61
CA SER D 244 -18.23 -20.66 25.23
C SER D 244 -19.11 -20.21 26.40
N LEU D 245 -18.67 -20.46 27.63
CA LEU D 245 -19.45 -20.07 28.80
C LEU D 245 -19.74 -18.59 28.85
N ILE D 246 -18.91 -17.75 28.21
CA ILE D 246 -19.18 -16.31 28.25
C ILE D 246 -20.46 -15.96 27.51
N ASN D 247 -20.94 -16.83 26.62
CA ASN D 247 -22.22 -16.61 25.95
C ASN D 247 -23.29 -17.58 26.42
N ASN D 248 -23.13 -18.15 27.62
CA ASN D 248 -24.12 -19.05 28.21
C ASN D 248 -24.37 -20.26 27.33
N GLU D 249 -23.32 -20.73 26.66
CA GLU D 249 -23.39 -21.98 25.93
C GLU D 249 -22.59 -23.04 26.69
N ILE D 250 -22.82 -24.30 26.31
CA ILE D 250 -22.11 -25.43 26.87
C ILE D 250 -20.85 -25.65 26.03
N PRO D 251 -19.66 -25.61 26.63
CA PRO D 251 -18.45 -25.87 25.85
C PRO D 251 -18.47 -27.25 25.22
N ASP D 252 -17.90 -27.34 24.03
CA ASP D 252 -17.83 -28.59 23.27
C ASP D 252 -16.43 -29.20 23.39
N CYS D 253 -16.31 -30.40 22.84
CA CYS D 253 -15.03 -31.06 22.70
C CYS D 253 -14.48 -30.82 21.30
N TYR D 254 -13.26 -30.30 21.23
CA TYR D 254 -12.55 -30.09 19.98
C TYR D 254 -11.43 -31.10 19.88
N THR D 255 -11.44 -31.91 18.84
CA THR D 255 -10.35 -32.81 18.52
C THR D 255 -9.58 -32.22 17.36
N PHE D 256 -8.34 -31.82 17.62
CA PHE D 256 -7.45 -31.28 16.61
C PHE D 256 -6.60 -32.41 16.07
N SER D 257 -6.69 -32.65 14.76
CA SER D 257 -5.78 -33.53 14.06
C SER D 257 -4.63 -32.68 13.57
N ILE D 258 -3.46 -32.88 14.17
CA ILE D 258 -2.27 -32.08 13.88
C ILE D 258 -1.38 -32.89 12.96
N LEU D 259 -1.02 -32.29 11.83
CA LEU D 259 -0.11 -32.88 10.86
C LEU D 259 1.04 -31.90 10.64
N ILE D 260 2.24 -32.33 10.98
CA ILE D 260 3.46 -31.55 10.75
C ILE D 260 4.17 -32.15 9.55
N THR D 261 4.40 -31.34 8.54
CA THR D 261 5.02 -31.78 7.29
C THR D 261 6.39 -31.14 7.14
N PHE D 262 7.40 -31.98 6.97
CA PHE D 262 8.73 -31.59 6.50
C PHE D 262 8.78 -32.02 5.05
N ASP D 263 8.67 -31.05 4.14
CA ASP D 263 8.37 -31.33 2.75
C ASP D 263 9.66 -31.28 1.93
N ASN D 264 10.03 -32.41 1.35
CA ASN D 264 11.23 -32.51 0.52
C ASN D 264 10.88 -32.82 -0.93
N LYS D 265 9.63 -32.58 -1.34
CA LYS D 265 9.22 -32.95 -2.68
C LYS D 265 9.99 -32.18 -3.76
N ALA D 266 10.50 -30.99 -3.42
CA ALA D 266 11.30 -30.24 -4.38
C ALA D 266 12.71 -30.82 -4.52
N HIS D 267 13.18 -31.55 -3.50
CA HIS D 267 14.53 -32.12 -3.48
C HIS D 267 15.54 -31.03 -3.79
N SER D 268 15.42 -29.91 -3.10
CA SER D 268 16.28 -28.77 -3.41
C SER D 268 17.15 -28.28 -2.27
N GLY D 269 17.39 -29.12 -1.27
CA GLY D 269 18.24 -28.74 -0.16
C GLY D 269 17.52 -27.90 0.88
N ARG D 270 16.29 -27.50 0.58
CA ARG D 270 15.52 -26.70 1.52
C ARG D 270 14.21 -27.41 1.78
N ILE D 271 13.98 -27.78 3.02
CA ILE D 271 12.78 -28.54 3.39
C ILE D 271 11.86 -27.63 4.18
N PRO D 272 10.78 -27.13 3.59
CA PRO D 272 9.82 -26.34 4.36
C PRO D 272 9.16 -27.18 5.44
N ILE D 273 8.92 -26.54 6.58
CA ILE D 273 8.29 -27.19 7.72
C ILE D 273 7.00 -26.45 8.02
N ARG D 274 5.89 -27.18 8.05
CA ARG D 274 4.59 -26.56 8.29
C ARG D 274 3.78 -27.42 9.24
N LEU D 275 2.85 -26.78 9.93
CA LEU D 275 1.92 -27.46 10.82
C LEU D 275 0.50 -27.11 10.41
N GLU D 276 -0.35 -28.12 10.29
CA GLU D 276 -1.75 -27.92 9.96
C GLU D 276 -2.61 -28.65 10.97
N THR D 277 -3.80 -28.10 11.22
CA THR D 277 -4.76 -28.72 12.11
C THR D 277 -6.11 -28.82 11.41
N LYS D 278 -6.75 -29.97 11.56
CA LYS D 278 -8.15 -30.16 11.19
C LYS D 278 -8.94 -30.27 12.48
N THR D 279 -9.97 -29.44 12.63
CA THR D 279 -10.73 -29.37 13.86
C THR D 279 -12.03 -30.14 13.71
N HIS D 280 -12.32 -31.00 14.68
CA HIS D 280 -13.60 -31.71 14.75
C HIS D 280 -14.28 -31.30 16.05
N ILE D 281 -15.46 -30.70 15.95
CA ILE D 281 -16.20 -30.21 17.10
C ILE D 281 -17.35 -31.16 17.36
N GLN D 282 -17.51 -31.60 18.61
CA GLN D 282 -18.61 -32.48 18.95
C GLN D 282 -19.04 -32.20 20.38
N GLU D 283 -20.24 -32.67 20.71
CA GLU D 283 -20.79 -32.46 22.04
C GLU D 283 -19.94 -33.18 23.09
N CYS D 284 -19.81 -32.55 24.27
CA CYS D 284 -19.13 -33.20 25.37
C CYS D 284 -19.99 -34.34 25.91
N LYS D 285 -19.33 -35.43 26.30
CA LYS D 285 -20.07 -36.62 26.72
C LYS D 285 -20.78 -36.39 28.04
N HIS D 286 -20.09 -35.84 29.03
CA HIS D 286 -20.66 -35.59 30.35
C HIS D 286 -20.38 -34.14 30.75
N PRO D 287 -21.17 -33.20 30.24
CA PRO D 287 -20.96 -31.79 30.58
C PRO D 287 -21.74 -31.37 31.82
N SER D 288 -21.06 -30.64 32.69
CA SER D 288 -21.66 -30.16 33.93
C SER D 288 -21.33 -28.69 34.10
N VAL D 289 -22.35 -27.84 34.04
CA VAL D 289 -22.19 -26.39 34.23
C VAL D 289 -23.23 -25.96 35.25
N SER D 290 -22.88 -25.08 36.19
CA SER D 290 -23.83 -24.59 37.18
C SER D 290 -24.88 -23.66 36.59
N ARG D 291 -24.76 -23.30 35.30
CA ARG D 291 -25.83 -22.62 34.58
C ARG D 291 -26.24 -21.29 35.21
N HIS D 292 -25.34 -20.31 35.13
CA HIS D 292 -25.56 -18.97 35.65
C HIS D 292 -26.38 -18.10 34.71
N GLY D 293 -27.09 -18.73 33.78
CA GLY D 293 -27.92 -18.01 32.83
C GLY D 293 -28.30 -18.92 31.67
N ASP D 294 -29.02 -18.34 30.72
CA ASP D 294 -29.46 -19.07 29.53
C ASP D 294 -29.40 -18.13 28.34
N ASN D 295 -29.97 -18.57 27.23
CA ASN D 295 -30.01 -17.80 25.99
C ASN D 295 -31.44 -17.68 25.47
N SER D 296 -32.38 -17.34 26.37
CA SER D 296 -33.73 -17.03 25.92
C SER D 296 -33.76 -15.83 25.00
N PHE D 297 -32.82 -14.91 25.17
CA PHE D 297 -32.70 -13.76 24.28
C PHE D 297 -32.35 -14.19 22.87
N ARG D 298 -31.59 -15.28 22.72
CA ARG D 298 -31.31 -15.84 21.40
C ARG D 298 -32.55 -16.49 20.80
N LEU D 299 -33.22 -17.34 21.58
CA LEU D 299 -34.35 -18.09 21.05
C LEU D 299 -35.51 -17.17 20.69
N LEU D 300 -35.72 -16.10 21.45
CA LEU D 300 -36.76 -15.14 21.10
C LEU D 300 -36.49 -14.53 19.74
N PHE D 301 -35.27 -14.05 19.50
CA PHE D 301 -34.93 -13.46 18.24
C PHE D 301 -34.87 -14.47 17.11
N ASP D 302 -34.75 -15.77 17.41
CA ASP D 302 -34.79 -16.79 16.37
C ASP D 302 -36.21 -17.13 15.96
N VAL D 303 -37.11 -17.30 16.94
CA VAL D 303 -38.51 -17.55 16.59
C VAL D 303 -39.13 -16.32 15.94
N VAL D 304 -38.74 -15.11 16.38
CA VAL D 304 -39.25 -13.91 15.74
C VAL D 304 -38.78 -13.84 14.29
N VAL D 305 -37.52 -14.18 14.04
CA VAL D 305 -37.02 -14.19 12.66
C VAL D 305 -37.80 -15.19 11.82
N ILE D 306 -38.04 -16.39 12.37
CA ILE D 306 -38.78 -17.40 11.62
C ILE D 306 -40.19 -16.92 11.30
N LEU D 307 -40.87 -16.33 12.28
CA LEU D 307 -42.23 -15.86 12.08
C LEU D 307 -42.28 -14.74 11.06
N THR D 308 -41.37 -13.76 11.18
CA THR D 308 -41.36 -12.64 10.25
C THR D 308 -41.06 -13.11 8.83
N CYS D 309 -40.11 -14.03 8.68
CA CYS D 309 -39.77 -14.53 7.35
C CYS D 309 -40.92 -15.33 6.76
N SER D 310 -41.62 -16.12 7.57
CA SER D 310 -42.78 -16.87 7.06
C SER D 310 -43.90 -15.92 6.64
N LEU D 311 -44.15 -14.88 7.44
CA LEU D 311 -45.17 -13.91 7.07
C LEU D 311 -44.81 -13.17 5.78
N SER D 312 -43.54 -12.81 5.64
CA SER D 312 -43.09 -12.19 4.40
C SER D 312 -43.26 -13.13 3.22
N PHE D 313 -42.94 -14.42 3.43
CA PHE D 313 -43.11 -15.40 2.37
C PHE D 313 -44.58 -15.50 1.94
N LEU D 314 -45.49 -15.54 2.92
CA LEU D 314 -46.91 -15.62 2.59
C LEU D 314 -47.37 -14.39 1.81
N LEU D 315 -47.05 -13.20 2.32
CA LEU D 315 -47.50 -11.98 1.66
C LEU D 315 -46.92 -11.86 0.25
N CYS D 316 -45.63 -12.16 0.08
CA CYS D 316 -45.01 -12.06 -1.23
C CYS D 316 -45.56 -13.12 -2.18
N ALA D 317 -45.82 -14.33 -1.68
CA ALA D 317 -46.41 -15.36 -2.53
C ALA D 317 -47.81 -14.96 -2.98
N ARG D 318 -48.59 -14.35 -2.09
CA ARG D 318 -49.90 -13.82 -2.46
C ARG D 318 -49.77 -12.74 -3.53
N SER D 319 -48.77 -11.88 -3.41
CA SER D 319 -48.58 -10.84 -4.42
C SER D 319 -48.15 -11.42 -5.75
N LEU D 320 -47.30 -12.44 -5.73
CA LEU D 320 -46.94 -13.13 -6.97
C LEU D 320 -48.15 -13.78 -7.61
N LEU D 321 -49.00 -14.43 -6.81
CA LEU D 321 -50.18 -15.07 -7.35
C LEU D 321 -51.15 -14.06 -7.98
N ARG D 322 -51.41 -12.95 -7.29
CA ARG D 322 -52.31 -11.96 -7.86
C ARG D 322 -51.70 -11.31 -9.09
N GLY D 323 -50.37 -11.14 -9.10
CA GLY D 323 -49.73 -10.63 -10.29
C GLY D 323 -49.89 -11.56 -11.48
N PHE D 324 -49.76 -12.87 -11.23
CA PHE D 324 -49.99 -13.83 -12.30
C PHE D 324 -51.44 -13.79 -12.78
N LEU D 325 -52.39 -13.70 -11.85
CA LEU D 325 -53.80 -13.66 -12.24
C LEU D 325 -54.11 -12.41 -13.06
N LEU D 326 -53.60 -11.26 -12.63
CA LEU D 326 -53.83 -10.03 -13.39
C LEU D 326 -53.12 -10.05 -14.73
N GLN D 327 -51.94 -10.67 -14.80
CA GLN D 327 -51.27 -10.85 -16.09
C GLN D 327 -52.12 -11.69 -17.04
N ASN D 328 -52.68 -12.79 -16.55
CA ASN D 328 -53.53 -13.61 -17.41
C ASN D 328 -54.79 -12.86 -17.83
N GLU D 329 -55.36 -12.08 -16.92
CA GLU D 329 -56.57 -11.30 -17.21
C GLU D 329 -56.28 -10.24 -18.26
N PHE D 330 -55.15 -9.59 -18.15
CA PHE D 330 -54.73 -8.61 -19.16
C PHE D 330 -54.48 -9.29 -20.50
N VAL D 331 -53.84 -10.46 -20.48
CA VAL D 331 -53.55 -11.17 -21.73
C VAL D 331 -54.85 -11.52 -22.45
N VAL D 332 -55.83 -12.05 -21.72
CA VAL D 332 -57.07 -12.42 -22.37
C VAL D 332 -57.84 -11.18 -22.83
N PHE D 333 -57.83 -10.10 -22.04
CA PHE D 333 -58.53 -8.89 -22.45
C PHE D 333 -57.94 -8.33 -23.74
N MET D 334 -56.60 -8.27 -23.84
CA MET D 334 -55.99 -7.77 -25.05
C MET D 334 -56.05 -8.77 -26.19
N TRP D 335 -56.29 -10.05 -25.90
CA TRP D 335 -56.50 -11.02 -26.98
C TRP D 335 -57.91 -10.92 -27.55
N ARG D 336 -58.90 -10.60 -26.72
CA ARG D 336 -60.23 -10.32 -27.26
C ARG D 336 -60.27 -8.96 -27.96
N ARG D 337 -59.56 -7.96 -27.43
CA ARG D 337 -59.55 -6.64 -28.05
C ARG D 337 -58.65 -6.61 -29.27
N ARG D 338 -57.36 -6.83 -29.08
CA ARG D 338 -56.41 -6.87 -30.19
C ARG D 338 -56.27 -8.31 -30.68
N GLY D 339 -55.24 -8.58 -31.46
CA GLY D 339 -55.01 -9.90 -32.01
C GLY D 339 -54.57 -10.94 -31.00
N ARG D 340 -53.93 -12.00 -31.47
CA ARG D 340 -53.45 -13.08 -30.62
C ARG D 340 -51.93 -13.16 -30.67
N GLU D 341 -51.37 -13.83 -29.65
CA GLU D 341 -49.93 -13.89 -29.43
C GLU D 341 -49.33 -12.49 -29.32
N ILE D 342 -50.14 -11.54 -28.83
CA ILE D 342 -49.68 -10.17 -28.66
C ILE D 342 -48.68 -10.09 -27.52
N SER D 343 -48.96 -10.80 -26.44
CA SER D 343 -48.11 -10.74 -25.25
C SER D 343 -46.70 -11.30 -25.43
N LEU D 344 -45.70 -10.50 -25.09
CA LEU D 344 -44.31 -10.96 -25.20
C LEU D 344 -43.49 -10.56 -23.98
N TRP D 345 -43.74 -9.37 -23.45
CA TRP D 345 -42.94 -8.88 -22.33
C TRP D 345 -43.79 -8.34 -21.20
N GLU D 346 -45.04 -8.00 -21.47
CA GLU D 346 -45.93 -7.55 -20.41
C GLU D 346 -46.00 -8.58 -19.29
N ARG D 347 -45.82 -9.86 -19.62
CA ARG D 347 -45.78 -10.90 -18.59
C ARG D 347 -44.66 -10.62 -17.59
N LEU D 348 -43.47 -10.28 -18.08
CA LEU D 348 -42.36 -9.98 -17.19
C LEU D 348 -42.48 -8.60 -16.57
N GLU D 349 -43.25 -7.71 -17.19
CA GLU D 349 -43.58 -6.47 -16.51
C GLU D 349 -44.52 -6.72 -15.34
N PHE D 350 -45.32 -7.79 -15.41
CA PHE D 350 -46.26 -8.08 -14.34
C PHE D 350 -45.56 -8.69 -13.12
N VAL D 351 -44.58 -9.56 -13.35
CA VAL D 351 -43.89 -10.21 -12.24
C VAL D 351 -43.04 -9.18 -11.50
N ASN D 352 -43.14 -9.16 -10.18
CA ASN D 352 -42.35 -8.26 -9.36
C ASN D 352 -41.07 -8.97 -8.94
N GLY D 353 -39.95 -8.56 -9.54
CA GLY D 353 -38.68 -9.18 -9.19
C GLY D 353 -38.26 -8.92 -7.77
N TRP D 354 -38.67 -7.78 -7.21
CA TRP D 354 -38.37 -7.47 -5.82
C TRP D 354 -38.99 -8.49 -4.88
N TYR D 355 -40.22 -8.90 -5.15
CA TYR D 355 -40.88 -9.88 -4.30
C TYR D 355 -40.27 -11.26 -4.47
N ILE D 356 -39.78 -11.58 -5.68
CA ILE D 356 -39.02 -12.80 -5.87
C ILE D 356 -37.76 -12.76 -5.01
N LEU D 357 -37.07 -11.62 -4.99
CA LEU D 357 -35.90 -11.47 -4.16
C LEU D 357 -36.26 -11.64 -2.69
N LEU D 358 -37.37 -11.05 -2.25
CA LEU D 358 -37.77 -11.18 -0.85
C LEU D 358 -38.07 -12.62 -0.49
N VAL D 359 -38.74 -13.35 -1.39
CA VAL D 359 -39.04 -14.75 -1.15
C VAL D 359 -37.75 -15.56 -1.02
N THR D 360 -36.82 -15.35 -1.96
CA THR D 360 -35.56 -16.07 -1.90
C THR D 360 -34.78 -15.74 -0.62
N SER D 361 -34.76 -14.46 -0.26
CA SER D 361 -33.99 -14.02 0.90
C SER D 361 -34.58 -14.58 2.20
N ASP D 362 -35.91 -14.63 2.31
CA ASP D 362 -36.48 -15.18 3.52
C ASP D 362 -36.40 -16.70 3.56
N VAL D 363 -36.39 -17.37 2.40
CA VAL D 363 -36.07 -18.79 2.40
C VAL D 363 -34.66 -19.01 2.91
N LEU D 364 -33.72 -18.19 2.46
CA LEU D 364 -32.35 -18.28 2.95
C LEU D 364 -32.28 -18.00 4.44
N THR D 365 -33.03 -17.02 4.92
CA THR D 365 -33.02 -16.67 6.33
C THR D 365 -33.60 -17.80 7.18
N ILE D 366 -34.68 -18.43 6.70
CA ILE D 366 -35.25 -19.55 7.42
C ILE D 366 -34.26 -20.71 7.47
N SER D 367 -33.60 -21.00 6.35
CA SER D 367 -32.60 -22.06 6.34
C SER D 367 -31.45 -21.76 7.29
N GLY D 368 -30.97 -20.52 7.28
CA GLY D 368 -29.89 -20.15 8.18
C GLY D 368 -30.30 -20.20 9.64
N THR D 369 -31.53 -19.79 9.94
CA THR D 369 -32.02 -19.87 11.32
C THR D 369 -32.17 -21.31 11.77
N VAL D 370 -32.64 -22.19 10.89
CA VAL D 370 -32.76 -23.59 11.26
C VAL D 370 -31.38 -24.20 11.50
N MET D 371 -30.40 -23.88 10.63
CA MET D 371 -29.05 -24.35 10.86
C MET D 371 -28.49 -23.80 12.17
N LYS D 372 -28.76 -22.54 12.47
CA LYS D 372 -28.30 -21.95 13.73
C LYS D 372 -28.91 -22.68 14.93
N ILE D 373 -30.21 -22.91 14.90
CA ILE D 373 -30.89 -23.60 15.99
C ILE D 373 -30.33 -25.01 16.16
N GLY D 374 -30.09 -25.70 15.05
CA GLY D 374 -29.44 -27.01 15.13
C GLY D 374 -28.05 -26.93 15.72
N ILE D 375 -27.33 -25.84 15.46
CA ILE D 375 -25.99 -25.67 16.01
C ILE D 375 -26.06 -25.50 17.52
N GLU D 376 -26.97 -24.64 18.00
CA GLU D 376 -27.15 -24.53 19.45
C GLU D 376 -27.67 -25.82 20.06
N ALA D 377 -28.54 -26.54 19.36
CA ALA D 377 -28.92 -27.87 19.80
C ALA D 377 -27.77 -28.87 19.65
N LYS D 378 -26.70 -28.49 18.95
CA LYS D 378 -25.50 -29.30 18.75
C LYS D 378 -25.75 -30.53 17.91
N ASN D 379 -26.87 -30.57 17.18
CA ASN D 379 -27.08 -31.65 16.22
C ASN D 379 -26.05 -31.59 15.11
N LEU D 380 -25.78 -30.40 14.59
CA LEU D 380 -24.75 -30.20 13.59
C LEU D 380 -23.90 -29.01 14.02
N ALA D 381 -22.61 -29.07 13.69
CA ALA D 381 -21.68 -27.99 14.02
C ALA D 381 -20.98 -27.61 12.73
N SER D 382 -21.64 -26.77 11.93
CA SER D 382 -21.11 -26.26 10.66
C SER D 382 -21.26 -24.74 10.73
N TYR D 383 -20.30 -24.09 11.36
CA TYR D 383 -20.43 -22.65 11.60
C TYR D 383 -20.22 -21.84 10.33
N ASP D 384 -19.38 -22.34 9.41
CA ASP D 384 -19.10 -21.58 8.19
C ASP D 384 -20.35 -21.47 7.30
N VAL D 385 -21.03 -22.59 7.08
CA VAL D 385 -22.21 -22.57 6.21
C VAL D 385 -23.31 -21.72 6.83
N CYS D 386 -23.55 -21.88 8.13
CA CYS D 386 -24.57 -21.08 8.80
C CYS D 386 -24.23 -19.60 8.74
N SER D 387 -22.95 -19.26 8.96
CA SER D 387 -22.52 -17.87 8.90
C SER D 387 -22.74 -17.30 7.51
N ILE D 388 -22.40 -18.06 6.47
CA ILE D 388 -22.59 -17.59 5.11
C ILE D 388 -24.07 -17.37 4.82
N LEU D 389 -24.91 -18.32 5.22
CA LEU D 389 -26.35 -18.18 5.00
C LEU D 389 -26.89 -16.95 5.71
N LEU D 390 -26.54 -16.76 6.98
CA LEU D 390 -27.09 -15.65 7.73
C LEU D 390 -26.59 -14.30 7.21
N GLY D 391 -25.30 -14.22 6.85
CA GLY D 391 -24.79 -12.99 6.28
C GLY D 391 -25.39 -12.66 4.93
N THR D 392 -25.52 -13.66 4.07
CA THR D 392 -26.15 -13.44 2.77
C THR D 392 -27.60 -12.99 2.93
N SER D 393 -28.32 -13.62 3.88
CA SER D 393 -29.70 -13.22 4.13
C SER D 393 -29.78 -11.81 4.69
N THR D 394 -28.84 -11.44 5.57
CA THR D 394 -28.82 -10.08 6.11
C THR D 394 -28.60 -9.06 5.00
N LEU D 395 -27.64 -9.34 4.12
CA LEU D 395 -27.40 -8.45 2.99
C LEU D 395 -28.64 -8.35 2.10
N LEU D 396 -29.30 -9.48 1.86
CA LEU D 396 -30.46 -9.46 0.96
C LEU D 396 -31.65 -8.76 1.60
N VAL D 397 -31.84 -8.90 2.91
CA VAL D 397 -32.95 -8.20 3.54
C VAL D 397 -32.67 -6.71 3.61
N TRP D 398 -31.41 -6.31 3.76
CA TRP D 398 -31.10 -4.90 3.69
C TRP D 398 -31.32 -4.35 2.29
N VAL D 399 -30.98 -5.13 1.27
CA VAL D 399 -31.19 -4.69 -0.11
C VAL D 399 -32.68 -4.65 -0.46
N GLY D 400 -33.47 -5.58 0.09
CA GLY D 400 -34.87 -5.70 -0.29
C GLY D 400 -35.72 -4.51 0.07
N VAL D 401 -35.29 -3.70 1.04
CA VAL D 401 -36.04 -2.50 1.40
C VAL D 401 -35.99 -1.44 0.31
N ILE D 402 -35.18 -1.65 -0.73
CA ILE D 402 -35.17 -0.76 -1.88
C ILE D 402 -36.37 -0.97 -2.79
N ARG D 403 -37.15 -2.02 -2.57
CA ARG D 403 -38.38 -2.19 -3.34
C ARG D 403 -39.24 -0.94 -3.25
N TRP D 404 -39.43 -0.44 -2.04
CA TRP D 404 -40.33 0.70 -1.85
C TRP D 404 -39.74 2.06 -2.23
N LEU D 405 -38.50 2.06 -2.71
CA LEU D 405 -37.85 3.31 -3.13
C LEU D 405 -37.95 3.47 -4.63
N THR D 406 -38.56 2.48 -5.30
CA THR D 406 -38.66 2.53 -6.75
C THR D 406 -39.78 3.44 -7.23
N PHE D 407 -40.81 3.59 -6.41
CA PHE D 407 -41.96 4.40 -6.80
C PHE D 407 -41.62 5.86 -6.93
N PHE D 408 -40.42 6.25 -6.50
CA PHE D 408 -40.04 7.65 -6.54
C PHE D 408 -38.79 7.77 -7.39
N HIS D 409 -38.90 8.53 -8.49
CA HIS D 409 -37.78 8.58 -9.43
C HIS D 409 -36.57 9.29 -8.83
N LYS D 410 -36.78 10.21 -7.88
CA LYS D 410 -35.65 10.90 -7.27
C LYS D 410 -34.84 9.97 -6.39
N TYR D 411 -35.47 8.95 -5.83
CA TYR D 411 -34.80 7.98 -4.96
C TYR D 411 -34.45 6.69 -5.68
N ASN D 412 -34.66 6.63 -6.99
CA ASN D 412 -34.50 5.40 -7.76
C ASN D 412 -33.43 5.54 -8.83
N ILE D 413 -32.47 6.44 -8.61
CA ILE D 413 -31.44 6.69 -9.61
C ILE D 413 -30.61 5.44 -9.83
N LEU D 414 -30.15 4.81 -8.74
CA LEU D 414 -29.28 3.65 -8.86
C LEU D 414 -30.00 2.48 -9.52
N ILE D 415 -31.20 2.14 -9.05
CA ILE D 415 -31.89 0.97 -9.56
C ILE D 415 -32.28 1.17 -11.02
N ALA D 416 -32.81 2.35 -11.36
CA ALA D 416 -33.21 2.60 -12.74
C ALA D 416 -32.00 2.63 -13.65
N THR D 417 -30.88 3.22 -13.22
CA THR D 417 -29.70 3.22 -14.06
C THR D 417 -29.26 1.79 -14.29
N LEU D 418 -29.23 1.00 -13.22
CA LEU D 418 -28.85 -0.40 -13.37
C LEU D 418 -29.74 -1.10 -14.38
N ARG D 419 -31.06 -0.99 -14.22
CA ARG D 419 -31.98 -1.70 -15.10
C ARG D 419 -31.88 -1.21 -16.54
N VAL D 420 -31.36 -0.01 -16.76
CA VAL D 420 -31.14 0.45 -18.13
C VAL D 420 -29.76 0.07 -18.66
N ALA D 421 -28.74 0.03 -17.80
CA ALA D 421 -27.36 -0.16 -18.23
C ALA D 421 -26.93 -1.61 -18.32
N LEU D 422 -27.52 -2.51 -17.54
CA LEU D 422 -27.07 -3.90 -17.53
C LEU D 422 -27.03 -4.56 -18.90
N PRO D 423 -28.00 -4.39 -19.80
CA PRO D 423 -27.82 -4.97 -21.15
C PRO D 423 -26.57 -4.50 -21.85
N SER D 424 -26.36 -3.19 -21.93
CA SER D 424 -25.16 -2.66 -22.58
C SER D 424 -23.90 -3.04 -21.82
N VAL D 425 -23.98 -3.08 -20.49
CA VAL D 425 -22.83 -3.46 -19.68
C VAL D 425 -22.43 -4.91 -19.98
N MET D 426 -23.40 -5.80 -20.09
CA MET D 426 -23.10 -7.19 -20.41
C MET D 426 -22.56 -7.33 -21.83
N ARG D 427 -23.11 -6.57 -22.78
CA ARG D 427 -22.59 -6.64 -24.13
C ARG D 427 -21.14 -6.15 -24.19
N PHE D 428 -20.82 -5.10 -23.44
CA PHE D 428 -19.44 -4.61 -23.37
C PHE D 428 -18.54 -5.63 -22.68
N CYS D 429 -19.03 -6.24 -21.60
CA CYS D 429 -18.24 -7.24 -20.89
C CYS D 429 -18.00 -8.49 -21.70
N CYS D 430 -18.85 -8.80 -22.68
CA CYS D 430 -18.58 -9.94 -23.54
C CYS D 430 -17.25 -9.77 -24.26
N CYS D 431 -16.99 -8.57 -24.79
CA CYS D 431 -15.70 -8.30 -25.43
C CYS D 431 -14.59 -8.08 -24.40
N VAL D 432 -14.91 -7.52 -23.25
CA VAL D 432 -13.88 -7.26 -22.24
C VAL D 432 -13.36 -8.57 -21.65
N ALA D 433 -14.23 -9.56 -21.48
CA ALA D 433 -13.90 -10.75 -20.73
C ALA D 433 -12.87 -11.61 -21.44
N VAL D 434 -12.90 -11.67 -22.77
CA VAL D 434 -11.90 -12.47 -23.48
C VAL D 434 -10.51 -11.87 -23.31
N ILE D 435 -10.40 -10.54 -23.40
CA ILE D 435 -9.12 -9.89 -23.15
C ILE D 435 -8.67 -10.15 -21.72
N TYR D 436 -9.59 -10.01 -20.77
CA TYR D 436 -9.24 -10.20 -19.37
C TYR D 436 -8.76 -11.62 -19.11
N LEU D 437 -9.44 -12.61 -19.69
CA LEU D 437 -9.08 -14.00 -19.46
C LEU D 437 -7.76 -14.35 -20.15
N GLY D 438 -7.54 -13.83 -21.36
CA GLY D 438 -6.25 -14.04 -22.00
C GLY D 438 -5.11 -13.46 -21.19
N TYR D 439 -5.29 -12.25 -20.68
CA TYR D 439 -4.29 -11.65 -19.81
C TYR D 439 -4.10 -12.47 -18.55
N CYS D 440 -5.19 -12.98 -17.98
CA CYS D 440 -5.11 -13.77 -16.76
C CYS D 440 -4.27 -15.03 -16.98
N PHE D 441 -4.59 -15.79 -18.02
CA PHE D 441 -3.86 -17.03 -18.27
C PHE D 441 -2.39 -16.76 -18.62
N CYS D 442 -2.15 -15.75 -19.47
CA CYS D 442 -0.78 -15.42 -19.85
C CYS D 442 0.04 -15.01 -18.63
N GLY D 443 -0.50 -14.13 -17.79
CA GLY D 443 0.23 -13.72 -16.60
C GLY D 443 0.40 -14.82 -15.59
N TRP D 444 -0.62 -15.67 -15.45
CA TRP D 444 -0.55 -16.77 -14.49
C TRP D 444 0.55 -17.76 -14.86
N ILE D 445 0.68 -18.07 -16.13
CA ILE D 445 1.66 -19.09 -16.50
C ILE D 445 3.05 -18.49 -16.70
N VAL D 446 3.15 -17.30 -17.30
CA VAL D 446 4.47 -16.74 -17.58
C VAL D 446 5.06 -16.08 -16.34
N LEU D 447 4.30 -15.23 -15.67
CA LEU D 447 4.79 -14.50 -14.50
C LEU D 447 4.51 -15.22 -13.20
N GLY D 448 3.76 -16.31 -13.21
CA GLY D 448 3.42 -17.03 -12.02
C GLY D 448 4.61 -17.56 -11.23
N PRO D 449 5.55 -18.21 -11.92
CA PRO D 449 6.76 -18.68 -11.22
C PRO D 449 7.58 -17.57 -10.60
N TYR D 450 7.55 -16.37 -11.16
CA TYR D 450 8.44 -15.29 -10.73
C TYR D 450 7.76 -14.27 -9.84
N HIS D 451 6.51 -13.94 -10.10
CA HIS D 451 5.81 -12.87 -9.40
C HIS D 451 4.97 -13.46 -8.28
N VAL D 452 5.10 -12.88 -7.09
CA VAL D 452 4.39 -13.39 -5.92
C VAL D 452 2.88 -13.16 -6.03
N LYS D 453 2.45 -12.19 -6.83
CA LYS D 453 1.03 -11.88 -7.00
C LYS D 453 0.39 -12.64 -8.15
N PHE D 454 1.14 -13.50 -8.83
CA PHE D 454 0.62 -14.26 -9.96
C PHE D 454 0.67 -15.76 -9.72
N ARG D 455 0.71 -16.19 -8.45
CA ARG D 455 0.94 -17.60 -8.16
C ARG D 455 -0.18 -18.49 -8.69
N SER D 456 -1.43 -18.11 -8.46
CA SER D 456 -2.57 -18.92 -8.82
C SER D 456 -3.55 -18.11 -9.66
N LEU D 457 -4.45 -18.82 -10.35
CA LEU D 457 -5.37 -18.16 -11.26
C LEU D 457 -6.28 -17.18 -10.53
N SER D 458 -6.79 -17.57 -9.36
CA SER D 458 -7.59 -16.66 -8.56
C SER D 458 -6.76 -15.46 -8.12
N MET D 459 -5.52 -15.68 -7.71
CA MET D 459 -4.65 -14.58 -7.31
C MET D 459 -4.34 -13.67 -8.50
N VAL D 460 -4.14 -14.24 -9.68
CA VAL D 460 -3.93 -13.43 -10.88
C VAL D 460 -5.15 -12.59 -11.17
N SER D 461 -6.34 -13.18 -11.05
CA SER D 461 -7.55 -12.41 -11.27
C SER D 461 -7.67 -11.26 -10.28
N GLU D 462 -7.38 -11.52 -9.01
CA GLU D 462 -7.45 -10.46 -8.00
C GLU D 462 -6.43 -9.37 -8.30
N CYS D 463 -5.21 -9.75 -8.69
CA CYS D 463 -4.19 -8.77 -9.00
C CYS D 463 -4.59 -7.90 -10.18
N LEU D 464 -5.09 -8.51 -11.25
CA LEU D 464 -5.50 -7.75 -12.43
C LEU D 464 -6.70 -6.86 -12.13
N PHE D 465 -7.67 -7.38 -11.37
CA PHE D 465 -8.83 -6.58 -11.00
C PHE D 465 -8.45 -5.40 -10.13
N SER D 466 -7.49 -5.58 -9.22
CA SER D 466 -6.99 -4.47 -8.43
C SER D 466 -6.22 -3.48 -9.29
N LEU D 467 -5.48 -3.99 -10.29
CA LEU D 467 -4.75 -3.11 -11.19
C LEU D 467 -5.70 -2.25 -12.01
N ILE D 468 -6.85 -2.81 -12.40
CA ILE D 468 -7.84 -2.05 -13.14
C ILE D 468 -8.27 -0.82 -12.35
N ASN D 469 -8.24 -0.91 -11.03
CA ASN D 469 -8.59 0.19 -10.15
C ASN D 469 -7.37 0.94 -9.61
N GLY D 470 -6.22 0.77 -10.26
CA GLY D 470 -5.01 1.49 -9.89
C GLY D 470 -4.51 1.19 -8.49
N ASP D 471 -4.54 -0.08 -8.09
CA ASP D 471 -4.15 -0.48 -6.75
C ASP D 471 -3.00 -1.45 -6.81
N ASP D 472 -1.96 -1.20 -6.01
CA ASP D 472 -0.75 -2.03 -5.96
C ASP D 472 -0.06 -2.13 -7.32
N MET D 473 -0.07 -1.02 -8.07
CA MET D 473 0.67 -1.00 -9.32
C MET D 473 2.17 -1.06 -9.09
N PHE D 474 2.69 -0.20 -8.23
CA PHE D 474 4.14 -0.16 -8.04
C PHE D 474 4.63 -1.42 -7.35
N VAL D 475 3.83 -2.03 -6.48
CA VAL D 475 4.23 -3.29 -5.88
C VAL D 475 4.32 -4.37 -6.96
N THR D 476 3.38 -4.38 -7.90
CA THR D 476 3.42 -5.34 -8.99
C THR D 476 4.66 -5.14 -9.86
N PHE D 477 4.99 -3.89 -10.18
CA PHE D 477 6.20 -3.62 -10.95
C PHE D 477 7.46 -3.98 -10.16
N ALA D 478 7.48 -3.66 -8.87
CA ALA D 478 8.68 -3.84 -8.07
C ALA D 478 8.94 -5.29 -7.74
N ALA D 479 7.89 -6.13 -7.72
CA ALA D 479 8.12 -7.55 -7.49
C ALA D 479 8.98 -8.14 -8.59
N MET D 480 8.75 -7.73 -9.84
CA MET D 480 9.62 -8.13 -10.93
C MET D 480 10.94 -7.37 -10.89
N GLN D 481 10.91 -6.09 -10.51
CA GLN D 481 12.13 -5.28 -10.52
C GLN D 481 13.17 -5.81 -9.54
N ALA D 482 12.73 -6.27 -8.38
CA ALA D 482 13.66 -6.64 -7.31
C ALA D 482 14.52 -7.84 -7.70
N GLN D 483 14.03 -8.67 -8.61
CA GLN D 483 14.77 -9.88 -9.00
C GLN D 483 15.09 -9.92 -10.49
N GLN D 484 14.70 -8.89 -11.25
CA GLN D 484 14.91 -8.87 -12.70
C GLN D 484 14.36 -10.12 -13.36
N GLY D 485 13.50 -10.85 -12.66
CA GLY D 485 12.87 -12.06 -13.18
C GLY D 485 13.85 -13.19 -13.37
N HIS D 486 15.09 -13.00 -12.93
CA HIS D 486 16.20 -13.92 -13.16
C HIS D 486 16.38 -14.23 -14.64
N SER D 487 15.77 -13.40 -15.48
CA SER D 487 15.89 -13.47 -16.94
C SER D 487 15.46 -12.11 -17.46
N SER D 488 16.37 -11.40 -18.13
CA SER D 488 16.02 -10.08 -18.64
C SER D 488 14.85 -10.14 -19.61
N LEU D 489 14.73 -11.27 -20.31
CA LEU D 489 13.63 -11.43 -21.25
C LEU D 489 12.31 -11.45 -20.50
N VAL D 490 12.23 -12.21 -19.43
CA VAL D 490 11.01 -12.30 -18.65
C VAL D 490 10.67 -10.95 -18.03
N TRP D 491 11.68 -10.20 -17.60
CA TRP D 491 11.44 -8.87 -17.07
C TRP D 491 10.88 -7.94 -18.14
N LEU D 492 11.45 -7.99 -19.36
CA LEU D 492 10.93 -7.16 -20.43
C LEU D 492 9.51 -7.53 -20.79
N PHE D 493 9.22 -8.85 -20.82
CA PHE D 493 7.86 -9.29 -21.07
C PHE D 493 6.91 -8.80 -19.98
N SER D 494 7.35 -8.84 -18.72
CA SER D 494 6.51 -8.35 -17.64
C SER D 494 6.23 -6.86 -17.79
N GLN D 495 7.25 -6.09 -18.19
CA GLN D 495 7.04 -4.67 -18.45
C GLN D 495 5.98 -4.47 -19.52
N LEU D 496 6.14 -5.13 -20.66
CA LEU D 496 5.16 -4.98 -21.74
C LEU D 496 3.77 -5.42 -21.29
N TYR D 497 3.69 -6.56 -20.61
CA TYR D 497 2.43 -7.12 -20.16
C TYR D 497 1.70 -6.15 -19.23
N LEU D 498 2.40 -5.69 -18.19
CA LEU D 498 1.77 -4.83 -17.19
C LEU D 498 1.40 -3.47 -17.79
N TYR D 499 2.30 -2.87 -18.56
CA TYR D 499 2.00 -1.56 -19.15
C TYR D 499 0.80 -1.64 -20.08
N SER D 500 0.79 -2.64 -20.96
CA SER D 500 -0.32 -2.78 -21.89
C SER D 500 -1.63 -3.05 -21.17
N PHE D 501 -1.61 -3.94 -20.16
CA PHE D 501 -2.84 -4.23 -19.44
C PHE D 501 -3.37 -3.00 -18.73
N ILE D 502 -2.49 -2.29 -18.01
CA ILE D 502 -2.95 -1.15 -17.23
C ILE D 502 -3.49 -0.07 -18.15
N SER D 503 -2.75 0.24 -19.23
CA SER D 503 -3.24 1.25 -20.17
C SER D 503 -4.60 0.86 -20.73
N LEU D 504 -4.71 -0.36 -21.29
CA LEU D 504 -5.92 -0.76 -21.97
C LEU D 504 -7.11 -0.86 -21.02
N PHE D 505 -6.89 -1.22 -19.76
CA PHE D 505 -8.05 -1.44 -18.92
C PHE D 505 -8.41 -0.22 -18.07
N ILE D 506 -7.43 0.49 -17.51
CA ILE D 506 -7.75 1.71 -16.78
C ILE D 506 -8.18 2.79 -17.75
N TYR D 507 -7.33 3.13 -18.72
CA TYR D 507 -7.59 4.30 -19.53
C TYR D 507 -8.67 4.07 -20.56
N MET D 508 -8.73 2.88 -21.14
CA MET D 508 -9.69 2.64 -22.22
C MET D 508 -10.93 1.89 -21.78
N VAL D 509 -10.76 0.69 -21.23
CA VAL D 509 -11.93 -0.13 -20.93
C VAL D 509 -12.79 0.53 -19.84
N LEU D 510 -12.14 0.97 -18.75
CA LEU D 510 -12.88 1.54 -17.63
C LEU D 510 -13.59 2.81 -18.03
N SER D 511 -12.96 3.63 -18.88
CA SER D 511 -13.58 4.86 -19.35
C SER D 511 -14.89 4.55 -20.08
N LEU D 512 -14.86 3.53 -20.93
CA LEU D 512 -16.05 3.16 -21.68
C LEU D 512 -17.12 2.61 -20.76
N PHE D 513 -16.72 1.82 -19.78
CA PHE D 513 -17.68 1.29 -18.81
C PHE D 513 -18.41 2.41 -18.07
N ILE D 514 -17.64 3.37 -17.55
CA ILE D 514 -18.23 4.50 -16.86
C ILE D 514 -19.09 5.32 -17.81
N ALA D 515 -18.66 5.44 -19.08
CA ALA D 515 -19.44 6.18 -20.06
C ALA D 515 -20.77 5.51 -20.32
N LEU D 516 -20.79 4.18 -20.40
CA LEU D 516 -22.05 3.47 -20.59
C LEU D 516 -23.00 3.68 -19.42
N ILE D 517 -22.47 3.60 -18.20
CA ILE D 517 -23.32 3.81 -17.02
C ILE D 517 -23.85 5.24 -17.00
N THR D 518 -22.99 6.22 -17.30
CA THR D 518 -23.41 7.61 -17.32
C THR D 518 -24.42 7.87 -18.42
N GLY D 519 -24.29 7.20 -19.57
CA GLY D 519 -25.26 7.35 -20.63
C GLY D 519 -26.62 6.79 -20.24
N ALA D 520 -26.64 5.66 -19.53
CA ALA D 520 -27.91 5.16 -18.99
C ALA D 520 -28.52 6.17 -18.03
N TYR D 521 -27.71 6.74 -17.14
CA TYR D 521 -28.21 7.74 -16.22
C TYR D 521 -28.78 8.94 -16.98
N ASP D 522 -28.09 9.38 -18.02
CA ASP D 522 -28.58 10.49 -18.84
C ASP D 522 -29.90 10.14 -19.49
N THR D 523 -30.05 8.88 -19.92
CA THR D 523 -31.33 8.44 -20.47
C THR D 523 -32.45 8.57 -19.44
N ILE D 524 -32.15 8.29 -18.18
CA ILE D 524 -33.22 8.32 -17.18
C ILE D 524 -33.18 9.58 -16.31
N LYS D 525 -32.39 10.58 -16.71
CA LYS D 525 -32.25 11.78 -15.88
C LYS D 525 -33.60 12.46 -15.67
N HIS D 526 -34.36 12.62 -16.72
CA HIS D 526 -35.66 13.24 -16.48
C HIS D 526 -36.74 12.18 -16.35
N PRO D 527 -37.73 12.39 -15.41
CA PRO D 527 -38.74 11.31 -15.40
C PRO D 527 -39.59 11.31 -16.66
C1 NAG E . -9.95 -11.15 34.08
C2 NAG E . -10.35 -9.81 33.45
C3 NAG E . -11.53 -9.21 34.20
C4 NAG E . -12.67 -10.22 34.35
C5 NAG E . -12.16 -11.54 34.90
C6 NAG E . -13.20 -12.63 34.89
C7 NAG E . -8.74 -8.35 32.32
C8 NAG E . -7.60 -7.40 32.49
N2 NAG E . -9.24 -8.88 33.44
O3 NAG E . -11.97 -8.05 33.51
O4 NAG E . -13.64 -9.71 35.26
O5 NAG E . -11.06 -12.02 34.11
O6 NAG E . -13.81 -12.74 33.61
O7 NAG E . -9.18 -8.64 31.21
C1 NAG E . -14.71 -9.02 34.58
C2 NAG E . -15.97 -9.08 35.43
C3 NAG E . -17.09 -8.26 34.79
C4 NAG E . -16.61 -6.85 34.48
C5 NAG E . -15.33 -6.90 33.66
C6 NAG E . -14.73 -5.53 33.44
C7 NAG E . -16.81 -11.30 34.75
C8 NAG E . -17.20 -12.66 35.23
N2 NAG E . -16.40 -10.44 35.69
O3 NAG E . -18.21 -8.20 35.67
O4 NAG E . -17.61 -6.15 33.74
O5 NAG E . -14.34 -7.67 34.35
O6 NAG E . -13.70 -5.26 34.39
O7 NAG E . -16.84 -11.00 33.55
C1 NAG F . 21.32 18.36 24.37
C2 NAG F . 21.08 18.79 22.92
C3 NAG F . 21.47 20.25 22.74
C4 NAG F . 20.79 21.14 23.78
C5 NAG F . 21.01 20.58 25.19
C6 NAG F . 20.22 21.30 26.25
C7 NAG F . 21.25 17.24 21.03
C8 NAG F . 22.17 16.45 20.15
N2 NAG F . 21.84 17.96 21.99
O3 NAG F . 21.10 20.67 21.43
O4 NAG F . 21.35 22.44 23.74
O5 NAG F . 20.60 19.20 25.24
O6 NAG F . 18.85 21.41 25.87
O7 NAG F . 20.04 17.20 20.88
C1 NAG F . 20.60 23.33 22.91
C2 NAG F . 20.81 24.77 23.38
C3 NAG F . 20.10 25.75 22.44
C4 NAG F . 20.50 25.50 21.00
C5 NAG F . 20.30 24.04 20.64
C6 NAG F . 20.81 23.70 19.26
C7 NAG F . 19.13 24.83 25.20
C8 NAG F . 18.92 25.08 26.65
N2 NAG F . 20.39 24.96 24.75
O3 NAG F . 20.43 27.09 22.81
O4 NAG F . 19.73 26.31 20.13
O5 NAG F . 21.01 23.21 21.56
O6 NAG F . 22.12 23.13 19.32
O7 NAG F . 18.20 24.53 24.45
C1 NAG G . 35.47 -7.45 -8.44
C2 NAG G . 34.29 -7.63 -9.40
C3 NAG G . 34.80 -7.73 -10.84
C4 NAG G . 35.72 -6.58 -11.19
C5 NAG G . 36.81 -6.42 -10.13
C6 NAG G . 37.65 -5.18 -10.32
C7 NAG G . 32.22 -8.75 -8.74
C8 NAG G . 31.56 -10.06 -8.42
N2 NAG G . 33.51 -8.81 -9.06
O3 NAG G . 33.69 -7.76 -11.72
O4 NAG G . 36.37 -6.83 -12.43
O5 NAG G . 36.22 -6.32 -8.83
O6 NAG G . 36.84 -4.04 -10.49
O7 NAG G . 31.61 -7.69 -8.69
C1 NAG G . 35.66 -6.23 -13.53
C2 NAG G . 36.64 -5.97 -14.68
C3 NAG G . 35.90 -5.44 -15.90
C4 NAG G . 34.74 -6.35 -16.28
C5 NAG G . 33.84 -6.59 -15.07
C6 NAG G . 32.76 -7.60 -15.33
C7 NAG G . 37.54 -3.81 -13.91
C8 NAG G . 38.79 -3.06 -13.55
N2 NAG G . 37.71 -5.08 -14.28
O3 NAG G . 36.79 -5.33 -17.00
O4 NAG G . 33.96 -5.76 -17.32
O5 NAG G . 34.63 -7.11 -13.98
O6 NAG G . 33.13 -8.90 -14.87
O7 NAG G . 36.44 -3.28 -13.87
C1 NAG H . 4.20 -36.95 1.27
C2 NAG H . 2.86 -36.24 1.13
C3 NAG H . 1.80 -37.21 0.62
C4 NAG H . 2.27 -37.93 -0.63
C5 NAG H . 3.65 -38.54 -0.42
C6 NAG H . 4.23 -39.12 -1.69
C7 NAG H . 2.23 -34.33 2.55
C8 NAG H . 1.79 -33.90 3.91
N2 NAG H . 2.45 -35.64 2.39
O3 NAG H . 0.61 -36.48 0.36
O4 NAG H . 1.36 -39.00 -0.93
O5 NAG H . 4.56 -37.54 0.04
O6 NAG H . 4.17 -38.18 -2.75
O7 NAG H . 2.39 -33.54 1.64
C1 NAG H . 0.35 -38.60 -1.87
C2 NAG H . -0.15 -39.82 -2.63
C3 NAG H . -1.30 -39.45 -3.56
C4 NAG H . -2.38 -38.70 -2.80
C5 NAG H . -1.79 -37.52 -2.04
C6 NAG H . -2.79 -36.83 -1.15
C7 NAG H . 1.61 -39.94 -4.37
C8 NAG H . 2.67 -40.81 -4.98
N2 NAG H . 0.92 -40.49 -3.36
O3 NAG H . -1.84 -40.62 -4.14
O4 NAG H . -3.37 -38.23 -3.70
O5 NAG H . -0.73 -37.98 -1.19
O6 NAG H . -2.69 -37.29 0.18
O7 NAG H . 1.39 -38.80 -4.77
#